data_5UWP
#
_entry.id   5UWP
#
_cell.length_a   106.183
_cell.length_b   106.183
_cell.length_c   303.321
_cell.angle_alpha   90.00
_cell.angle_beta   90.00
_cell.angle_gamma   90.00
#
_symmetry.space_group_name_H-M   'P 43 21 2'
#
loop_
_entity.id
_entity.type
_entity.pdbx_description
1 polymer 'GTP-binding nuclear protein Ran'
2 polymer 'Ran-specific GTPase-activating protein 1'
3 polymer Exportin-1
4 polymer 'Protein diaphanous homolog 3'
5 non-polymer 'PHOSPHOAMINOPHOSPHONIC ACID-GUANYLATE ESTER'
6 non-polymer 'MAGNESIUM ION'
7 non-polymer GLYCEROL
8 water water
#
loop_
_entity_poly.entity_id
_entity_poly.type
_entity_poly.pdbx_seq_one_letter_code
_entity_poly.pdbx_strand_id
1 'polypeptide(L)'
;METGSSHHHHHHSSGLPRGSHMAAQGEPQVQFKLVLVGDGGTGKTTFVKRHLTGEFEKKYVATLGVEVHPLVFHTNRGPI
KFNVWDTAGQEKFGGLRDGYYIQAQCAIIMFDVTSRVTYKNVPNWHRDLVRVCENIPIVLCGNKVDIKDRKVKAKSIVFH
RKKNLQYYDISAKSNYNFEKPFLWLARKLIGDPNLEFVAMPALAPPEVVMDPALAAQYEHDLEVAQTTALPDEDDDL
;
A
2 'polypeptide(L)'
;GGSDIHFEPVVHLEKVDVKTMEEDEEVLYKVRAKLFRFDADAKEWKERGTGDCKFLKNKKTNKVRILMRRDKTLKICANH
IIAPEYTLKPNVGSDRSWVYACTADIAEGEAEAFTFAIRFGSKENADKFKEEFEKAQEINKKA
;
B
3 'polypeptide(L)'
;GGSMEGILDFSNDLDIALLDQVVSTFYQGSGVQQKQAQEILTKFQDNPDAWQKADQILQFSTNPQSKFIALSILDKLITR
KWKLLPNDHRIGIRNFVVGMIISMCQDDEVFKTQKNLINKSDLTLVQILKQEWPQNWPEFIPELIGSSSSSVNVCENNMI
VLKLLSEEVFDFSAEQMTQAKALHLKNSMSKEFEQIFKLCFQVLEQGSSSSLIVATLESLLRYLHWIPYRYIYETNILEL
LSTKFMTSPDTRAITLKCLTEVSNLKIPQDNDLIKRQTVLFFQNTLQQIATSVMPVTADLKATYANANGNDQSFLQDLAM
FLTTYLARNRALLESDESLRELLLNAHQYLIQLSKIEERELFKTTLDYWHNLVADLFYEPLKKHIYEEICSQLRLVIIEN
MVRPEEDLVVENDEGEIVREFVKESDTIQLYKSEREVLVYLTHLNVIDTEEIMISKLARQIDGSEWSWHNINTLSWAIGS
ISGTMSEDTEKRFVVTVIKDLLGLCEQKRGKDNKAVVASDIMYVVGQYPRFLKAHWNFLRTVILKLFEFMHETHEGVQDM
ACDTFIKIVQKCKYHFVIQQPRESEPFIQTIIRDIQKTTADLQPQQVHTFYKACGIIISEERSVAERNRLLSDLMQLPNM
AWDTIVEQSTANPTLLLDSETVKIIANIIKTNVAVCTSMGADFYPQLGHIYYNMLQLYRAVSSMISAQVAAEGLIATKTP
KVRGLRTIKKEILKLVETYISKARNLDDVVKVLVEPLLNAVLEDYMNNVPDARDAEVLNCMTTVVEKVGHMIPQGVILIL
QSVFECTLDMINKDFTEYPEHRVEFYKLLKVINEKSFAAFLELPPAAFKLFVDAICWAFKHNNRDVEVNGLQIALDLVKN
IERMGNVPFANEFHKNYFFIFVSETFFVLTDSDHKSGFSKQALLLMKLISLVYDNKISVPLYQEAEVPQGTSNQVYLSQY
LANMLSNAFPHLTSEQIASFLSALTKQCKDLVVFKGTLRDFLVQIKEVGGDPTDYLFAEDKENA
;
C
4 'polypeptide(L)' GGSYSVPEVEALLARLRAL D
#
# COMPACT_ATOMS: atom_id res chain seq x y z
N GLN A 29 16.59 -15.33 26.25
CA GLN A 29 15.27 -15.22 26.87
C GLN A 29 14.18 -15.62 25.88
N VAL A 30 12.93 -15.26 26.20
CA VAL A 30 11.84 -15.40 25.25
C VAL A 30 12.15 -14.50 24.07
N GLN A 31 12.87 -15.04 23.09
CA GLN A 31 13.53 -14.24 22.04
C GLN A 31 13.34 -14.91 20.69
N PHE A 32 12.91 -14.15 19.69
CA PHE A 32 12.56 -14.69 18.39
C PHE A 32 13.20 -13.88 17.27
N LYS A 33 13.90 -14.57 16.38
CA LYS A 33 14.50 -13.92 15.22
C LYS A 33 13.42 -13.64 14.18
N LEU A 34 13.32 -12.38 13.78
CA LEU A 34 12.38 -11.95 12.75
C LEU A 34 13.18 -11.36 11.59
N VAL A 35 12.91 -11.82 10.37
N VAL A 35 12.89 -11.81 10.38
CA VAL A 35 13.53 -11.26 9.18
CA VAL A 35 13.51 -11.27 9.18
C VAL A 35 12.48 -10.46 8.43
C VAL A 35 12.45 -10.44 8.46
N LEU A 36 12.87 -9.27 7.99
CA LEU A 36 12.00 -8.33 7.29
C LEU A 36 12.58 -8.17 5.89
N VAL A 37 11.78 -8.48 4.87
CA VAL A 37 12.25 -8.47 3.48
C VAL A 37 11.24 -7.74 2.60
N GLY A 38 11.71 -7.29 1.46
CA GLY A 38 10.87 -6.59 0.49
C GLY A 38 11.70 -5.62 -0.32
N ASP A 39 11.08 -5.13 -1.40
CA ASP A 39 11.78 -4.26 -2.32
C ASP A 39 12.33 -3.03 -1.61
N GLY A 40 13.38 -2.46 -2.20
CA GLY A 40 13.93 -1.22 -1.68
C GLY A 40 12.89 -0.12 -1.73
N GLY A 41 12.85 0.70 -0.68
CA GLY A 41 11.98 1.85 -0.61
C GLY A 41 10.58 1.57 -0.10
N THR A 42 10.27 0.32 0.27
CA THR A 42 8.93 -0.02 0.71
C THR A 42 8.64 0.41 2.13
N GLY A 43 9.65 0.77 2.91
CA GLY A 43 9.48 1.29 4.24
C GLY A 43 9.89 0.36 5.37
N LYS A 44 10.67 -0.68 5.08
CA LYS A 44 11.03 -1.65 6.11
C LYS A 44 11.76 -0.98 7.27
N THR A 45 12.79 -0.20 6.97
CA THR A 45 13.59 0.41 8.03
C THR A 45 12.80 1.48 8.77
N THR A 46 11.98 2.26 8.05
CA THR A 46 11.17 3.27 8.70
C THR A 46 10.18 2.64 9.66
N PHE A 47 9.60 1.50 9.28
CA PHE A 47 8.67 0.78 10.13
C PHE A 47 9.35 0.33 11.42
N VAL A 48 10.52 -0.29 11.31
CA VAL A 48 11.24 -0.74 12.50
C VAL A 48 11.60 0.44 13.39
N LYS A 49 12.12 1.51 12.79
CA LYS A 49 12.50 2.68 13.57
C LYS A 49 11.32 3.24 14.34
N ARG A 50 10.15 3.30 13.69
CA ARG A 50 8.95 3.75 14.38
C ARG A 50 8.73 2.95 15.66
N HIS A 51 8.93 1.64 15.58
CA HIS A 51 8.74 0.78 16.76
C HIS A 51 9.87 0.93 17.77
N LEU A 52 11.09 1.20 17.30
CA LEU A 52 12.22 1.29 18.23
C LEU A 52 12.21 2.60 19.02
N THR A 53 11.94 3.72 18.36
CA THR A 53 12.09 5.04 18.99
C THR A 53 10.84 5.90 18.92
N GLY A 54 9.84 5.55 18.11
CA GLY A 54 8.68 6.38 17.92
C GLY A 54 8.81 7.41 16.81
N GLU A 55 9.99 7.55 16.22
CA GLU A 55 10.23 8.57 15.21
C GLU A 55 9.77 8.09 13.83
N PHE A 56 9.55 9.06 12.95
CA PHE A 56 9.29 8.79 11.54
C PHE A 56 10.43 9.41 10.73
N GLU A 57 11.25 8.55 10.14
CA GLU A 57 12.37 9.01 9.31
C GLU A 57 11.86 9.30 7.91
N LYS A 58 12.00 10.56 7.48
CA LYS A 58 11.53 10.99 6.17
C LYS A 58 12.53 10.65 5.06
N LYS A 59 13.81 10.60 5.37
CA LYS A 59 14.83 10.34 4.38
C LYS A 59 14.92 8.87 4.04
N TYR A 60 15.29 8.58 2.80
CA TYR A 60 15.54 7.21 2.34
C TYR A 60 17.05 6.99 2.35
N VAL A 61 17.55 6.32 3.38
CA VAL A 61 18.93 5.86 3.44
C VAL A 61 18.90 4.35 3.30
N ALA A 62 19.39 3.85 2.17
CA ALA A 62 19.26 2.43 1.86
C ALA A 62 19.99 1.58 2.89
N THR A 63 19.36 0.49 3.30
CA THR A 63 20.00 -0.46 4.19
C THR A 63 21.07 -1.23 3.42
N LEU A 64 22.22 -1.42 4.05
CA LEU A 64 23.34 -2.13 3.45
C LEU A 64 23.43 -3.51 4.09
N GLY A 65 23.01 -4.53 3.35
CA GLY A 65 23.00 -5.89 3.87
C GLY A 65 21.88 -6.14 4.85
N VAL A 66 22.18 -6.00 6.15
CA VAL A 66 21.18 -6.18 7.20
C VAL A 66 21.51 -5.25 8.36
N GLU A 67 20.48 -4.86 9.09
CA GLU A 67 20.64 -4.16 10.37
C GLU A 67 19.81 -4.88 11.42
N VAL A 68 20.44 -5.26 12.52
CA VAL A 68 19.82 -6.05 13.57
C VAL A 68 19.48 -5.14 14.74
N HIS A 69 18.22 -5.18 15.19
CA HIS A 69 17.76 -4.37 16.30
C HIS A 69 16.93 -5.23 17.24
N PRO A 70 17.21 -5.24 18.54
CA PRO A 70 16.27 -5.87 19.48
C PRO A 70 15.03 -5.01 19.64
N LEU A 71 13.88 -5.68 19.79
CA LEU A 71 12.60 -4.99 19.95
C LEU A 71 11.74 -5.79 20.93
N VAL A 72 11.31 -5.14 22.00
CA VAL A 72 10.58 -5.79 23.07
C VAL A 72 9.17 -5.22 23.14
N PHE A 73 8.21 -6.10 23.35
CA PHE A 73 6.83 -5.72 23.61
C PHE A 73 6.41 -6.32 24.95
N HIS A 74 5.61 -5.58 25.69
CA HIS A 74 5.10 -6.03 26.98
C HIS A 74 3.69 -6.56 26.78
N THR A 75 3.47 -7.81 27.19
CA THR A 75 2.22 -8.51 26.94
C THR A 75 1.68 -9.07 28.24
N ASN A 76 0.42 -9.50 28.22
CA ASN A 76 -0.17 -10.17 29.36
C ASN A 76 0.44 -11.54 29.61
N ARG A 77 1.35 -11.98 28.75
CA ARG A 77 2.09 -13.23 28.94
C ARG A 77 3.57 -12.96 29.22
N GLY A 78 3.91 -11.76 29.64
CA GLY A 78 5.29 -11.38 29.85
C GLY A 78 5.87 -10.67 28.64
N PRO A 79 7.11 -10.20 28.76
CA PRO A 79 7.73 -9.52 27.61
C PRO A 79 8.12 -10.51 26.52
N ILE A 80 8.00 -10.06 25.28
CA ILE A 80 8.45 -10.83 24.11
C ILE A 80 9.48 -9.99 23.37
N LYS A 81 10.62 -10.59 23.06
CA LYS A 81 11.72 -9.90 22.41
C LYS A 81 11.85 -10.41 20.98
N PHE A 82 11.72 -9.51 20.02
CA PHE A 82 12.01 -9.79 18.62
C PHE A 82 13.40 -9.27 18.29
N ASN A 83 14.24 -10.14 17.72
N ASN A 83 14.25 -10.14 17.75
CA ASN A 83 15.53 -9.72 17.14
CA ASN A 83 15.52 -9.71 17.16
C ASN A 83 15.28 -9.47 15.67
C ASN A 83 15.26 -9.46 15.67
N VAL A 84 15.07 -8.21 15.31
CA VAL A 84 14.63 -7.85 13.96
C VAL A 84 15.84 -7.75 13.04
N TRP A 85 15.88 -8.63 12.04
CA TRP A 85 16.87 -8.55 10.98
C TRP A 85 16.24 -7.77 9.83
N ASP A 86 16.54 -6.48 9.77
CA ASP A 86 16.02 -5.57 8.75
C ASP A 86 16.95 -5.64 7.54
N THR A 87 16.52 -6.34 6.49
CA THR A 87 17.40 -6.62 5.36
C THR A 87 17.26 -5.57 4.27
N ALA A 88 18.27 -5.53 3.39
CA ALA A 88 18.30 -4.63 2.27
C ALA A 88 17.44 -5.16 1.13
N GLY A 89 16.62 -4.28 0.56
CA GLY A 89 15.75 -4.63 -0.54
C GLY A 89 16.36 -4.33 -1.90
N GLN A 90 17.34 -3.43 -1.94
CA GLN A 90 18.03 -3.12 -3.19
C GLN A 90 19.05 -4.22 -3.51
N GLU A 91 19.03 -4.68 -4.77
CA GLU A 91 19.88 -5.81 -5.13
C GLU A 91 21.36 -5.48 -4.97
N LYS A 92 21.76 -4.26 -5.34
CA LYS A 92 23.18 -3.93 -5.23
C LYS A 92 23.64 -3.83 -3.78
N PHE A 93 22.72 -3.79 -2.81
CA PHE A 93 23.07 -3.78 -1.40
C PHE A 93 22.59 -5.04 -0.67
N GLY A 94 22.30 -6.11 -1.42
CA GLY A 94 21.65 -7.28 -0.87
C GLY A 94 22.47 -8.04 0.17
N GLY A 95 23.79 -7.88 0.16
CA GLY A 95 24.61 -8.52 1.17
C GLY A 95 24.58 -10.04 1.02
N LEU A 96 24.33 -10.73 2.14
CA LEU A 96 24.25 -12.19 2.15
C LEU A 96 22.90 -12.72 1.65
N ARG A 97 21.93 -11.84 1.40
CA ARG A 97 20.65 -12.20 0.79
C ARG A 97 19.99 -13.29 1.64
N ASP A 98 19.70 -14.47 1.10
CA ASP A 98 18.97 -15.47 1.87
C ASP A 98 19.79 -16.06 3.00
N GLY A 99 21.10 -15.77 3.05
CA GLY A 99 21.87 -16.13 4.22
C GLY A 99 21.39 -15.46 5.50
N TYR A 100 20.71 -14.32 5.38
CA TYR A 100 20.13 -13.68 6.56
C TYR A 100 18.96 -14.47 7.12
N TYR A 101 18.34 -15.32 6.31
CA TYR A 101 17.10 -15.97 6.73
C TYR A 101 17.33 -17.16 7.64
N ILE A 102 18.56 -17.68 7.70
CA ILE A 102 18.82 -18.92 8.43
C ILE A 102 18.35 -18.80 9.87
N GLN A 103 17.56 -19.78 10.30
CA GLN A 103 17.06 -19.88 11.67
C GLN A 103 16.10 -18.75 12.03
N ALA A 104 15.57 -18.04 11.05
CA ALA A 104 14.47 -17.13 11.34
C ALA A 104 13.29 -17.92 11.90
N GLN A 105 12.61 -17.34 12.89
CA GLN A 105 11.41 -17.95 13.43
C GLN A 105 10.14 -17.25 12.99
N CYS A 106 10.24 -16.14 12.28
CA CYS A 106 9.07 -15.41 11.78
C CYS A 106 9.59 -14.38 10.80
N ALA A 107 8.67 -13.77 10.06
CA ALA A 107 9.08 -12.85 9.01
C ALA A 107 7.95 -11.88 8.68
N ILE A 108 8.35 -10.73 8.14
CA ILE A 108 7.46 -9.76 7.52
C ILE A 108 7.94 -9.55 6.10
N ILE A 109 7.03 -9.70 5.13
CA ILE A 109 7.27 -9.31 3.75
C ILE A 109 6.56 -7.99 3.54
N MET A 110 7.31 -7.00 3.05
N MET A 110 7.28 -6.97 3.08
CA MET A 110 6.82 -5.64 2.89
CA MET A 110 6.71 -5.64 2.93
C MET A 110 6.71 -5.31 1.40
C MET A 110 6.73 -5.22 1.47
N PHE A 111 5.64 -4.61 1.03
CA PHE A 111 5.57 -3.95 -0.27
C PHE A 111 4.93 -2.59 -0.05
N ASP A 112 4.79 -1.85 -1.14
CA ASP A 112 4.38 -0.44 -1.13
C ASP A 112 3.16 -0.33 -2.02
N VAL A 113 2.01 0.01 -1.42
CA VAL A 113 0.76 0.05 -2.17
C VAL A 113 0.75 1.13 -3.24
N THR A 114 1.73 2.04 -3.24
CA THR A 114 1.85 3.03 -4.30
C THR A 114 2.79 2.60 -5.42
N SER A 115 3.39 1.41 -5.33
CA SER A 115 4.32 0.91 -6.35
C SER A 115 3.94 -0.53 -6.68
N ARG A 116 3.31 -0.72 -7.85
CA ARG A 116 2.85 -2.05 -8.27
C ARG A 116 4.00 -3.03 -8.34
N VAL A 117 5.18 -2.59 -8.79
CA VAL A 117 6.29 -3.51 -8.96
C VAL A 117 6.65 -4.16 -7.63
N THR A 118 6.53 -3.43 -6.52
CA THR A 118 6.92 -3.99 -5.24
C THR A 118 5.99 -5.14 -4.86
N TYR A 119 4.71 -5.08 -5.26
CA TYR A 119 3.82 -6.20 -5.03
C TYR A 119 4.09 -7.35 -6.01
N LYS A 120 4.40 -7.02 -7.26
CA LYS A 120 4.79 -8.04 -8.23
C LYS A 120 5.98 -8.85 -7.75
N ASN A 121 6.86 -8.25 -6.95
CA ASN A 121 8.03 -8.95 -6.44
C ASN A 121 7.76 -9.71 -5.14
N VAL A 122 6.58 -9.57 -4.55
CA VAL A 122 6.27 -10.31 -3.32
C VAL A 122 6.48 -11.81 -3.50
N PRO A 123 6.03 -12.45 -4.58
CA PRO A 123 6.27 -13.89 -4.72
C PRO A 123 7.74 -14.26 -4.77
N ASN A 124 8.60 -13.36 -5.25
CA ASN A 124 10.02 -13.64 -5.32
C ASN A 124 10.64 -13.62 -3.92
N TRP A 125 10.33 -12.60 -3.12
CA TRP A 125 10.79 -12.58 -1.74
C TRP A 125 10.28 -13.79 -0.97
N HIS A 126 9.00 -14.12 -1.14
CA HIS A 126 8.43 -15.25 -0.43
C HIS A 126 9.11 -16.56 -0.82
N ARG A 127 9.33 -16.76 -2.11
CA ARG A 127 10.05 -17.94 -2.59
C ARG A 127 11.40 -18.09 -1.88
N ASP A 128 12.23 -17.05 -1.94
CA ASP A 128 13.56 -17.14 -1.33
C ASP A 128 13.47 -17.36 0.17
N LEU A 129 12.45 -16.79 0.81
CA LEU A 129 12.32 -16.91 2.25
C LEU A 129 11.94 -18.32 2.66
N VAL A 130 10.88 -18.88 2.08
CA VAL A 130 10.38 -20.17 2.56
C VAL A 130 11.25 -21.33 2.12
N ARG A 131 12.15 -21.13 1.15
CA ARG A 131 13.12 -22.16 0.84
C ARG A 131 14.09 -22.37 2.01
N VAL A 132 14.38 -21.31 2.75
CA VAL A 132 15.24 -21.41 3.93
C VAL A 132 14.42 -21.65 5.20
N CYS A 133 13.24 -21.05 5.30
CA CYS A 133 12.40 -21.10 6.50
C CYS A 133 11.08 -21.77 6.12
N GLU A 134 11.04 -23.10 6.27
CA GLU A 134 9.99 -23.89 5.65
C GLU A 134 8.66 -23.82 6.39
N ASN A 135 8.65 -23.49 7.69
CA ASN A 135 7.40 -23.43 8.44
C ASN A 135 7.52 -22.38 9.54
N ILE A 136 7.38 -21.11 9.15
CA ILE A 136 7.35 -20.02 10.11
C ILE A 136 6.13 -19.16 9.84
N PRO A 137 5.60 -18.47 10.85
CA PRO A 137 4.55 -17.48 10.60
C PRO A 137 5.11 -16.27 9.88
N ILE A 138 4.36 -15.81 8.88
CA ILE A 138 4.78 -14.71 8.02
C ILE A 138 3.62 -13.74 7.87
N VAL A 139 3.90 -12.45 8.04
CA VAL A 139 2.95 -11.38 7.80
C VAL A 139 3.34 -10.71 6.49
N LEU A 140 2.35 -10.47 5.64
CA LEU A 140 2.51 -9.66 4.44
C LEU A 140 1.92 -8.28 4.72
N CYS A 141 2.71 -7.23 4.50
CA CYS A 141 2.30 -5.87 4.82
C CYS A 141 2.32 -5.01 3.58
N GLY A 142 1.18 -4.38 3.28
CA GLY A 142 1.13 -3.34 2.28
C GLY A 142 1.26 -1.98 2.94
N ASN A 143 2.42 -1.35 2.79
CA ASN A 143 2.75 -0.12 3.49
C ASN A 143 2.38 1.11 2.67
N LYS A 144 2.34 2.26 3.36
CA LYS A 144 2.13 3.57 2.75
C LYS A 144 0.69 3.80 2.35
N VAL A 145 -0.27 3.23 3.09
CA VAL A 145 -1.67 3.44 2.77
C VAL A 145 -2.13 4.85 3.08
N ASP A 146 -1.27 5.67 3.70
CA ASP A 146 -1.58 7.08 3.94
C ASP A 146 -1.62 7.88 2.65
N ILE A 147 -0.96 7.40 1.59
CA ILE A 147 -0.87 8.15 0.34
C ILE A 147 -2.18 8.01 -0.43
N LYS A 148 -2.68 9.13 -0.93
CA LYS A 148 -4.01 9.16 -1.55
C LYS A 148 -4.07 8.28 -2.80
N ASP A 149 -3.12 8.46 -3.72
CA ASP A 149 -3.17 7.78 -5.01
C ASP A 149 -2.61 6.36 -4.86
N ARG A 150 -3.45 5.47 -4.33
CA ARG A 150 -3.07 4.08 -4.13
C ARG A 150 -3.09 3.34 -5.47
N LYS A 151 -2.04 2.55 -5.73
CA LYS A 151 -1.89 1.84 -6.99
C LYS A 151 -2.18 0.36 -6.90
N VAL A 152 -1.80 -0.30 -5.82
CA VAL A 152 -2.12 -1.71 -5.61
C VAL A 152 -3.44 -1.76 -4.85
N LYS A 153 -4.53 -2.00 -5.57
CA LYS A 153 -5.85 -1.96 -4.97
C LYS A 153 -6.07 -3.15 -4.06
N ALA A 154 -6.86 -2.93 -3.00
CA ALA A 154 -7.12 -3.96 -2.01
C ALA A 154 -7.51 -5.28 -2.66
N LYS A 155 -8.36 -5.23 -3.70
CA LYS A 155 -8.87 -6.46 -4.31
C LYS A 155 -7.84 -7.15 -5.19
N SER A 156 -6.75 -6.49 -5.54
CA SER A 156 -5.65 -7.14 -6.24
C SER A 156 -4.75 -7.94 -5.31
N ILE A 157 -4.87 -7.76 -3.99
CA ILE A 157 -3.94 -8.34 -3.04
C ILE A 157 -4.52 -9.68 -2.60
N VAL A 158 -4.01 -10.78 -3.17
CA VAL A 158 -4.54 -12.10 -2.88
C VAL A 158 -3.44 -13.14 -2.69
N PHE A 159 -2.17 -12.74 -2.85
CA PHE A 159 -1.07 -13.70 -2.83
C PHE A 159 -0.98 -14.44 -1.50
N HIS A 160 -1.33 -13.78 -0.41
CA HIS A 160 -1.24 -14.38 0.91
C HIS A 160 -2.17 -15.57 1.10
N ARG A 161 -3.25 -15.66 0.31
CA ARG A 161 -4.29 -16.65 0.59
C ARG A 161 -3.75 -18.07 0.53
N LYS A 162 -3.21 -18.46 -0.64
CA LYS A 162 -2.74 -19.83 -0.79
C LYS A 162 -1.43 -20.08 -0.04
N LYS A 163 -0.73 -19.03 0.38
CA LYS A 163 0.49 -19.20 1.13
C LYS A 163 0.29 -19.07 2.63
N ASN A 164 -0.96 -18.88 3.08
CA ASN A 164 -1.28 -18.82 4.50
C ASN A 164 -0.54 -17.70 5.22
N LEU A 165 -0.30 -16.58 4.53
CA LEU A 165 0.28 -15.40 5.16
C LEU A 165 -0.84 -14.54 5.74
N GLN A 166 -0.58 -13.93 6.88
CA GLN A 166 -1.45 -12.88 7.40
C GLN A 166 -1.17 -11.60 6.62
N TYR A 167 -2.23 -10.87 6.28
CA TYR A 167 -2.08 -9.63 5.54
C TYR A 167 -2.61 -8.45 6.34
N TYR A 168 -1.89 -7.33 6.30
CA TYR A 168 -2.36 -6.06 6.85
C TYR A 168 -1.95 -4.92 5.95
N ASP A 169 -2.91 -4.04 5.64
CA ASP A 169 -2.59 -2.67 5.25
C ASP A 169 -1.92 -1.98 6.43
N ILE A 170 -0.81 -1.29 6.19
CA ILE A 170 -0.13 -0.54 7.25
C ILE A 170 0.37 0.80 6.71
N SER A 171 0.71 1.68 7.64
CA SER A 171 1.36 2.94 7.32
C SER A 171 2.29 3.28 8.48
N ALA A 172 3.60 3.22 8.22
CA ALA A 172 4.54 3.70 9.21
C ALA A 172 4.38 5.19 9.48
N LYS A 173 3.82 5.94 8.52
CA LYS A 173 3.70 7.39 8.67
C LYS A 173 2.51 7.76 9.54
N SER A 174 1.33 7.19 9.26
CA SER A 174 0.15 7.45 10.07
C SER A 174 -0.01 6.48 11.23
N ASN A 175 0.81 5.42 11.28
CA ASN A 175 0.75 4.36 12.29
C ASN A 175 -0.47 3.47 12.14
N TYR A 176 -1.23 3.61 11.05
CA TYR A 176 -2.34 2.71 10.76
C TYR A 176 -1.88 1.25 10.81
N ASN A 177 -2.45 0.49 11.75
CA ASN A 177 -2.19 -0.94 11.90
C ASN A 177 -0.73 -1.24 12.22
N PHE A 178 0.04 -0.26 12.69
CA PHE A 178 1.48 -0.46 12.78
C PHE A 178 1.85 -1.51 13.82
N GLU A 179 0.97 -1.78 14.78
CA GLU A 179 1.23 -2.79 15.80
C GLU A 179 0.78 -4.18 15.39
N LYS A 180 -0.12 -4.29 14.40
CA LYS A 180 -0.74 -5.57 14.09
C LYS A 180 0.27 -6.66 13.69
N PRO A 181 1.28 -6.39 12.87
CA PRO A 181 2.21 -7.48 12.50
C PRO A 181 2.86 -8.14 13.69
N PHE A 182 3.31 -7.36 14.68
CA PHE A 182 3.96 -7.94 15.85
C PHE A 182 2.97 -8.59 16.80
N LEU A 183 1.76 -8.04 16.92
CA LEU A 183 0.75 -8.68 17.75
C LEU A 183 0.40 -10.05 17.21
N TRP A 184 0.20 -10.16 15.90
CA TRP A 184 -0.12 -11.45 15.28
C TRP A 184 1.03 -12.43 15.47
N LEU A 185 2.25 -12.00 15.16
CA LEU A 185 3.41 -12.88 15.31
C LEU A 185 3.58 -13.31 16.77
N ALA A 186 3.39 -12.39 17.72
CA ALA A 186 3.51 -12.76 19.13
C ALA A 186 2.53 -13.86 19.50
N ARG A 187 1.28 -13.74 19.05
CA ARG A 187 0.28 -14.76 19.33
C ARG A 187 0.68 -16.10 18.75
N LYS A 188 1.21 -16.11 17.52
CA LYS A 188 1.63 -17.36 16.90
C LYS A 188 2.84 -17.95 17.61
N LEU A 189 3.83 -17.11 17.95
CA LEU A 189 5.06 -17.63 18.52
C LEU A 189 4.84 -18.14 19.94
N ILE A 190 4.01 -17.45 20.72
CA ILE A 190 3.73 -17.88 22.08
C ILE A 190 2.68 -18.99 22.13
N GLY A 191 1.86 -19.11 21.09
CA GLY A 191 0.82 -20.12 21.09
C GLY A 191 -0.41 -19.73 21.89
N ASP A 192 -0.67 -18.44 22.00
CA ASP A 192 -1.79 -17.93 22.81
C ASP A 192 -2.55 -16.89 21.98
N PRO A 193 -3.72 -17.24 21.44
CA PRO A 193 -4.47 -16.27 20.62
C PRO A 193 -5.03 -15.11 21.43
N ASN A 194 -5.07 -15.21 22.75
CA ASN A 194 -5.59 -14.15 23.60
C ASN A 194 -4.48 -13.23 24.11
N LEU A 195 -3.25 -13.43 23.66
CA LEU A 195 -2.17 -12.54 24.06
C LEU A 195 -2.51 -11.10 23.68
N GLU A 196 -2.18 -10.17 24.58
CA GLU A 196 -2.42 -8.75 24.36
C GLU A 196 -1.20 -7.96 24.79
N PHE A 197 -0.96 -6.86 24.10
CA PHE A 197 -0.03 -5.86 24.61
C PHE A 197 -0.62 -5.23 25.88
N VAL A 198 0.24 -4.97 26.86
CA VAL A 198 -0.19 -4.33 28.10
C VAL A 198 0.77 -3.19 28.42
N ALA A 199 0.35 -2.35 29.36
CA ALA A 199 1.08 -1.14 29.71
C ALA A 199 2.27 -1.49 30.60
N MET A 200 3.47 -1.13 30.14
CA MET A 200 4.68 -1.40 30.91
C MET A 200 4.63 -0.65 32.25
N PRO A 201 5.09 -1.26 33.34
CA PRO A 201 5.09 -0.57 34.64
C PRO A 201 5.80 0.77 34.56
N ALA A 202 5.26 1.76 35.28
CA ALA A 202 5.72 3.15 35.20
C ALA A 202 6.19 3.59 36.58
N LEU A 203 7.50 3.49 36.82
CA LEU A 203 8.06 3.81 38.12
C LEU A 203 7.97 5.31 38.39
N ALA A 204 8.06 5.67 39.66
CA ALA A 204 8.05 7.07 40.05
C ALA A 204 9.31 7.74 39.49
N PRO A 205 9.19 8.86 38.79
CA PRO A 205 10.38 9.53 38.27
C PRO A 205 11.12 10.26 39.37
N PRO A 206 12.42 10.50 39.19
CA PRO A 206 13.20 11.12 40.26
C PRO A 206 13.00 12.62 40.33
N GLU A 207 13.27 13.17 41.52
CA GLU A 207 13.17 14.60 41.73
C GLU A 207 14.34 15.32 41.07
N VAL A 208 14.07 16.53 40.60
CA VAL A 208 15.06 17.32 39.88
C VAL A 208 16.05 17.92 40.87
N VAL A 209 17.30 18.03 40.43
CA VAL A 209 18.30 18.83 41.13
C VAL A 209 19.14 19.54 40.08
N MET A 210 18.75 20.78 39.76
CA MET A 210 19.44 21.53 38.72
C MET A 210 20.92 21.69 39.07
N ASP A 211 21.77 21.56 38.06
CA ASP A 211 23.20 21.78 38.22
C ASP A 211 23.54 23.17 37.70
N PRO A 212 23.86 24.14 38.56
CA PRO A 212 24.20 25.48 38.06
C PRO A 212 25.32 25.47 37.02
N ALA A 213 26.24 24.51 37.10
CA ALA A 213 27.35 24.45 36.16
C ALA A 213 26.89 24.21 34.72
N LEU A 214 25.63 23.80 34.52
CA LEU A 214 25.12 23.47 33.19
C LEU A 214 23.97 24.38 32.77
N ALA A 215 23.71 25.46 33.52
CA ALA A 215 22.61 26.35 33.16
C ALA A 215 22.85 26.99 31.80
N ALA A 216 24.02 27.59 31.60
CA ALA A 216 24.34 28.19 30.31
C ALA A 216 24.31 27.16 29.19
N GLN A 217 24.68 25.91 29.49
CA GLN A 217 24.68 24.87 28.47
C GLN A 217 23.26 24.54 28.02
N TYR A 218 22.37 24.30 28.98
CA TYR A 218 20.99 23.94 28.63
C TYR A 218 20.26 25.12 28.01
N GLU A 219 20.65 26.34 28.32
CA GLU A 219 20.02 27.50 27.69
C GLU A 219 20.43 27.63 26.23
N HIS A 220 21.67 27.27 25.91
CA HIS A 220 22.10 27.22 24.51
C HIS A 220 21.26 26.22 23.72
N ASP A 221 21.14 25.00 24.23
CA ASP A 221 20.42 23.95 23.50
C ASP A 221 18.94 24.31 23.35
N LEU A 222 18.36 24.94 24.37
CA LEU A 222 16.94 25.31 24.29
C LEU A 222 16.69 26.34 23.20
N GLU A 223 17.58 27.33 23.07
CA GLU A 223 17.41 28.36 22.05
C GLU A 223 17.39 27.75 20.65
N VAL A 224 18.32 26.84 20.38
CA VAL A 224 18.33 26.14 19.09
C VAL A 224 17.03 25.39 18.88
N ALA A 225 16.56 24.70 19.93
CA ALA A 225 15.36 23.88 19.79
C ALA A 225 14.12 24.74 19.57
N GLN A 226 14.05 25.91 20.21
CA GLN A 226 12.90 26.80 20.01
C GLN A 226 12.83 27.33 18.59
N THR A 227 13.98 27.55 17.95
CA THR A 227 14.05 28.15 16.63
C THR A 227 14.20 27.12 15.51
N THR A 228 13.99 25.85 15.79
CA THR A 228 13.91 24.80 14.77
C THR A 228 12.46 24.35 14.72
N ALA A 229 11.81 24.61 13.60
CA ALA A 229 10.37 24.37 13.50
C ALA A 229 10.07 22.89 13.67
N LEU A 230 8.97 22.60 14.37
CA LEU A 230 8.50 21.23 14.44
C LEU A 230 8.03 20.78 13.05
N PRO A 231 8.26 19.52 12.68
CA PRO A 231 7.85 19.05 11.36
C PRO A 231 6.36 18.77 11.29
N ASP A 232 5.86 18.70 10.05
CA ASP A 232 4.51 18.24 9.77
C ASP A 232 3.46 19.01 10.57
N GLU A 233 3.58 20.34 10.53
CA GLU A 233 2.72 21.19 11.35
C GLU A 233 1.26 21.14 10.91
N ASP A 234 0.97 20.67 9.69
CA ASP A 234 -0.41 20.54 9.25
C ASP A 234 -1.05 19.23 9.69
N ASP A 235 -0.28 18.30 10.24
CA ASP A 235 -0.85 17.06 10.74
C ASP A 235 -1.85 17.36 11.86
N ASP A 236 -2.83 16.46 12.00
CA ASP A 236 -3.83 16.64 13.04
C ASP A 236 -3.21 16.74 14.43
N LEU A 237 -2.02 16.16 14.61
CA LEU A 237 -1.32 16.22 15.88
C LEU A 237 0.18 16.26 15.65
N HIS B 6 -25.66 -27.55 49.16
CA HIS B 6 -24.55 -26.70 48.77
C HIS B 6 -23.79 -27.28 47.59
N PHE B 7 -23.54 -26.44 46.58
CA PHE B 7 -22.77 -26.82 45.40
C PHE B 7 -21.56 -25.90 45.29
N GLU B 8 -20.38 -26.50 45.27
CA GLU B 8 -19.17 -25.71 45.09
C GLU B 8 -19.18 -25.05 43.71
N PRO B 9 -18.75 -23.81 43.59
CA PRO B 9 -18.72 -23.16 42.27
C PRO B 9 -17.44 -23.49 41.51
N VAL B 10 -17.41 -23.07 40.25
CA VAL B 10 -16.27 -23.32 39.39
C VAL B 10 -15.15 -22.33 39.69
N THR B 20 1.26 -1.82 36.31
CA THR B 20 1.37 -0.53 35.64
C THR B 20 2.00 0.51 36.55
N MET B 21 1.71 0.41 37.85
CA MET B 21 2.22 1.35 38.85
C MET B 21 1.56 2.71 38.72
N GLU B 22 0.26 2.73 38.45
CA GLU B 22 -0.51 3.95 38.35
C GLU B 22 -1.74 3.94 39.28
N GLU B 23 -1.87 2.92 40.12
CA GLU B 23 -3.04 2.83 40.99
C GLU B 23 -2.96 3.81 42.16
N ASP B 24 -1.75 4.14 42.60
CA ASP B 24 -1.56 5.06 43.72
C ASP B 24 -1.67 6.53 43.31
N GLU B 25 -2.24 6.83 42.15
CA GLU B 25 -2.18 8.19 41.60
C GLU B 25 -3.55 8.64 41.13
N GLU B 26 -3.74 9.96 41.18
CA GLU B 26 -4.97 10.61 40.73
C GLU B 26 -4.68 11.38 39.45
N VAL B 27 -5.59 11.28 38.49
CA VAL B 27 -5.42 11.94 37.19
C VAL B 27 -5.96 13.36 37.30
N LEU B 28 -5.05 14.33 37.30
CA LEU B 28 -5.46 15.74 37.36
C LEU B 28 -5.84 16.29 35.99
N TYR B 29 -5.21 15.78 34.93
CA TYR B 29 -5.40 16.33 33.59
C TYR B 29 -5.01 15.27 32.57
N LYS B 30 -5.72 15.26 31.45
CA LYS B 30 -5.46 14.31 30.37
C LYS B 30 -5.75 14.99 29.03
N VAL B 31 -4.82 14.86 28.09
CA VAL B 31 -5.00 15.42 26.75
C VAL B 31 -4.20 14.58 25.76
N ARG B 32 -4.73 14.49 24.54
CA ARG B 32 -3.99 13.84 23.45
C ARG B 32 -2.87 14.76 22.98
N ALA B 33 -1.73 14.17 22.64
CA ALA B 33 -0.58 14.98 22.29
C ALA B 33 0.39 14.15 21.45
N LYS B 34 1.28 14.86 20.77
CA LYS B 34 2.41 14.27 20.05
C LYS B 34 3.68 14.82 20.68
N LEU B 35 4.55 13.93 21.13
CA LEU B 35 5.76 14.31 21.85
C LEU B 35 6.96 14.21 20.94
N PHE B 36 7.78 15.26 20.95
CA PHE B 36 9.03 15.31 20.20
C PHE B 36 10.20 15.47 21.16
N ARG B 37 11.36 15.01 20.71
CA ARG B 37 12.63 15.26 21.39
C ARG B 37 13.58 15.88 20.37
N PHE B 38 14.41 16.81 20.82
CA PHE B 38 15.34 17.50 19.94
C PHE B 38 16.64 16.71 19.86
N ASP B 39 17.01 16.31 18.65
CA ASP B 39 18.29 15.65 18.39
C ASP B 39 19.28 16.76 18.03
N ALA B 40 20.11 17.15 18.99
CA ALA B 40 21.03 18.26 18.77
C ALA B 40 22.04 17.92 17.68
N ASP B 41 22.57 16.69 17.69
CA ASP B 41 23.58 16.31 16.70
C ASP B 41 23.06 16.52 15.28
N ALA B 42 21.83 16.09 15.02
CA ALA B 42 21.22 16.25 13.70
C ALA B 42 20.44 17.56 13.56
N LYS B 43 20.39 18.37 14.62
CA LYS B 43 19.61 19.61 14.62
C LYS B 43 18.20 19.35 14.08
N GLU B 44 17.60 18.27 14.57
CA GLU B 44 16.33 17.79 14.06
C GLU B 44 15.41 17.44 15.22
N TRP B 45 14.13 17.78 15.09
CA TRP B 45 13.11 17.27 15.98
C TRP B 45 12.71 15.86 15.54
N LYS B 46 12.57 14.97 16.51
CA LYS B 46 12.21 13.58 16.23
C LYS B 46 11.04 13.17 17.10
N GLU B 47 10.00 12.62 16.48
CA GLU B 47 8.85 12.14 17.23
C GLU B 47 9.29 11.07 18.21
N ARG B 48 8.73 11.14 19.42
CA ARG B 48 8.94 10.11 20.42
C ARG B 48 7.68 9.32 20.73
N GLY B 49 6.51 9.87 20.46
CA GLY B 49 5.27 9.16 20.67
C GLY B 49 4.04 10.02 20.55
N THR B 50 2.90 9.37 20.30
CA THR B 50 1.60 10.01 20.21
C THR B 50 0.63 9.25 21.10
N GLY B 51 -0.14 9.98 21.89
CA GLY B 51 -1.11 9.33 22.75
C GLY B 51 -1.61 10.29 23.82
N ASP B 52 -2.12 9.71 24.90
CA ASP B 52 -2.68 10.48 26.00
C ASP B 52 -1.57 10.92 26.94
N CYS B 53 -1.43 12.23 27.15
CA CYS B 53 -0.53 12.79 28.15
C CYS B 53 -1.34 13.06 29.41
N LYS B 54 -0.91 12.47 30.52
CA LYS B 54 -1.63 12.58 31.79
C LYS B 54 -0.76 13.27 32.84
N PHE B 55 -1.38 14.10 33.66
CA PHE B 55 -0.75 14.64 34.87
C PHE B 55 -1.25 13.79 36.03
N LEU B 56 -0.34 13.05 36.65
CA LEU B 56 -0.69 12.09 37.70
C LEU B 56 -0.19 12.59 39.05
N LYS B 57 -1.09 12.68 40.01
CA LYS B 57 -0.78 13.16 41.35
C LYS B 57 -0.70 11.98 42.31
N ASN B 58 0.48 11.78 42.88
CA ASN B 58 0.68 10.67 43.82
C ASN B 58 -0.09 10.92 45.11
N LYS B 59 -0.92 9.96 45.51
CA LYS B 59 -1.75 10.13 46.69
C LYS B 59 -0.94 10.17 47.98
N LYS B 60 0.28 9.62 47.97
CA LYS B 60 1.09 9.58 49.18
C LYS B 60 2.12 10.70 49.27
N THR B 61 2.61 11.20 48.13
CA THR B 61 3.59 12.28 48.13
C THR B 61 3.03 13.61 47.65
N ASN B 62 1.84 13.61 47.03
CA ASN B 62 1.24 14.80 46.45
C ASN B 62 2.05 15.37 45.28
N LYS B 63 3.07 14.65 44.82
CA LYS B 63 3.87 15.10 43.69
C LYS B 63 3.16 14.75 42.38
N VAL B 64 3.24 15.66 41.41
CA VAL B 64 2.59 15.50 40.12
C VAL B 64 3.64 15.26 39.06
N ARG B 65 3.41 14.26 38.21
CA ARG B 65 4.31 13.92 37.12
C ARG B 65 3.54 13.90 35.82
N ILE B 66 4.29 13.99 34.72
CA ILE B 66 3.75 13.70 33.39
C ILE B 66 3.98 12.22 33.10
N LEU B 67 2.93 11.53 32.68
CA LEU B 67 3.04 10.16 32.19
C LEU B 67 2.31 10.07 30.86
N MET B 68 3.03 9.68 29.82
CA MET B 68 2.50 9.61 28.47
C MET B 68 2.87 8.26 27.86
N ARG B 69 1.91 7.60 27.24
CA ARG B 69 2.11 6.30 26.59
C ARG B 69 1.68 6.37 25.13
N ARG B 70 2.37 5.59 24.30
CA ARG B 70 2.02 5.52 22.89
C ARG B 70 0.74 4.72 22.68
N ASP B 71 -0.07 5.15 21.72
CA ASP B 71 -1.25 4.39 21.35
C ASP B 71 -0.85 2.97 20.95
N LYS B 72 -1.77 2.02 21.24
CA LYS B 72 -1.67 0.65 20.78
C LYS B 72 -0.60 -0.14 21.54
N THR B 73 0.67 0.23 21.41
CA THR B 73 1.73 -0.47 22.09
C THR B 73 1.78 -0.13 23.57
N LEU B 74 1.27 1.04 23.96
CA LEU B 74 1.19 1.48 25.35
C LEU B 74 2.57 1.70 25.96
N LYS B 75 3.62 1.76 25.15
CA LYS B 75 4.96 1.98 25.69
C LYS B 75 5.12 3.43 26.16
N ILE B 76 5.89 3.60 27.23
CA ILE B 76 6.06 4.92 27.84
C ILE B 76 6.96 5.77 26.97
N CYS B 77 6.51 6.99 26.67
CA CYS B 77 7.35 7.97 25.97
C CYS B 77 7.62 9.22 26.81
N ALA B 78 7.09 9.31 28.02
CA ALA B 78 7.43 10.40 28.93
C ALA B 78 7.06 10.02 30.35
N ASN B 79 7.98 10.24 31.28
CA ASN B 79 7.73 9.94 32.69
C ASN B 79 8.71 10.80 33.50
N HIS B 80 8.24 11.94 33.98
CA HIS B 80 9.10 12.83 34.74
C HIS B 80 8.25 13.75 35.60
N ILE B 81 8.85 14.22 36.71
CA ILE B 81 8.19 15.19 37.55
C ILE B 81 8.00 16.49 36.79
N ILE B 82 6.85 17.12 36.99
CA ILE B 82 6.63 18.47 36.46
C ILE B 82 7.35 19.44 37.39
N ALA B 83 8.66 19.57 37.20
CA ALA B 83 9.48 20.33 38.12
C ALA B 83 9.11 21.82 38.08
N PRO B 84 9.05 22.49 39.22
CA PRO B 84 8.76 23.94 39.20
C PRO B 84 9.81 24.76 38.45
N GLU B 85 11.01 24.22 38.23
CA GLU B 85 12.05 24.96 37.52
C GLU B 85 11.78 25.04 36.02
N TYR B 86 10.95 24.17 35.48
CA TYR B 86 10.74 24.11 34.04
C TYR B 86 9.93 25.32 33.54
N THR B 87 10.17 25.68 32.27
CA THR B 87 9.48 26.80 31.65
C THR B 87 9.03 26.39 30.26
N LEU B 88 7.73 26.46 30.00
CA LEU B 88 7.19 26.18 28.67
C LEU B 88 7.42 27.38 27.77
N LYS B 89 8.07 27.14 26.63
CA LYS B 89 8.35 28.18 25.64
C LYS B 89 7.68 27.84 24.32
N PRO B 90 7.34 28.83 23.51
CA PRO B 90 6.75 28.55 22.20
C PRO B 90 7.81 28.09 21.20
N ASN B 91 7.38 27.27 20.25
CA ASN B 91 8.21 26.91 19.11
C ASN B 91 7.89 27.83 17.94
N VAL B 92 8.93 28.16 17.16
CA VAL B 92 8.80 29.17 16.11
C VAL B 92 7.74 28.79 15.09
N GLY B 93 7.52 27.49 14.88
CA GLY B 93 6.64 27.03 13.82
C GLY B 93 5.23 26.67 14.24
N SER B 94 4.84 26.87 15.51
CA SER B 94 3.58 26.34 15.99
C SER B 94 2.96 27.28 17.01
N ASP B 95 1.63 27.41 16.93
CA ASP B 95 0.85 28.09 17.95
C ASP B 95 0.11 27.11 18.85
N ARG B 96 0.46 25.82 18.78
CA ARG B 96 -0.21 24.79 19.56
C ARG B 96 0.80 23.82 20.17
N SER B 97 2.00 24.29 20.47
CA SER B 97 3.07 23.44 21.01
C SER B 97 3.82 24.18 22.10
N TRP B 98 4.50 23.42 22.95
CA TRP B 98 5.37 23.98 23.96
C TRP B 98 6.71 23.26 23.92
N VAL B 99 7.78 24.01 24.14
CA VAL B 99 9.13 23.49 24.25
C VAL B 99 9.62 23.75 25.66
N TYR B 100 10.27 22.74 26.25
CA TYR B 100 10.89 22.92 27.55
C TYR B 100 11.97 21.87 27.76
N ALA B 101 12.92 22.22 28.61
CA ALA B 101 14.01 21.32 28.97
C ALA B 101 13.58 20.44 30.13
N CYS B 102 13.90 19.15 30.03
CA CYS B 102 13.62 18.18 31.07
C CYS B 102 14.94 17.54 31.49
N THR B 103 15.20 17.54 32.80
CA THR B 103 16.50 17.10 33.29
C THR B 103 16.54 15.64 33.71
N ALA B 104 15.38 14.98 33.84
CA ALA B 104 15.37 13.58 34.31
C ALA B 104 14.06 12.92 33.88
N ASP B 105 14.06 12.33 32.69
CA ASP B 105 12.95 11.54 32.18
C ASP B 105 13.37 10.08 32.13
N ILE B 106 12.52 9.19 32.67
CA ILE B 106 12.88 7.79 32.81
C ILE B 106 12.01 6.92 31.90
N ALA B 107 11.52 7.50 30.79
CA ALA B 107 10.67 6.75 29.89
C ALA B 107 11.39 5.53 29.33
N GLU B 108 12.67 5.68 28.98
CA GLU B 108 13.44 4.63 28.32
C GLU B 108 14.61 4.15 29.19
N GLY B 109 14.46 4.19 30.51
CA GLY B 109 15.46 3.64 31.40
C GLY B 109 16.03 4.64 32.38
N GLU B 110 17.35 4.76 32.42
CA GLU B 110 18.00 5.66 33.36
C GLU B 110 17.57 7.10 33.10
N ALA B 111 17.41 7.86 34.19
CA ALA B 111 17.07 9.26 34.08
C ALA B 111 18.04 9.97 33.14
N GLU B 112 17.48 10.74 32.21
CA GLU B 112 18.27 11.42 31.20
C GLU B 112 17.63 12.77 30.92
N ALA B 113 18.45 13.72 30.46
CA ALA B 113 17.98 15.05 30.14
C ALA B 113 17.56 15.11 28.67
N PHE B 114 16.44 15.78 28.41
CA PHE B 114 15.94 15.96 27.06
C PHE B 114 15.43 17.38 26.89
N THR B 115 15.49 17.87 25.66
CA THR B 115 14.74 19.05 25.25
C THR B 115 13.49 18.56 24.54
N PHE B 116 12.35 18.66 25.21
CA PHE B 116 11.10 18.15 24.68
C PHE B 116 10.32 19.24 23.96
N ALA B 117 9.49 18.81 23.02
CA ALA B 117 8.42 19.63 22.46
C ALA B 117 7.17 18.78 22.42
N ILE B 118 6.05 19.39 22.82
CA ILE B 118 4.78 18.68 22.88
C ILE B 118 3.75 19.49 22.10
N ARG B 119 3.07 18.84 21.18
CA ARG B 119 2.09 19.48 20.30
C ARG B 119 0.73 18.86 20.53
N PHE B 120 -0.30 19.69 20.35
CA PHE B 120 -1.67 19.32 20.69
C PHE B 120 -2.57 19.57 19.48
N GLY B 121 -3.80 19.06 19.59
CA GLY B 121 -4.74 19.18 18.48
C GLY B 121 -5.14 20.60 18.15
N SER B 122 -5.04 21.51 19.11
CA SER B 122 -5.46 22.89 18.90
C SER B 122 -4.68 23.80 19.84
N LYS B 123 -4.67 25.09 19.50
CA LYS B 123 -4.09 26.08 20.39
C LYS B 123 -4.83 26.12 21.72
N GLU B 124 -6.13 25.86 21.70
CA GLU B 124 -6.90 25.85 22.94
C GLU B 124 -6.41 24.77 23.88
N ASN B 125 -6.22 23.55 23.35
CA ASN B 125 -5.68 22.48 24.18
C ASN B 125 -4.28 22.81 24.67
N ALA B 126 -3.46 23.42 23.82
CA ALA B 126 -2.11 23.80 24.22
C ALA B 126 -2.13 24.78 25.38
N ASP B 127 -3.00 25.80 25.30
CA ASP B 127 -3.06 26.78 26.37
C ASP B 127 -3.61 26.17 27.66
N LYS B 128 -4.59 25.27 27.56
CA LYS B 128 -5.07 24.57 28.74
C LYS B 128 -3.97 23.72 29.35
N PHE B 129 -3.19 23.05 28.50
CA PHE B 129 -2.05 22.28 28.99
C PHE B 129 -1.11 23.17 29.79
N LYS B 130 -0.77 24.35 29.26
CA LYS B 130 0.10 25.26 29.97
C LYS B 130 -0.51 25.70 31.29
N GLU B 131 -1.81 25.96 31.31
CA GLU B 131 -2.49 26.27 32.56
C GLU B 131 -2.31 25.14 33.57
N GLU B 132 -2.69 23.93 33.18
CA GLU B 132 -2.57 22.79 34.08
C GLU B 132 -1.11 22.53 34.45
N PHE B 133 -0.20 22.69 33.49
CA PHE B 133 1.22 22.49 33.75
C PHE B 133 1.68 23.38 34.90
N GLU B 134 1.29 24.65 34.89
CA GLU B 134 1.75 25.58 35.91
C GLU B 134 1.05 25.33 37.24
N LYS B 135 -0.23 24.95 37.23
CA LYS B 135 -0.87 24.48 38.45
C LYS B 135 -0.06 23.36 39.09
N ALA B 136 0.26 22.34 38.29
CA ALA B 136 1.00 21.18 38.82
C ALA B 136 2.34 21.60 39.39
N GLN B 137 3.00 22.58 38.77
CA GLN B 137 4.27 23.07 39.29
C GLN B 137 4.12 23.64 40.69
N GLU B 138 3.05 24.41 40.91
CA GLU B 138 2.81 24.97 42.24
C GLU B 138 2.50 23.87 43.25
N ILE B 139 1.70 22.88 42.85
CA ILE B 139 1.46 21.72 43.71
C ILE B 139 2.78 21.10 44.14
N ASN B 140 3.68 20.88 43.18
CA ASN B 140 4.98 20.29 43.48
C ASN B 140 5.85 21.20 44.31
N LYS B 141 5.59 22.52 44.31
CA LYS B 141 6.39 23.44 45.11
C LYS B 141 6.11 23.28 46.60
N LYS B 142 4.85 23.09 46.97
CA LYS B 142 4.47 22.95 48.38
C LYS B 142 5.09 21.69 48.99
N SER C 3 42.68 -10.46 13.83
CA SER C 3 41.22 -10.28 14.10
C SER C 3 40.40 -10.99 13.01
N MET C 4 39.09 -10.76 13.03
CA MET C 4 38.20 -11.44 12.10
C MET C 4 38.52 -11.12 10.64
N GLU C 5 39.15 -9.98 10.37
CA GLU C 5 39.40 -9.54 9.00
C GLU C 5 40.45 -10.37 8.28
N GLY C 6 41.02 -11.39 8.91
CA GLY C 6 42.04 -12.18 8.25
C GLY C 6 41.53 -13.00 7.07
N ILE C 7 40.27 -13.42 7.12
CA ILE C 7 39.73 -14.25 6.04
C ILE C 7 39.66 -13.48 4.73
N LEU C 8 39.70 -12.15 4.78
CA LEU C 8 39.71 -11.33 3.57
C LEU C 8 41.07 -11.26 2.90
N ASP C 9 42.09 -11.90 3.46
CA ASP C 9 43.44 -11.90 2.89
C ASP C 9 43.62 -13.21 2.12
N PHE C 10 43.45 -13.15 0.80
CA PHE C 10 43.49 -14.34 -0.04
C PHE C 10 44.91 -14.73 -0.45
N SER C 11 45.91 -13.92 -0.11
CA SER C 11 47.29 -14.35 -0.32
C SER C 11 47.71 -15.43 0.68
N ASN C 12 46.93 -15.65 1.73
CA ASN C 12 47.15 -16.73 2.68
C ASN C 12 46.08 -17.78 2.50
N ASP C 13 46.41 -19.00 2.92
CA ASP C 13 45.41 -20.06 2.98
C ASP C 13 44.22 -19.61 3.83
N LEU C 14 43.03 -20.03 3.45
CA LEU C 14 41.84 -19.69 4.22
C LEU C 14 41.85 -20.44 5.54
N ASP C 15 41.82 -19.69 6.65
CA ASP C 15 41.72 -20.29 7.98
C ASP C 15 40.25 -20.62 8.23
N ILE C 16 39.88 -21.89 8.04
CA ILE C 16 38.49 -22.29 8.18
C ILE C 16 38.01 -22.01 9.59
N ALA C 17 38.86 -22.25 10.59
CA ALA C 17 38.47 -21.98 11.97
C ALA C 17 38.13 -20.51 12.17
N LEU C 18 38.84 -19.62 11.48
CA LEU C 18 38.54 -18.20 11.61
C LEU C 18 37.22 -17.85 10.92
N LEU C 19 36.99 -18.40 9.73
CA LEU C 19 35.71 -18.22 9.05
C LEU C 19 34.57 -18.66 9.95
N ASP C 20 34.69 -19.85 10.55
CA ASP C 20 33.63 -20.35 11.44
C ASP C 20 33.42 -19.41 12.63
N GLN C 21 34.48 -18.76 13.10
CA GLN C 21 34.33 -17.78 14.17
C GLN C 21 33.59 -16.55 13.68
N VAL C 22 33.97 -16.03 12.50
CA VAL C 22 33.27 -14.89 11.93
C VAL C 22 31.80 -15.23 11.74
N VAL C 23 31.52 -16.39 11.14
CA VAL C 23 30.14 -16.79 10.89
C VAL C 23 29.37 -16.91 12.20
N SER C 24 29.96 -17.60 13.18
CA SER C 24 29.31 -17.75 14.47
C SER C 24 29.02 -16.39 15.11
N THR C 25 30.02 -15.49 15.08
CA THR C 25 29.84 -14.16 15.66
C THR C 25 28.66 -13.44 15.01
N PHE C 26 28.46 -13.64 13.70
CA PHE C 26 27.36 -12.96 13.02
C PHE C 26 26.00 -13.55 13.40
N TYR C 27 25.87 -14.87 13.33
CA TYR C 27 24.55 -15.49 13.50
C TYR C 27 24.15 -15.60 14.96
N GLN C 28 25.10 -15.89 15.84
CA GLN C 28 24.80 -16.07 17.27
C GLN C 28 25.23 -14.90 18.13
N GLY C 29 26.09 -14.01 17.63
CA GLY C 29 26.54 -12.87 18.39
C GLY C 29 25.49 -11.79 18.46
N SER C 30 25.94 -10.59 18.86
CA SER C 30 25.03 -9.47 19.02
C SER C 30 25.83 -8.17 18.97
N GLY C 31 25.11 -7.06 18.82
CA GLY C 31 25.71 -5.74 18.96
C GLY C 31 26.82 -5.48 17.96
N VAL C 32 27.90 -4.88 18.46
CA VAL C 32 28.95 -4.35 17.61
C VAL C 32 29.76 -5.47 16.97
N GLN C 33 30.01 -6.56 17.71
CA GLN C 33 30.75 -7.68 17.15
C GLN C 33 29.99 -8.29 15.98
N GLN C 34 28.72 -8.60 16.18
CA GLN C 34 27.89 -9.10 15.09
C GLN C 34 27.96 -8.18 13.87
N LYS C 35 27.92 -6.87 14.09
CA LYS C 35 27.92 -5.94 12.97
C LYS C 35 29.23 -6.00 12.20
N GLN C 36 30.36 -6.03 12.90
CA GLN C 36 31.65 -6.12 12.22
C GLN C 36 31.76 -7.42 11.42
N ALA C 37 31.36 -8.54 12.02
CA ALA C 37 31.39 -9.82 11.31
C ALA C 37 30.55 -9.76 10.04
N GLN C 38 29.38 -9.13 10.11
CA GLN C 38 28.50 -9.04 8.95
C GLN C 38 29.19 -8.36 7.78
N GLU C 39 29.87 -7.24 8.05
CA GLU C 39 30.56 -6.53 6.98
C GLU C 39 31.72 -7.34 6.43
N ILE C 40 32.42 -8.08 7.30
CA ILE C 40 33.49 -8.95 6.85
C ILE C 40 32.94 -10.05 5.95
N LEU C 41 31.85 -10.69 6.38
CA LEU C 41 31.28 -11.78 5.60
C LEU C 41 30.80 -11.30 4.23
N THR C 42 30.18 -10.13 4.18
CA THR C 42 29.73 -9.59 2.90
C THR C 42 30.93 -9.34 1.98
N LYS C 43 32.02 -8.78 2.53
CA LYS C 43 33.21 -8.56 1.71
C LYS C 43 33.81 -9.88 1.24
N PHE C 44 33.87 -10.87 2.13
CA PHE C 44 34.32 -12.21 1.71
C PHE C 44 33.45 -12.75 0.59
N GLN C 45 32.13 -12.76 0.79
CA GLN C 45 31.23 -13.33 -0.20
C GLN C 45 31.36 -12.62 -1.56
N ASP C 46 31.61 -11.32 -1.54
CA ASP C 46 31.65 -10.53 -2.76
C ASP C 46 33.00 -10.58 -3.46
N ASN C 47 34.02 -11.14 -2.84
CA ASN C 47 35.31 -11.30 -3.49
C ASN C 47 35.14 -12.19 -4.72
N PRO C 48 35.44 -11.70 -5.92
CA PRO C 48 35.17 -12.50 -7.13
C PRO C 48 35.97 -13.79 -7.20
N ASP C 49 36.93 -14.00 -6.29
CA ASP C 49 37.67 -15.25 -6.22
C ASP C 49 37.23 -16.13 -5.06
N ALA C 50 36.23 -15.69 -4.28
CA ALA C 50 35.79 -16.48 -3.13
C ALA C 50 35.32 -17.86 -3.53
N TRP C 51 34.76 -18.00 -4.74
CA TRP C 51 34.23 -19.29 -5.16
C TRP C 51 35.30 -20.37 -5.20
N GLN C 52 36.56 -19.98 -5.44
CA GLN C 52 37.63 -20.97 -5.49
C GLN C 52 37.81 -21.65 -4.14
N LYS C 53 37.47 -20.97 -3.05
CA LYS C 53 37.63 -21.50 -1.71
C LYS C 53 36.38 -22.19 -1.20
N ALA C 54 35.34 -22.31 -2.05
CA ALA C 54 34.12 -22.98 -1.65
C ALA C 54 34.34 -24.48 -1.47
N ASP C 55 35.16 -25.07 -2.33
CA ASP C 55 35.48 -26.49 -2.19
C ASP C 55 36.08 -26.77 -0.82
N GLN C 56 37.03 -25.94 -0.38
CA GLN C 56 37.65 -26.09 0.92
C GLN C 56 36.63 -25.98 2.04
N ILE C 57 35.80 -24.93 2.00
CA ILE C 57 34.83 -24.71 3.06
C ILE C 57 33.88 -25.89 3.18
N LEU C 58 33.32 -26.33 2.05
CA LEU C 58 32.35 -27.43 2.09
C LEU C 58 32.99 -28.71 2.61
N GLN C 59 34.28 -28.92 2.33
CA GLN C 59 34.95 -30.13 2.77
C GLN C 59 35.34 -30.07 4.24
N PHE C 60 35.93 -28.94 4.68
CA PHE C 60 36.64 -28.89 5.95
C PHE C 60 35.93 -28.07 7.02
N SER C 61 34.85 -27.36 6.70
CA SER C 61 34.15 -26.61 7.72
C SER C 61 33.27 -27.54 8.57
N THR C 62 33.06 -27.16 9.82
CA THR C 62 32.12 -27.84 10.70
C THR C 62 30.94 -26.94 11.07
N ASN C 63 30.78 -25.80 10.40
CA ASN C 63 29.69 -24.88 10.66
C ASN C 63 28.74 -24.91 9.47
N PRO C 64 27.48 -25.33 9.63
CA PRO C 64 26.58 -25.39 8.46
C PRO C 64 26.30 -24.04 7.83
N GLN C 65 26.30 -22.97 8.62
CA GLN C 65 26.09 -21.64 8.04
C GLN C 65 27.26 -21.24 7.16
N SER C 66 28.49 -21.62 7.54
CA SER C 66 29.65 -21.38 6.69
C SER C 66 29.49 -22.08 5.34
N LYS C 67 28.98 -23.31 5.36
CA LYS C 67 28.78 -24.04 4.11
C LYS C 67 27.66 -23.43 3.30
N PHE C 68 26.61 -22.95 3.97
CA PHE C 68 25.54 -22.24 3.27
C PHE C 68 26.09 -21.04 2.52
N ILE C 69 26.94 -20.24 3.19
CA ILE C 69 27.52 -19.08 2.54
C ILE C 69 28.42 -19.51 1.38
N ALA C 70 29.11 -20.63 1.54
CA ALA C 70 29.93 -21.15 0.44
C ALA C 70 29.07 -21.45 -0.78
N LEU C 71 27.88 -22.00 -0.57
CA LEU C 71 27.00 -22.32 -1.69
C LEU C 71 26.39 -21.06 -2.31
N SER C 72 26.08 -20.05 -1.48
CA SER C 72 25.65 -18.76 -2.04
C SER C 72 26.72 -18.20 -2.96
N ILE C 73 27.99 -18.29 -2.55
CA ILE C 73 29.08 -17.82 -3.40
C ILE C 73 29.08 -18.58 -4.72
N LEU C 74 28.96 -19.91 -4.67
CA LEU C 74 28.90 -20.70 -5.89
C LEU C 74 27.66 -20.35 -6.71
N ASP C 75 26.53 -20.12 -6.04
CA ASP C 75 25.31 -19.76 -6.76
C ASP C 75 25.53 -18.53 -7.63
N LYS C 76 26.16 -17.49 -7.07
CA LYS C 76 26.42 -16.28 -7.85
C LYS C 76 27.31 -16.59 -9.03
N LEU C 77 28.33 -17.42 -8.82
CA LEU C 77 29.24 -17.81 -9.89
C LEU C 77 28.50 -18.55 -10.99
N ILE C 78 27.73 -19.58 -10.62
CA ILE C 78 26.99 -20.37 -11.60
C ILE C 78 26.00 -19.50 -12.35
N THR C 79 25.35 -18.57 -11.66
CA THR C 79 24.26 -17.81 -12.25
C THR C 79 24.78 -16.78 -13.25
N ARG C 80 25.96 -16.23 -13.02
CA ARG C 80 26.41 -15.05 -13.76
C ARG C 80 27.66 -15.27 -14.60
N LYS C 81 28.55 -16.19 -14.21
CA LYS C 81 29.82 -16.34 -14.90
C LYS C 81 30.12 -17.79 -15.30
N TRP C 82 29.14 -18.69 -15.21
CA TRP C 82 29.37 -20.10 -15.48
C TRP C 82 30.08 -20.30 -16.83
N LYS C 83 29.60 -19.66 -17.88
CA LYS C 83 30.11 -19.94 -19.22
C LYS C 83 31.49 -19.35 -19.48
N LEU C 84 32.00 -18.52 -18.57
CA LEU C 84 33.35 -17.99 -18.70
C LEU C 84 34.40 -18.94 -18.12
N LEU C 85 33.99 -19.86 -17.27
CA LEU C 85 34.92 -20.76 -16.62
C LEU C 85 35.64 -21.63 -17.64
N PRO C 86 36.86 -22.08 -17.34
CA PRO C 86 37.41 -23.23 -18.07
C PRO C 86 36.51 -24.44 -17.88
N ASN C 87 36.43 -25.26 -18.91
CA ASN C 87 35.52 -26.41 -18.86
C ASN C 87 35.87 -27.34 -17.70
N ASP C 88 37.13 -27.34 -17.26
CA ASP C 88 37.52 -28.21 -16.16
C ASP C 88 36.89 -27.77 -14.84
N HIS C 89 36.70 -26.47 -14.65
CA HIS C 89 36.07 -26.00 -13.42
C HIS C 89 34.58 -26.28 -13.42
N ARG C 90 33.94 -26.21 -14.59
CA ARG C 90 32.52 -26.56 -14.68
C ARG C 90 32.29 -28.02 -14.26
N ILE C 91 33.08 -28.93 -14.81
CA ILE C 91 32.98 -30.34 -14.42
C ILE C 91 33.28 -30.49 -12.93
N GLY C 92 34.38 -29.86 -12.48
CA GLY C 92 34.78 -30.00 -11.09
C GLY C 92 33.70 -29.55 -10.12
N ILE C 93 33.09 -28.39 -10.39
CA ILE C 93 32.07 -27.87 -9.50
C ILE C 93 30.85 -28.79 -9.49
N ARG C 94 30.39 -29.19 -10.67
CA ARG C 94 29.32 -30.16 -10.76
C ARG C 94 29.62 -31.41 -9.95
N ASN C 95 30.85 -31.91 -10.05
CA ASN C 95 31.18 -33.17 -9.39
C ASN C 95 31.13 -33.05 -7.87
N PHE C 96 31.67 -31.97 -7.30
CA PHE C 96 31.68 -31.92 -5.84
C PHE C 96 30.39 -31.38 -5.26
N VAL C 97 29.51 -30.77 -6.06
CA VAL C 97 28.15 -30.50 -5.58
C VAL C 97 27.34 -31.79 -5.52
N VAL C 98 27.40 -32.58 -6.60
CA VAL C 98 26.74 -33.89 -6.59
C VAL C 98 27.27 -34.75 -5.45
N GLY C 99 28.59 -34.86 -5.33
CA GLY C 99 29.16 -35.70 -4.28
C GLY C 99 28.78 -35.23 -2.90
N MET C 100 28.77 -33.91 -2.68
CA MET C 100 28.37 -33.39 -1.38
C MET C 100 26.94 -33.77 -1.04
N ILE C 101 26.03 -33.72 -2.02
CA ILE C 101 24.64 -34.08 -1.78
C ILE C 101 24.54 -35.57 -1.46
N ILE C 102 25.23 -36.41 -2.23
CA ILE C 102 25.19 -37.86 -2.01
C ILE C 102 25.62 -38.18 -0.58
N SER C 103 26.73 -37.59 -0.14
CA SER C 103 27.27 -37.94 1.18
C SER C 103 26.36 -37.46 2.30
N MET C 104 25.74 -36.29 2.14
CA MET C 104 24.81 -35.82 3.15
C MET C 104 23.58 -36.71 3.25
N CYS C 105 23.14 -37.29 2.14
CA CYS C 105 21.98 -38.16 2.16
C CYS C 105 22.31 -39.54 2.74
N GLN C 106 23.56 -39.99 2.62
CA GLN C 106 23.96 -41.29 3.12
C GLN C 106 24.17 -41.30 4.63
N ASP C 107 24.27 -40.14 5.27
CA ASP C 107 24.45 -40.05 6.72
C ASP C 107 23.10 -39.66 7.31
N ASP C 108 22.42 -40.61 7.93
CA ASP C 108 21.09 -40.36 8.48
C ASP C 108 21.10 -39.20 9.46
N GLU C 109 22.18 -39.03 10.22
CA GLU C 109 22.23 -37.94 11.19
C GLU C 109 22.34 -36.59 10.50
N VAL C 110 23.22 -36.50 9.49
CA VAL C 110 23.32 -35.26 8.71
C VAL C 110 22.01 -35.00 7.98
N PHE C 111 21.46 -36.02 7.33
CA PHE C 111 20.18 -35.86 6.64
C PHE C 111 19.10 -35.37 7.58
N LYS C 112 19.14 -35.79 8.84
CA LYS C 112 18.12 -35.43 9.82
C LYS C 112 18.27 -33.99 10.30
N THR C 113 19.50 -33.53 10.49
CA THR C 113 19.76 -32.30 11.24
C THR C 113 20.26 -31.14 10.38
N GLN C 114 20.59 -31.37 9.11
N GLN C 114 20.59 -31.37 9.11
CA GLN C 114 21.09 -30.29 8.26
CA GLN C 114 21.10 -30.30 8.25
C GLN C 114 20.19 -30.09 7.05
C GLN C 114 20.19 -30.10 7.04
N LYS C 115 18.87 -30.01 7.28
CA LYS C 115 17.93 -29.84 6.18
C LYS C 115 18.18 -28.51 5.45
N ASN C 116 18.53 -27.46 6.19
CA ASN C 116 18.78 -26.17 5.56
C ASN C 116 19.92 -26.26 4.56
N LEU C 117 21.01 -26.92 4.94
CA LEU C 117 22.17 -27.01 4.07
C LEU C 117 21.89 -27.92 2.87
N ILE C 118 21.16 -29.02 3.09
CA ILE C 118 20.81 -29.90 1.98
C ILE C 118 19.92 -29.18 0.98
N ASN C 119 18.91 -28.47 1.48
CA ASN C 119 18.04 -27.71 0.59
C ASN C 119 18.83 -26.69 -0.22
N LYS C 120 19.76 -26.00 0.43
CA LYS C 120 20.58 -25.03 -0.29
C LYS C 120 21.44 -25.72 -1.35
N SER C 121 22.02 -26.88 -1.00
CA SER C 121 22.82 -27.65 -1.97
C SER C 121 21.96 -28.09 -3.14
N ASP C 122 20.73 -28.54 -2.87
CA ASP C 122 19.83 -28.95 -3.94
C ASP C 122 19.53 -27.79 -4.89
N LEU C 123 19.28 -26.61 -4.35
CA LEU C 123 19.03 -25.46 -5.21
C LEU C 123 20.26 -25.12 -6.05
N THR C 124 21.45 -25.25 -5.46
CA THR C 124 22.68 -25.01 -6.20
C THR C 124 22.83 -26.01 -7.34
N LEU C 125 22.50 -27.28 -7.10
CA LEU C 125 22.45 -28.25 -8.17
C LEU C 125 21.51 -27.81 -9.27
N VAL C 126 20.33 -27.31 -8.90
CA VAL C 126 19.36 -26.90 -9.91
C VAL C 126 19.91 -25.75 -10.75
N GLN C 127 20.68 -24.86 -10.13
CA GLN C 127 21.30 -23.79 -10.90
C GLN C 127 22.23 -24.35 -11.96
N ILE C 128 22.95 -25.43 -11.62
CA ILE C 128 23.80 -26.09 -12.60
C ILE C 128 22.98 -26.76 -13.67
N LEU C 129 21.89 -27.43 -13.30
CA LEU C 129 21.02 -28.06 -14.29
C LEU C 129 20.49 -27.03 -15.28
N LYS C 130 20.13 -25.84 -14.80
CA LYS C 130 19.65 -24.81 -15.71
C LYS C 130 20.69 -24.45 -16.75
N GLN C 131 21.97 -24.62 -16.41
CA GLN C 131 23.08 -24.35 -17.31
C GLN C 131 23.42 -25.52 -18.21
N GLU C 132 23.38 -26.74 -17.66
CA GLU C 132 24.02 -27.89 -18.29
C GLU C 132 23.06 -28.93 -18.84
N TRP C 133 21.79 -28.90 -18.42
CA TRP C 133 20.89 -30.01 -18.66
C TRP C 133 19.78 -29.62 -19.63
N PRO C 134 19.36 -30.53 -20.53
CA PRO C 134 19.88 -31.89 -20.76
C PRO C 134 21.03 -31.99 -21.75
N GLN C 135 21.36 -30.89 -22.44
CA GLN C 135 22.30 -30.97 -23.55
C GLN C 135 23.65 -31.54 -23.14
N ASN C 136 24.11 -31.25 -21.91
CA ASN C 136 25.39 -31.76 -21.40
C ASN C 136 25.21 -32.61 -20.16
N TRP C 137 24.02 -33.14 -19.95
CA TRP C 137 23.75 -34.00 -18.81
C TRP C 137 22.55 -34.87 -19.16
N PRO C 138 22.57 -35.57 -20.30
CA PRO C 138 21.37 -36.29 -20.73
C PRO C 138 20.94 -37.36 -19.75
N GLU C 139 21.87 -37.91 -18.97
CA GLU C 139 21.61 -39.02 -18.09
C GLU C 139 21.00 -38.61 -16.75
N PHE C 140 20.81 -37.31 -16.50
CA PHE C 140 20.46 -36.87 -15.16
C PHE C 140 19.20 -37.55 -14.65
N ILE C 141 18.12 -37.48 -15.40
CA ILE C 141 16.83 -37.98 -14.93
C ILE C 141 16.85 -39.50 -14.84
N PRO C 142 17.29 -40.23 -15.88
CA PRO C 142 17.38 -41.69 -15.74
C PRO C 142 18.21 -42.13 -14.54
N GLU C 143 19.33 -41.46 -14.26
CA GLU C 143 20.15 -41.84 -13.12
C GLU C 143 19.52 -41.40 -11.80
N LEU C 144 18.82 -40.26 -11.79
CA LEU C 144 18.09 -39.85 -10.59
C LEU C 144 17.07 -40.91 -10.20
N ILE C 145 16.30 -41.40 -11.18
CA ILE C 145 15.30 -42.42 -10.91
C ILE C 145 15.96 -43.69 -10.39
N GLY C 146 17.08 -44.08 -10.99
CA GLY C 146 17.78 -45.26 -10.52
C GLY C 146 18.28 -45.12 -9.09
N SER C 147 18.86 -43.97 -8.76
N SER C 147 18.85 -43.96 -8.75
CA SER C 147 19.37 -43.75 -7.41
CA SER C 147 19.37 -43.76 -7.41
C SER C 147 18.25 -43.71 -6.38
C SER C 147 18.26 -43.69 -6.37
N SER C 148 17.05 -43.27 -6.78
CA SER C 148 15.95 -43.19 -5.84
C SER C 148 15.61 -44.55 -5.23
N SER C 149 15.88 -45.63 -5.96
CA SER C 149 15.47 -46.96 -5.52
C SER C 149 16.41 -47.57 -4.49
N SER C 150 17.60 -47.02 -4.30
CA SER C 150 18.60 -47.61 -3.41
C SER C 150 18.58 -47.00 -2.01
N SER C 151 17.79 -45.96 -1.77
CA SER C 151 17.83 -45.26 -0.50
C SER C 151 16.64 -44.33 -0.31
N VAL C 152 15.95 -44.46 0.81
CA VAL C 152 14.80 -43.61 1.09
C VAL C 152 15.23 -42.15 1.22
N ASN C 153 16.42 -41.92 1.79
CA ASN C 153 16.91 -40.56 1.94
C ASN C 153 17.19 -39.91 0.59
N VAL C 154 17.86 -40.65 -0.31
CA VAL C 154 18.14 -40.11 -1.64
C VAL C 154 16.84 -39.91 -2.41
N CYS C 155 15.92 -40.87 -2.33
CA CYS C 155 14.64 -40.73 -3.01
C CYS C 155 13.91 -39.47 -2.55
N GLU C 156 13.86 -39.26 -1.23
CA GLU C 156 13.21 -38.07 -0.70
C GLU C 156 13.91 -36.81 -1.17
N ASN C 157 15.24 -36.80 -1.14
CA ASN C 157 15.95 -35.60 -1.57
C ASN C 157 15.75 -35.34 -3.06
N ASN C 158 15.67 -36.41 -3.86
CA ASN C 158 15.42 -36.23 -5.29
C ASN C 158 14.07 -35.57 -5.53
N MET C 159 13.08 -35.84 -4.68
CA MET C 159 11.80 -35.13 -4.80
C MET C 159 11.96 -33.64 -4.54
N ILE C 160 12.90 -33.28 -3.66
CA ILE C 160 13.17 -31.86 -3.41
C ILE C 160 13.87 -31.23 -4.60
N VAL C 161 14.84 -31.93 -5.18
CA VAL C 161 15.52 -31.42 -6.38
C VAL C 161 14.52 -31.22 -7.50
N LEU C 162 13.65 -32.21 -7.74
CA LEU C 162 12.69 -32.09 -8.82
C LEU C 162 11.68 -30.97 -8.56
N LYS C 163 11.29 -30.78 -7.30
CA LYS C 163 10.38 -29.69 -6.96
C LYS C 163 11.01 -28.35 -7.30
N LEU C 164 12.24 -28.11 -6.82
CA LEU C 164 12.93 -26.87 -7.14
C LEU C 164 13.14 -26.71 -8.63
N LEU C 165 13.48 -27.79 -9.34
CA LEU C 165 13.65 -27.72 -10.78
C LEU C 165 12.37 -27.24 -11.45
N SER C 166 11.24 -27.89 -11.13
CA SER C 166 9.97 -27.49 -11.69
C SER C 166 9.67 -26.02 -11.40
N GLU C 167 9.95 -25.56 -10.17
CA GLU C 167 9.72 -24.17 -9.84
C GLU C 167 10.56 -23.25 -10.70
N GLU C 168 11.86 -23.55 -10.81
CA GLU C 168 12.76 -22.67 -11.55
C GLU C 168 12.44 -22.63 -13.03
N VAL C 169 11.89 -23.72 -13.58
CA VAL C 169 11.62 -23.79 -15.02
C VAL C 169 10.24 -23.24 -15.36
N PHE C 170 9.21 -23.56 -14.58
CA PHE C 170 7.85 -23.19 -14.94
C PHE C 170 7.26 -22.06 -14.12
N ASP C 171 7.67 -21.88 -12.87
CA ASP C 171 7.04 -20.88 -12.01
C ASP C 171 7.81 -19.56 -11.95
N PHE C 172 9.13 -19.59 -12.11
CA PHE C 172 9.94 -18.40 -11.88
C PHE C 172 10.90 -18.12 -13.02
N SER C 173 10.62 -18.65 -14.21
CA SER C 173 11.51 -18.48 -15.35
C SER C 173 11.22 -17.21 -16.15
N ALA C 174 9.99 -16.70 -16.10
CA ALA C 174 9.58 -15.63 -17.00
C ALA C 174 10.52 -14.44 -16.95
N GLU C 175 10.98 -14.07 -15.75
CA GLU C 175 11.80 -12.89 -15.58
C GLU C 175 13.28 -13.20 -15.36
N GLN C 176 13.66 -14.48 -15.36
CA GLN C 176 15.02 -14.86 -15.00
C GLN C 176 15.81 -15.50 -16.15
N MET C 177 15.16 -15.90 -17.23
CA MET C 177 15.86 -16.44 -18.38
C MET C 177 15.18 -15.95 -19.64
N THR C 178 15.89 -16.06 -20.77
CA THR C 178 15.35 -15.62 -22.03
C THR C 178 14.18 -16.51 -22.44
N GLN C 179 13.35 -15.99 -23.35
CA GLN C 179 12.23 -16.76 -23.87
C GLN C 179 12.70 -18.08 -24.46
N ALA C 180 13.80 -18.06 -25.23
CA ALA C 180 14.29 -19.27 -25.85
C ALA C 180 14.78 -20.28 -24.81
N LYS C 181 15.49 -19.83 -23.79
CA LYS C 181 16.03 -20.76 -22.81
C LYS C 181 14.92 -21.35 -21.95
N ALA C 182 13.94 -20.53 -21.56
CA ALA C 182 12.79 -21.03 -20.84
C ALA C 182 12.07 -22.12 -21.62
N LEU C 183 11.79 -21.86 -22.91
CA LEU C 183 11.14 -22.88 -23.73
C LEU C 183 11.98 -24.14 -23.81
N HIS C 184 13.30 -23.99 -23.92
CA HIS C 184 14.18 -25.15 -23.98
C HIS C 184 14.08 -26.00 -22.72
N LEU C 185 14.07 -25.37 -21.54
CA LEU C 185 14.01 -26.13 -20.30
C LEU C 185 12.61 -26.71 -20.08
N LYS C 186 11.57 -25.97 -20.47
CA LYS C 186 10.21 -26.49 -20.33
C LYS C 186 10.00 -27.72 -21.20
N ASN C 187 10.44 -27.65 -22.47
CA ASN C 187 10.33 -28.82 -23.35
C ASN C 187 11.16 -29.99 -22.83
N SER C 188 12.32 -29.70 -22.24
CA SER C 188 13.16 -30.77 -21.73
C SER C 188 12.49 -31.51 -20.58
N MET C 189 11.84 -30.76 -19.68
CA MET C 189 11.14 -31.40 -18.57
C MET C 189 9.91 -32.17 -19.07
N SER C 190 9.16 -31.58 -19.99
N SER C 190 9.14 -31.57 -19.97
CA SER C 190 8.00 -32.26 -20.54
CA SER C 190 7.99 -32.27 -20.54
C SER C 190 8.39 -33.57 -21.22
C SER C 190 8.42 -33.58 -21.19
N LYS C 191 9.52 -33.57 -21.92
CA LYS C 191 9.98 -34.75 -22.64
C LYS C 191 10.24 -35.92 -21.71
N GLU C 192 10.69 -35.65 -20.49
CA GLU C 192 11.07 -36.71 -19.55
C GLU C 192 10.12 -36.81 -18.36
N PHE C 193 8.98 -36.13 -18.39
CA PHE C 193 8.10 -36.17 -17.23
C PHE C 193 7.44 -37.53 -17.06
N GLU C 194 7.20 -38.26 -18.15
CA GLU C 194 6.61 -39.59 -18.04
C GLU C 194 7.40 -40.43 -17.05
N GLN C 195 8.73 -40.37 -17.12
N GLN C 195 8.73 -40.41 -17.16
CA GLN C 195 9.56 -41.13 -16.20
CA GLN C 195 9.57 -41.11 -16.18
C GLN C 195 9.51 -40.55 -14.78
C GLN C 195 9.35 -40.55 -14.79
N ILE C 196 9.37 -39.23 -14.65
CA ILE C 196 9.29 -38.61 -13.34
C ILE C 196 7.98 -38.98 -12.66
N PHE C 197 6.87 -38.90 -13.40
CA PHE C 197 5.58 -39.22 -12.80
C PHE C 197 5.52 -40.67 -12.34
N LYS C 198 6.12 -41.58 -13.11
CA LYS C 198 6.11 -42.99 -12.73
C LYS C 198 6.76 -43.19 -11.36
N LEU C 199 7.92 -42.58 -11.15
CA LEU C 199 8.56 -42.62 -9.83
C LEU C 199 7.65 -42.02 -8.78
N CYS C 200 7.15 -40.81 -9.03
CA CYS C 200 6.26 -40.12 -8.08
CA CYS C 200 6.28 -40.14 -8.06
C CYS C 200 5.09 -41.01 -7.68
N PHE C 201 4.41 -41.59 -8.68
CA PHE C 201 3.23 -42.41 -8.39
C PHE C 201 3.60 -43.68 -7.63
N GLN C 202 4.72 -44.31 -7.97
CA GLN C 202 5.16 -45.49 -7.25
C GLN C 202 5.37 -45.18 -5.77
N VAL C 203 6.07 -44.08 -5.47
CA VAL C 203 6.28 -43.68 -4.09
C VAL C 203 4.95 -43.51 -3.38
N LEU C 204 4.03 -42.77 -3.99
CA LEU C 204 2.75 -42.49 -3.35
C LEU C 204 1.94 -43.78 -3.14
N GLU C 205 1.99 -44.68 -4.11
CA GLU C 205 1.16 -45.88 -4.03
C GLU C 205 1.69 -46.87 -3.01
N GLN C 206 3.00 -46.93 -2.81
CA GLN C 206 3.64 -47.98 -2.02
C GLN C 206 4.09 -47.49 -0.65
N GLY C 207 3.63 -46.32 -0.20
CA GLY C 207 4.05 -45.85 1.10
C GLY C 207 5.56 -45.72 1.18
N SER C 208 6.08 -45.69 2.40
CA SER C 208 5.31 -45.64 3.65
C SER C 208 5.93 -44.64 4.63
N SER C 209 7.08 -44.08 4.26
CA SER C 209 7.72 -43.04 5.04
C SER C 209 7.00 -41.72 4.78
N SER C 210 6.44 -41.13 5.84
CA SER C 210 5.62 -39.93 5.66
C SER C 210 6.47 -38.75 5.17
N SER C 211 7.71 -38.64 5.63
CA SER C 211 8.56 -37.56 5.14
C SER C 211 8.83 -37.72 3.64
N LEU C 212 9.00 -38.96 3.20
CA LEU C 212 9.11 -39.21 1.76
C LEU C 212 7.81 -38.90 1.04
N ILE C 213 6.68 -39.31 1.61
CA ILE C 213 5.39 -39.04 0.99
C ILE C 213 5.16 -37.53 0.90
N VAL C 214 5.44 -36.81 1.99
CA VAL C 214 5.20 -35.37 1.99
C VAL C 214 6.04 -34.68 0.92
N ALA C 215 7.33 -35.01 0.84
CA ALA C 215 8.18 -34.42 -0.18
C ALA C 215 7.66 -34.73 -1.59
N THR C 216 7.18 -35.96 -1.79
CA THR C 216 6.64 -36.32 -3.11
C THR C 216 5.39 -35.51 -3.42
N LEU C 217 4.52 -35.31 -2.43
CA LEU C 217 3.31 -34.54 -2.68
C LEU C 217 3.66 -33.07 -2.90
N GLU C 218 4.70 -32.57 -2.24
N GLU C 218 4.69 -32.57 -2.22
CA GLU C 218 5.11 -31.18 -2.45
CA GLU C 218 5.12 -31.19 -2.44
C GLU C 218 5.62 -30.97 -3.87
C GLU C 218 5.56 -30.99 -3.89
N SER C 219 6.30 -31.97 -4.45
CA SER C 219 6.72 -31.87 -5.84
C SER C 219 5.52 -31.98 -6.77
N LEU C 220 4.55 -32.86 -6.45
CA LEU C 220 3.35 -32.96 -7.28
C LEU C 220 2.61 -31.65 -7.35
N LEU C 221 2.52 -30.93 -6.23
CA LEU C 221 1.87 -29.63 -6.26
C LEU C 221 2.46 -28.74 -7.34
N ARG C 222 3.79 -28.73 -7.45
CA ARG C 222 4.45 -27.94 -8.49
C ARG C 222 4.12 -28.48 -9.87
N TYR C 223 4.13 -29.80 -10.04
CA TYR C 223 3.83 -30.37 -11.36
C TYR C 223 2.44 -29.97 -11.83
N LEU C 224 1.48 -29.90 -10.91
CA LEU C 224 0.11 -29.62 -11.29
C LEU C 224 -0.04 -28.25 -11.95
N HIS C 225 0.97 -27.38 -11.81
CA HIS C 225 0.92 -26.10 -12.48
C HIS C 225 1.00 -26.22 -14.00
N TRP C 226 1.57 -27.31 -14.53
CA TRP C 226 1.86 -27.36 -15.96
C TRP C 226 1.63 -28.70 -16.64
N ILE C 227 1.51 -29.82 -15.94
CA ILE C 227 1.47 -31.10 -16.63
C ILE C 227 0.10 -31.30 -17.28
N PRO C 228 0.00 -32.10 -18.33
CA PRO C 228 -1.30 -32.39 -18.93
C PRO C 228 -2.18 -33.20 -17.99
N TYR C 229 -3.49 -32.97 -18.11
CA TYR C 229 -4.45 -33.57 -17.19
C TYR C 229 -4.45 -35.08 -17.24
N ARG C 230 -3.99 -35.68 -18.33
CA ARG C 230 -4.07 -37.13 -18.46
C ARG C 230 -3.29 -37.84 -17.36
N TYR C 231 -2.20 -37.24 -16.88
CA TYR C 231 -1.45 -37.84 -15.79
C TYR C 231 -2.29 -37.92 -14.52
N ILE C 232 -3.24 -37.01 -14.35
CA ILE C 232 -4.09 -37.02 -13.17
C ILE C 232 -5.36 -37.83 -13.35
N TYR C 233 -5.91 -37.84 -14.56
CA TYR C 233 -7.21 -38.47 -14.77
C TYR C 233 -7.12 -39.86 -15.38
N GLU C 234 -5.99 -40.25 -15.96
CA GLU C 234 -5.83 -41.59 -16.51
C GLU C 234 -5.06 -42.53 -15.59
N THR C 235 -4.70 -42.08 -14.39
CA THR C 235 -4.10 -42.91 -13.37
C THR C 235 -5.02 -42.95 -12.16
N ASN C 236 -4.61 -43.70 -11.14
CA ASN C 236 -5.39 -43.84 -9.92
C ASN C 236 -5.07 -42.75 -8.90
N ILE C 237 -4.36 -41.70 -9.29
CA ILE C 237 -3.78 -40.79 -8.30
C ILE C 237 -4.85 -39.97 -7.60
N LEU C 238 -5.96 -39.66 -8.26
CA LEU C 238 -7.02 -38.90 -7.60
C LEU C 238 -7.58 -39.66 -6.40
N GLU C 239 -7.80 -40.97 -6.57
CA GLU C 239 -8.28 -41.78 -5.45
C GLU C 239 -7.31 -41.71 -4.28
N LEU C 240 -6.00 -41.80 -4.55
CA LEU C 240 -5.01 -41.73 -3.48
C LEU C 240 -5.06 -40.37 -2.78
N LEU C 241 -5.07 -39.29 -3.56
CA LEU C 241 -5.10 -37.97 -2.97
C LEU C 241 -6.34 -37.76 -2.10
N SER C 242 -7.51 -38.16 -2.61
CA SER C 242 -8.77 -37.81 -1.98
C SER C 242 -9.22 -38.80 -0.90
N THR C 243 -8.48 -39.89 -0.70
CA THR C 243 -8.80 -40.82 0.39
C THR C 243 -7.57 -41.00 1.28
N LYS C 244 -6.66 -41.87 0.86
CA LYS C 244 -5.45 -42.20 1.59
C LYS C 244 -4.82 -40.99 2.28
N PHE C 245 -4.44 -39.99 1.49
CA PHE C 245 -3.61 -38.90 2.00
C PHE C 245 -4.41 -37.82 2.71
N MET C 246 -5.74 -37.87 2.68
CA MET C 246 -6.54 -36.96 3.50
C MET C 246 -6.69 -37.46 4.93
N THR C 247 -6.52 -38.76 5.17
CA THR C 247 -6.74 -39.31 6.51
C THR C 247 -5.60 -38.96 7.46
N SER C 248 -4.36 -38.96 6.97
N SER C 248 -4.36 -38.94 6.96
CA SER C 248 -3.19 -38.63 7.80
CA SER C 248 -3.20 -38.65 7.81
C SER C 248 -3.00 -37.13 7.84
C SER C 248 -2.95 -37.14 7.84
N PRO C 249 -2.87 -36.51 9.02
CA PRO C 249 -2.63 -35.06 9.05
C PRO C 249 -1.29 -34.66 8.45
N ASP C 250 -0.29 -35.54 8.49
CA ASP C 250 1.01 -35.20 7.90
C ASP C 250 0.87 -34.84 6.42
N THR C 251 0.08 -35.62 5.68
CA THR C 251 -0.10 -35.40 4.25
C THR C 251 -1.34 -34.57 3.93
N ARG C 252 -2.23 -34.34 4.90
CA ARG C 252 -3.50 -33.71 4.62
C ARG C 252 -3.32 -32.30 4.05
N ALA C 253 -2.42 -31.51 4.64
CA ALA C 253 -2.25 -30.13 4.21
C ALA C 253 -1.81 -30.05 2.75
N ILE C 254 -0.75 -30.79 2.39
CA ILE C 254 -0.25 -30.70 1.03
C ILE C 254 -1.24 -31.32 0.06
N THR C 255 -1.90 -32.40 0.47
CA THR C 255 -2.86 -33.06 -0.43
C THR C 255 -4.00 -32.12 -0.77
N LEU C 256 -4.52 -31.39 0.21
CA LEU C 256 -5.61 -30.46 -0.06
C LEU C 256 -5.18 -29.39 -1.07
N LYS C 257 -3.94 -28.92 -0.95
CA LYS C 257 -3.42 -27.94 -1.90
C LYS C 257 -3.30 -28.55 -3.29
N CYS C 258 -2.89 -29.81 -3.39
CA CYS C 258 -2.84 -30.48 -4.69
C CYS C 258 -4.24 -30.56 -5.30
N LEU C 259 -5.23 -30.97 -4.50
CA LEU C 259 -6.58 -31.12 -5.02
C LEU C 259 -7.18 -29.78 -5.42
N THR C 260 -6.78 -28.70 -4.76
CA THR C 260 -7.19 -27.38 -5.21
C THR C 260 -6.65 -27.07 -6.60
N GLU C 261 -5.40 -27.44 -6.86
CA GLU C 261 -4.83 -27.20 -8.19
C GLU C 261 -5.37 -28.19 -9.22
N VAL C 262 -5.69 -29.42 -8.81
CA VAL C 262 -6.38 -30.34 -9.73
C VAL C 262 -7.68 -29.71 -10.20
N SER C 263 -8.40 -29.06 -9.29
CA SER C 263 -9.64 -28.40 -9.66
C SER C 263 -9.42 -27.33 -10.72
N ASN C 264 -8.17 -26.88 -10.92
CA ASN C 264 -7.84 -25.85 -11.91
C ASN C 264 -7.24 -26.42 -13.19
N LEU C 265 -7.13 -27.74 -13.32
CA LEU C 265 -6.53 -28.33 -14.52
C LEU C 265 -7.38 -28.03 -15.75
N LYS C 266 -6.70 -27.85 -16.88
CA LYS C 266 -7.37 -27.77 -18.17
C LYS C 266 -7.94 -29.13 -18.52
N ILE C 267 -9.27 -29.21 -18.60
CA ILE C 267 -9.98 -30.48 -18.70
C ILE C 267 -11.02 -30.40 -19.81
N PRO C 268 -11.16 -31.42 -20.65
CA PRO C 268 -12.28 -31.43 -21.62
C PRO C 268 -13.61 -31.57 -20.89
N GLN C 269 -14.56 -30.70 -21.24
CA GLN C 269 -15.80 -30.58 -20.47
C GLN C 269 -17.00 -31.17 -21.21
N ASP C 270 -16.77 -32.10 -22.13
CA ASP C 270 -17.84 -32.87 -22.76
C ASP C 270 -17.58 -34.36 -22.64
N ASN C 271 -16.83 -34.76 -21.61
CA ASN C 271 -16.45 -36.14 -21.38
C ASN C 271 -17.11 -36.61 -20.09
N ASP C 272 -18.02 -37.57 -20.19
CA ASP C 272 -18.82 -37.97 -19.04
C ASP C 272 -17.97 -38.70 -18.00
N LEU C 273 -17.04 -39.55 -18.44
CA LEU C 273 -16.19 -40.26 -17.48
C LEU C 273 -15.37 -39.27 -16.65
N ILE C 274 -14.80 -38.26 -17.29
CA ILE C 274 -13.99 -37.27 -16.57
C ILE C 274 -14.85 -36.48 -15.60
N LYS C 275 -16.08 -36.17 -15.98
CA LYS C 275 -17.00 -35.49 -15.07
C LYS C 275 -17.25 -36.35 -13.84
N ARG C 276 -17.37 -37.66 -14.01
CA ARG C 276 -17.59 -38.54 -12.87
C ARG C 276 -16.35 -38.59 -11.98
N GLN C 277 -15.16 -38.58 -12.57
CA GLN C 277 -13.94 -38.55 -11.78
C GLN C 277 -13.84 -37.25 -10.98
N THR C 278 -14.25 -36.13 -11.58
CA THR C 278 -14.21 -34.86 -10.88
C THR C 278 -15.20 -34.82 -9.73
N VAL C 279 -16.40 -35.37 -9.93
CA VAL C 279 -17.34 -35.55 -8.84
C VAL C 279 -16.75 -36.45 -7.77
N LEU C 280 -16.14 -37.55 -8.19
CA LEU C 280 -15.74 -38.59 -7.26
C LEU C 280 -14.69 -38.11 -6.27
N PHE C 281 -13.68 -37.38 -6.75
CA PHE C 281 -12.62 -36.99 -5.81
C PHE C 281 -13.11 -35.94 -4.83
N PHE C 282 -14.07 -35.10 -5.25
CA PHE C 282 -14.71 -34.17 -4.32
C PHE C 282 -15.51 -34.92 -3.27
N GLN C 283 -16.32 -35.89 -3.70
CA GLN C 283 -17.06 -36.74 -2.77
C GLN C 283 -16.12 -37.39 -1.75
N ASN C 284 -15.04 -38.00 -2.23
CA ASN C 284 -14.09 -38.66 -1.33
C ASN C 284 -13.50 -37.67 -0.34
N THR C 285 -13.09 -36.50 -0.82
CA THR C 285 -12.46 -35.51 0.05
C THR C 285 -13.41 -35.05 1.14
N LEU C 286 -14.65 -34.71 0.78
CA LEU C 286 -15.61 -34.26 1.76
C LEU C 286 -15.96 -35.38 2.74
N GLN C 287 -15.97 -36.63 2.28
CA GLN C 287 -16.18 -37.75 3.20
C GLN C 287 -15.05 -37.84 4.22
N GLN C 288 -13.81 -37.69 3.78
CA GLN C 288 -12.68 -37.78 4.71
C GLN C 288 -12.73 -36.65 5.73
N ILE C 289 -13.14 -35.45 5.31
CA ILE C 289 -13.22 -34.33 6.25
C ILE C 289 -14.25 -34.61 7.32
N ALA C 290 -15.44 -35.07 6.93
CA ALA C 290 -16.52 -35.28 7.88
C ALA C 290 -16.21 -36.40 8.87
N THR C 291 -15.42 -37.39 8.46
CA THR C 291 -15.12 -38.54 9.32
C THR C 291 -13.79 -38.42 10.05
N SER C 292 -12.79 -37.78 9.45
CA SER C 292 -11.47 -37.71 10.07
C SER C 292 -11.13 -36.36 10.69
N VAL C 293 -11.86 -35.29 10.37
CA VAL C 293 -11.48 -33.96 10.82
C VAL C 293 -12.56 -33.32 11.66
N MET C 294 -13.71 -32.99 11.07
CA MET C 294 -14.81 -32.45 11.86
C MET C 294 -16.10 -32.60 11.06
N PRO C 295 -17.22 -32.83 11.73
CA PRO C 295 -18.50 -32.91 11.02
C PRO C 295 -18.97 -31.54 10.57
N VAL C 296 -19.97 -31.54 9.69
N VAL C 296 -19.98 -31.57 9.69
CA VAL C 296 -20.44 -30.29 9.10
CA VAL C 296 -20.52 -30.36 9.09
C VAL C 296 -21.09 -29.37 10.12
C VAL C 296 -21.01 -29.38 10.15
N THR C 297 -21.49 -29.90 11.28
CA THR C 297 -22.07 -29.06 12.33
C THR C 297 -21.02 -28.38 13.21
N ALA C 298 -19.74 -28.69 13.04
CA ALA C 298 -18.74 -28.18 13.95
C ALA C 298 -18.65 -26.66 13.90
N ASP C 299 -18.28 -26.07 15.04
CA ASP C 299 -18.14 -24.61 15.20
C ASP C 299 -16.76 -24.20 14.73
N LEU C 300 -16.64 -23.91 13.43
CA LEU C 300 -15.33 -23.58 12.88
C LEU C 300 -14.86 -22.21 13.35
N LYS C 301 -15.78 -21.30 13.65
CA LYS C 301 -15.40 -20.03 14.26
C LYS C 301 -14.59 -20.26 15.53
N ALA C 302 -15.09 -21.12 16.41
CA ALA C 302 -14.39 -21.38 17.68
C ALA C 302 -13.08 -22.12 17.44
N THR C 303 -13.09 -23.13 16.56
CA THR C 303 -11.87 -23.86 16.26
C THR C 303 -10.79 -22.92 15.74
N TYR C 304 -11.14 -22.07 14.78
CA TYR C 304 -10.16 -21.13 14.22
C TYR C 304 -9.62 -20.20 15.30
N ALA C 305 -10.49 -19.72 16.19
CA ALA C 305 -10.06 -18.80 17.24
C ALA C 305 -9.11 -19.46 18.23
N ASN C 306 -9.34 -20.74 18.55
CA ASN C 306 -8.46 -21.44 19.48
C ASN C 306 -7.06 -21.59 18.89
N ALA C 307 -6.96 -21.68 17.57
CA ALA C 307 -5.67 -21.65 16.87
C ALA C 307 -4.74 -22.78 17.32
N ASN C 308 -5.30 -23.97 17.51
CA ASN C 308 -4.49 -25.13 17.83
C ASN C 308 -3.71 -25.60 16.61
N GLY C 309 -2.44 -25.95 16.83
CA GLY C 309 -1.59 -26.50 15.78
C GLY C 309 -1.72 -25.80 14.45
N ASN C 310 -2.06 -26.56 13.40
CA ASN C 310 -2.22 -26.03 12.06
C ASN C 310 -3.67 -25.86 11.66
N ASP C 311 -4.57 -25.71 12.63
CA ASP C 311 -6.00 -25.64 12.34
C ASP C 311 -6.33 -24.43 11.46
N GLN C 312 -5.69 -23.29 11.71
CA GLN C 312 -6.01 -22.09 10.95
C GLN C 312 -5.63 -22.26 9.49
N SER C 313 -4.41 -22.75 9.23
N SER C 313 -4.42 -22.76 9.21
CA SER C 313 -3.99 -22.98 7.84
CA SER C 313 -3.99 -22.96 7.83
C SER C 313 -4.88 -24.01 7.16
C SER C 313 -4.85 -24.03 7.15
N PHE C 314 -5.27 -25.05 7.89
CA PHE C 314 -6.13 -26.07 7.30
C PHE C 314 -7.49 -25.50 6.93
N LEU C 315 -8.09 -24.70 7.83
CA LEU C 315 -9.38 -24.11 7.52
C LEU C 315 -9.27 -23.11 6.38
N GLN C 316 -8.19 -22.34 6.34
CA GLN C 316 -7.93 -21.49 5.18
C GLN C 316 -7.85 -22.32 3.91
N ASP C 317 -7.10 -23.42 3.94
CA ASP C 317 -6.93 -24.26 2.76
C ASP C 317 -8.23 -24.94 2.37
N LEU C 318 -9.05 -25.33 3.35
CA LEU C 318 -10.34 -25.93 3.01
C LEU C 318 -11.25 -24.92 2.32
N ALA C 319 -11.27 -23.67 2.80
CA ALA C 319 -12.01 -22.62 2.13
C ALA C 319 -11.55 -22.47 0.69
N MET C 320 -10.23 -22.42 0.48
CA MET C 320 -9.70 -22.30 -0.88
C MET C 320 -10.12 -23.49 -1.74
N PHE C 321 -10.05 -24.70 -1.20
CA PHE C 321 -10.44 -25.89 -1.95
C PHE C 321 -11.91 -25.84 -2.33
N LEU C 322 -12.78 -25.62 -1.35
CA LEU C 322 -14.22 -25.64 -1.61
C LEU C 322 -14.61 -24.56 -2.60
N THR C 323 -14.15 -23.32 -2.39
CA THR C 323 -14.52 -22.24 -3.28
C THR C 323 -13.99 -22.47 -4.69
N THR C 324 -12.73 -22.92 -4.80
CA THR C 324 -12.15 -23.18 -6.11
C THR C 324 -12.95 -24.25 -6.86
N TYR C 325 -13.16 -25.40 -6.22
CA TYR C 325 -13.86 -26.50 -6.88
C TYR C 325 -15.28 -26.11 -7.25
N LEU C 326 -16.00 -25.51 -6.30
CA LEU C 326 -17.42 -25.26 -6.52
C LEU C 326 -17.63 -24.17 -7.58
N ALA C 327 -16.77 -23.15 -7.59
CA ALA C 327 -16.91 -22.11 -8.61
C ALA C 327 -16.81 -22.70 -10.01
N ARG C 328 -16.05 -23.78 -10.18
CA ARG C 328 -15.90 -24.39 -11.48
C ARG C 328 -16.87 -25.53 -11.76
N ASN C 329 -17.24 -26.32 -10.73
CA ASN C 329 -17.86 -27.61 -10.95
C ASN C 329 -19.20 -27.84 -10.26
N ARG C 330 -19.78 -26.84 -9.58
CA ARG C 330 -20.97 -27.13 -8.81
C ARG C 330 -22.13 -27.58 -9.69
N ALA C 331 -22.16 -27.15 -10.96
CA ALA C 331 -23.20 -27.63 -11.86
C ALA C 331 -23.15 -29.14 -12.02
N LEU C 332 -21.97 -29.74 -11.89
CA LEU C 332 -21.87 -31.20 -11.90
C LEU C 332 -22.69 -31.85 -10.79
N LEU C 333 -22.98 -31.12 -9.73
CA LEU C 333 -23.64 -31.67 -8.55
C LEU C 333 -25.11 -31.25 -8.44
N GLU C 334 -25.60 -30.39 -9.32
CA GLU C 334 -26.88 -29.73 -9.12
C GLU C 334 -28.07 -30.43 -9.73
N SER C 335 -27.86 -31.39 -10.65
CA SER C 335 -28.97 -32.07 -11.31
C SER C 335 -29.19 -33.49 -10.80
N ASP C 336 -28.11 -34.23 -10.55
CA ASP C 336 -28.23 -35.59 -10.03
C ASP C 336 -28.71 -35.54 -8.58
N GLU C 337 -29.88 -36.13 -8.32
CA GLU C 337 -30.45 -36.10 -6.97
C GLU C 337 -29.55 -36.81 -5.96
N SER C 338 -28.79 -37.81 -6.40
CA SER C 338 -27.90 -38.50 -5.48
C SER C 338 -26.71 -37.65 -5.05
N LEU C 339 -26.47 -36.51 -5.72
CA LEU C 339 -25.36 -35.64 -5.39
C LEU C 339 -25.79 -34.41 -4.62
N ARG C 340 -27.07 -34.29 -4.28
CA ARG C 340 -27.57 -33.08 -3.64
C ARG C 340 -27.02 -32.91 -2.23
N GLU C 341 -26.98 -34.00 -1.46
CA GLU C 341 -26.44 -33.92 -0.11
C GLU C 341 -24.97 -33.47 -0.13
N LEU C 342 -24.19 -34.02 -1.06
CA LEU C 342 -22.80 -33.58 -1.20
C LEU C 342 -22.74 -32.08 -1.50
N LEU C 343 -23.56 -31.63 -2.44
CA LEU C 343 -23.55 -30.23 -2.82
C LEU C 343 -23.85 -29.33 -1.63
N LEU C 344 -24.88 -29.68 -0.85
CA LEU C 344 -25.29 -28.83 0.25
C LEU C 344 -24.35 -28.96 1.45
N ASN C 345 -23.80 -30.15 1.68
CA ASN C 345 -22.81 -30.30 2.76
C ASN C 345 -21.58 -29.46 2.49
N ALA C 346 -21.11 -29.45 1.24
CA ALA C 346 -19.97 -28.61 0.89
C ALA C 346 -20.28 -27.14 1.14
N HIS C 347 -21.47 -26.69 0.73
CA HIS C 347 -21.84 -25.30 0.99
C HIS C 347 -22.10 -25.05 2.46
N GLN C 348 -22.51 -26.06 3.21
CA GLN C 348 -22.69 -25.88 4.64
C GLN C 348 -21.35 -25.69 5.34
N TYR C 349 -20.31 -26.43 4.91
CA TYR C 349 -18.97 -26.16 5.41
C TYR C 349 -18.57 -24.72 5.12
N LEU C 350 -18.90 -24.22 3.93
CA LEU C 350 -18.57 -22.85 3.59
C LEU C 350 -19.33 -21.85 4.48
N ILE C 351 -20.61 -22.13 4.77
CA ILE C 351 -21.33 -21.30 5.73
C ILE C 351 -20.58 -21.23 7.06
N GLN C 352 -20.15 -22.39 7.56
CA GLN C 352 -19.44 -22.42 8.85
C GLN C 352 -18.10 -21.70 8.75
N LEU C 353 -17.40 -21.84 7.63
CA LEU C 353 -16.14 -21.13 7.43
C LEU C 353 -16.35 -19.62 7.37
N SER C 354 -17.53 -19.18 6.90
CA SER C 354 -17.81 -17.76 6.75
C SER C 354 -18.11 -17.07 8.08
N LYS C 355 -18.28 -17.84 9.15
CA LYS C 355 -18.48 -17.27 10.48
C LYS C 355 -17.17 -17.02 11.20
N ILE C 356 -16.05 -17.51 10.67
CA ILE C 356 -14.74 -17.28 11.27
C ILE C 356 -14.43 -15.79 11.30
N GLU C 357 -13.90 -15.33 12.44
N GLU C 357 -13.90 -15.33 12.43
CA GLU C 357 -13.42 -13.97 12.58
CA GLU C 357 -13.44 -13.94 12.55
C GLU C 357 -12.01 -13.92 11.99
C GLU C 357 -12.02 -13.86 12.01
N GLU C 358 -11.93 -13.57 10.71
CA GLU C 358 -10.64 -13.42 10.04
C GLU C 358 -10.94 -12.69 8.73
N ARG C 359 -10.54 -11.42 8.67
N ARG C 359 -10.50 -11.43 8.64
CA ARG C 359 -10.93 -10.54 7.57
CA ARG C 359 -10.97 -10.56 7.57
C ARG C 359 -10.61 -11.15 6.21
C ARG C 359 -10.60 -11.11 6.20
N GLU C 360 -9.35 -11.55 6.02
CA GLU C 360 -8.92 -11.99 4.70
C GLU C 360 -9.59 -13.30 4.30
N LEU C 361 -9.83 -14.20 5.25
CA LEU C 361 -10.57 -15.41 4.94
C LEU C 361 -12.01 -15.09 4.57
N PHE C 362 -12.64 -14.17 5.29
CA PHE C 362 -14.01 -13.79 4.99
C PHE C 362 -14.11 -13.25 3.56
N LYS C 363 -13.12 -12.47 3.13
CA LYS C 363 -13.13 -11.95 1.77
C LYS C 363 -13.01 -13.07 0.75
N THR C 364 -12.28 -14.13 1.07
CA THR C 364 -12.18 -15.26 0.16
C THR C 364 -13.52 -15.96 0.02
N THR C 365 -14.21 -16.19 1.14
CA THR C 365 -15.50 -16.87 1.06
C THR C 365 -16.55 -15.95 0.46
N LEU C 366 -16.47 -14.64 0.75
CA LEU C 366 -17.44 -13.70 0.19
C LEU C 366 -17.34 -13.63 -1.32
N ASP C 367 -16.11 -13.66 -1.86
N ASP C 367 -16.12 -13.71 -1.87
CA ASP C 367 -15.93 -13.73 -3.31
CA ASP C 367 -15.96 -13.72 -3.32
C ASP C 367 -16.71 -14.91 -3.89
C ASP C 367 -16.66 -14.93 -3.93
N TYR C 368 -16.61 -16.08 -3.25
CA TYR C 368 -17.34 -17.23 -3.74
C TYR C 368 -18.85 -17.01 -3.64
N TRP C 369 -19.31 -16.51 -2.49
CA TRP C 369 -20.75 -16.27 -2.34
C TRP C 369 -21.27 -15.35 -3.44
N HIS C 370 -20.50 -14.33 -3.78
CA HIS C 370 -20.88 -13.45 -4.88
C HIS C 370 -21.03 -14.25 -6.18
N ASN C 371 -20.05 -15.10 -6.47
CA ASN C 371 -20.13 -15.98 -7.63
C ASN C 371 -21.41 -16.81 -7.61
N LEU C 372 -21.77 -17.33 -6.45
CA LEU C 372 -22.96 -18.17 -6.35
C LEU C 372 -24.24 -17.37 -6.57
N VAL C 373 -24.44 -16.30 -5.79
CA VAL C 373 -25.74 -15.64 -5.82
C VAL C 373 -25.97 -14.94 -7.15
N ALA C 374 -24.92 -14.46 -7.80
CA ALA C 374 -25.06 -13.90 -9.14
C ALA C 374 -25.57 -14.97 -10.10
N ASP C 375 -25.10 -16.21 -9.96
CA ASP C 375 -25.57 -17.30 -10.80
C ASP C 375 -27.02 -17.64 -10.49
N LEU C 376 -27.39 -17.66 -9.20
CA LEU C 376 -28.78 -17.92 -8.84
C LEU C 376 -29.71 -16.83 -9.32
N PHE C 377 -29.19 -15.60 -9.44
CA PHE C 377 -30.00 -14.47 -9.89
C PHE C 377 -30.36 -14.58 -11.35
N TYR C 378 -29.47 -15.17 -12.17
CA TYR C 378 -29.65 -15.21 -13.62
C TYR C 378 -30.01 -16.58 -14.15
N GLU C 379 -29.55 -17.67 -13.51
CA GLU C 379 -29.66 -19.00 -14.10
C GLU C 379 -31.00 -19.63 -13.75
N PRO C 380 -31.79 -20.07 -14.72
CA PRO C 380 -33.09 -20.68 -14.41
C PRO C 380 -32.95 -21.89 -13.49
N LEU C 381 -33.91 -22.01 -12.57
CA LEU C 381 -34.16 -23.24 -11.82
C LEU C 381 -33.06 -23.61 -10.83
N LYS C 382 -32.18 -22.68 -10.48
CA LYS C 382 -31.11 -22.98 -9.54
C LYS C 382 -31.39 -22.49 -8.12
N LYS C 383 -32.05 -21.34 -7.95
CA LYS C 383 -32.11 -20.72 -6.63
C LYS C 383 -32.81 -21.60 -5.61
N HIS C 384 -33.76 -22.44 -6.02
CA HIS C 384 -34.49 -23.25 -5.04
C HIS C 384 -33.58 -24.29 -4.39
N ILE C 385 -32.51 -24.71 -5.07
CA ILE C 385 -31.59 -25.68 -4.50
C ILE C 385 -30.96 -25.13 -3.23
N TYR C 386 -30.60 -23.84 -3.25
CA TYR C 386 -29.76 -23.23 -2.24
C TYR C 386 -30.54 -22.40 -1.24
N GLU C 387 -31.85 -22.64 -1.12
CA GLU C 387 -32.70 -21.76 -0.31
C GLU C 387 -32.23 -21.70 1.14
N GLU C 388 -31.91 -22.84 1.74
CA GLU C 388 -31.50 -22.83 3.14
C GLU C 388 -30.06 -22.31 3.29
N ILE C 389 -29.20 -22.56 2.32
CA ILE C 389 -27.87 -21.95 2.35
C ILE C 389 -27.98 -20.44 2.31
N CYS C 390 -28.79 -19.92 1.38
CA CYS C 390 -28.89 -18.47 1.22
C CYS C 390 -29.51 -17.82 2.45
N SER C 391 -30.47 -18.49 3.07
CA SER C 391 -31.08 -17.96 4.28
C SER C 391 -30.04 -17.79 5.39
N GLN C 392 -29.19 -18.81 5.58
CA GLN C 392 -28.12 -18.69 6.56
C GLN C 392 -27.14 -17.59 6.17
N LEU C 393 -26.85 -17.47 4.87
CA LEU C 393 -25.89 -16.49 4.40
C LEU C 393 -26.39 -15.07 4.66
N ARG C 394 -27.70 -14.84 4.52
CA ARG C 394 -28.25 -13.53 4.85
C ARG C 394 -27.87 -13.11 6.24
N LEU C 395 -28.01 -14.02 7.21
CA LEU C 395 -27.68 -13.69 8.59
C LEU C 395 -26.18 -13.47 8.76
N VAL C 396 -25.36 -14.31 8.12
CA VAL C 396 -23.91 -14.17 8.23
C VAL C 396 -23.49 -12.77 7.77
N ILE C 397 -23.98 -12.33 6.61
CA ILE C 397 -23.52 -11.07 6.06
C ILE C 397 -24.05 -9.89 6.86
N ILE C 398 -25.34 -9.96 7.25
CA ILE C 398 -25.90 -8.90 8.08
C ILE C 398 -25.10 -8.73 9.36
N GLU C 399 -24.77 -9.85 10.01
CA GLU C 399 -24.06 -9.80 11.28
C GLU C 399 -22.60 -9.39 11.13
N ASN C 400 -22.06 -9.41 9.91
CA ASN C 400 -20.66 -9.06 9.70
C ASN C 400 -20.51 -7.84 8.79
N MET C 401 -21.59 -7.05 8.64
CA MET C 401 -21.53 -5.84 7.83
C MET C 401 -20.52 -4.87 8.42
N VAL C 402 -19.67 -4.30 7.57
CA VAL C 402 -18.65 -3.36 8.00
C VAL C 402 -19.06 -1.95 7.62
N ARG C 403 -18.32 -0.98 8.17
CA ARG C 403 -18.67 0.43 8.04
C ARG C 403 -18.63 0.87 6.59
N PRO C 404 -19.69 1.47 6.06
CA PRO C 404 -19.66 1.89 4.65
C PRO C 404 -18.60 2.96 4.37
N GLU C 405 -18.55 4.01 5.19
CA GLU C 405 -17.49 5.01 5.09
C GLU C 405 -17.63 6.04 6.20
N THR C 427 -11.80 -1.61 4.08
CA THR C 427 -13.10 -1.63 4.76
C THR C 427 -14.19 -1.09 3.84
N ILE C 428 -13.88 -0.02 3.11
CA ILE C 428 -14.82 0.48 2.10
C ILE C 428 -15.04 -0.59 1.04
N GLN C 429 -13.96 -1.22 0.58
CA GLN C 429 -14.09 -2.28 -0.44
C GLN C 429 -14.92 -3.44 0.09
N LEU C 430 -14.67 -3.85 1.34
CA LEU C 430 -15.41 -4.97 1.89
C LEU C 430 -16.90 -4.65 1.99
N TYR C 431 -17.24 -3.42 2.38
CA TYR C 431 -18.65 -3.04 2.45
C TYR C 431 -19.31 -3.18 1.09
N LYS C 432 -18.66 -2.67 0.04
CA LYS C 432 -19.24 -2.74 -1.29
C LYS C 432 -19.43 -4.19 -1.74
N SER C 433 -18.50 -5.08 -1.37
CA SER C 433 -18.64 -6.49 -1.72
C SER C 433 -19.76 -7.13 -0.93
N GLU C 434 -19.87 -6.82 0.36
CA GLU C 434 -20.98 -7.32 1.16
C GLU C 434 -22.31 -6.80 0.64
N ARG C 435 -22.37 -5.51 0.31
CA ARG C 435 -23.61 -4.94 -0.23
C ARG C 435 -24.03 -5.65 -1.50
N GLU C 436 -23.08 -5.92 -2.39
CA GLU C 436 -23.38 -6.60 -3.65
C GLU C 436 -24.01 -7.97 -3.39
N VAL C 437 -23.43 -8.76 -2.49
CA VAL C 437 -23.97 -10.07 -2.20
C VAL C 437 -25.35 -9.94 -1.54
N LEU C 438 -25.50 -8.99 -0.62
CA LEU C 438 -26.76 -8.88 0.10
C LEU C 438 -27.87 -8.38 -0.80
N VAL C 439 -27.55 -7.55 -1.79
CA VAL C 439 -28.54 -7.11 -2.77
C VAL C 439 -29.05 -8.30 -3.57
N TYR C 440 -28.14 -9.12 -4.09
CA TYR C 440 -28.55 -10.35 -4.76
C TYR C 440 -29.42 -11.21 -3.85
N LEU C 441 -28.97 -11.42 -2.61
CA LEU C 441 -29.74 -12.25 -1.68
C LEU C 441 -31.12 -11.67 -1.41
N THR C 442 -31.24 -10.35 -1.46
CA THR C 442 -32.53 -9.71 -1.24
C THR C 442 -33.47 -9.94 -2.43
N HIS C 443 -32.96 -9.81 -3.66
CA HIS C 443 -33.75 -10.17 -4.83
C HIS C 443 -34.17 -11.63 -4.79
N LEU C 444 -33.27 -12.51 -4.36
CA LEU C 444 -33.58 -13.94 -4.36
C LEU C 444 -34.73 -14.27 -3.41
N ASN C 445 -34.87 -13.53 -2.31
CA ASN C 445 -36.00 -13.76 -1.41
C ASN C 445 -36.18 -12.51 -0.54
N VAL C 446 -36.98 -11.57 -1.03
N VAL C 446 -36.97 -11.56 -1.03
CA VAL C 446 -37.17 -10.30 -0.31
CA VAL C 446 -37.15 -10.30 -0.30
C VAL C 446 -37.81 -10.56 1.05
C VAL C 446 -37.81 -10.56 1.05
N ILE C 447 -38.71 -11.53 1.12
CA ILE C 447 -39.45 -11.78 2.35
C ILE C 447 -38.52 -12.25 3.46
N ASP C 448 -37.65 -13.21 3.14
CA ASP C 448 -36.72 -13.74 4.15
C ASP C 448 -35.75 -12.65 4.63
N THR C 449 -35.28 -11.81 3.71
CA THR C 449 -34.36 -10.74 4.10
C THR C 449 -35.03 -9.79 5.10
N GLU C 450 -36.23 -9.33 4.76
CA GLU C 450 -36.94 -8.41 5.65
C GLU C 450 -37.13 -9.03 7.03
N GLU C 451 -37.57 -10.29 7.08
CA GLU C 451 -37.83 -10.94 8.36
C GLU C 451 -36.58 -11.02 9.21
N ILE C 452 -35.45 -11.37 8.61
CA ILE C 452 -34.20 -11.45 9.35
C ILE C 452 -33.85 -10.08 9.95
N MET C 453 -34.01 -9.02 9.16
CA MET C 453 -33.63 -7.70 9.64
C MET C 453 -34.58 -7.22 10.73
N ILE C 454 -35.89 -7.38 10.54
CA ILE C 454 -36.82 -6.99 11.60
C ILE C 454 -36.55 -7.78 12.87
N SER C 455 -36.30 -9.08 12.74
CA SER C 455 -36.00 -9.91 13.91
C SER C 455 -34.72 -9.42 14.59
N LYS C 456 -33.68 -9.12 13.81
CA LYS C 456 -32.47 -8.57 14.41
C LYS C 456 -32.76 -7.28 15.17
N LEU C 457 -33.62 -6.43 14.60
CA LEU C 457 -33.96 -5.19 15.27
C LEU C 457 -34.71 -5.44 16.57
N ALA C 458 -35.56 -6.48 16.59
CA ALA C 458 -36.26 -6.82 17.82
C ALA C 458 -35.31 -7.19 18.93
N ARG C 459 -34.18 -7.82 18.60
CA ARG C 459 -33.21 -8.23 19.60
C ARG C 459 -32.34 -7.07 20.07
N GLN C 460 -32.32 -5.95 19.35
CA GLN C 460 -31.76 -4.72 19.89
C GLN C 460 -32.69 -4.13 20.95
N ILE C 461 -33.98 -4.08 20.64
CA ILE C 461 -34.94 -3.47 21.54
C ILE C 461 -35.05 -4.26 22.83
N ASP C 462 -35.06 -5.60 22.75
CA ASP C 462 -35.19 -6.42 23.95
C ASP C 462 -33.87 -6.60 24.69
N GLY C 463 -32.78 -5.98 24.21
CA GLY C 463 -31.51 -5.99 24.91
C GLY C 463 -30.67 -7.23 24.71
N SER C 464 -31.22 -8.31 24.14
CA SER C 464 -30.47 -9.56 24.05
C SER C 464 -29.22 -9.41 23.21
N GLU C 465 -29.20 -8.47 22.27
CA GLU C 465 -28.05 -8.25 21.39
C GLU C 465 -27.70 -6.77 21.28
N TRP C 466 -28.03 -5.99 22.30
CA TRP C 466 -27.82 -4.55 22.24
C TRP C 466 -26.37 -4.18 22.50
N SER C 467 -25.81 -3.40 21.58
CA SER C 467 -24.52 -2.75 21.79
C SER C 467 -24.39 -1.67 20.73
N TRP C 468 -23.49 -0.72 20.98
CA TRP C 468 -23.23 0.32 20.00
C TRP C 468 -22.81 -0.29 18.66
N HIS C 469 -21.84 -1.20 18.70
CA HIS C 469 -21.40 -1.85 17.47
C HIS C 469 -22.54 -2.62 16.81
N ASN C 470 -23.36 -3.28 17.60
CA ASN C 470 -24.39 -4.16 17.02
C ASN C 470 -25.48 -3.36 16.32
N ILE C 471 -25.91 -2.25 16.91
CA ILE C 471 -26.93 -1.44 16.24
C ILE C 471 -26.35 -0.75 15.02
N ASN C 472 -25.08 -0.35 15.07
CA ASN C 472 -24.45 0.24 13.89
C ASN C 472 -24.39 -0.78 12.75
N THR C 473 -23.92 -1.99 13.04
CA THR C 473 -23.81 -3.02 12.01
C THR C 473 -25.14 -3.30 11.35
N LEU C 474 -26.22 -3.39 12.14
CA LEU C 474 -27.53 -3.68 11.57
C LEU C 474 -28.03 -2.52 10.73
N SER C 475 -27.76 -1.30 11.16
CA SER C 475 -28.21 -0.14 10.39
C SER C 475 -27.48 -0.02 9.06
N TRP C 476 -26.22 -0.41 9.01
CA TRP C 476 -25.49 -0.45 7.74
C TRP C 476 -26.07 -1.53 6.82
N ALA C 477 -26.43 -2.69 7.40
CA ALA C 477 -27.01 -3.76 6.59
C ALA C 477 -28.36 -3.33 6.02
N ILE C 478 -29.22 -2.76 6.86
CA ILE C 478 -30.52 -2.28 6.40
C ILE C 478 -30.34 -1.24 5.30
N GLY C 479 -29.40 -0.31 5.50
CA GLY C 479 -29.19 0.73 4.50
C GLY C 479 -28.63 0.20 3.19
N SER C 480 -27.94 -0.95 3.24
CA SER C 480 -27.21 -1.43 2.07
C SER C 480 -28.13 -2.03 1.00
N ILE C 481 -29.36 -2.41 1.35
CA ILE C 481 -30.25 -3.07 0.39
C ILE C 481 -31.25 -2.09 -0.23
N SER C 482 -31.08 -0.79 -0.01
CA SER C 482 -32.00 0.18 -0.59
C SER C 482 -32.01 0.07 -2.11
N GLY C 483 -33.19 0.21 -2.69
CA GLY C 483 -33.36 0.05 -4.12
C GLY C 483 -33.61 -1.37 -4.57
N THR C 484 -33.74 -2.31 -3.65
N THR C 484 -33.81 -2.30 -3.64
CA THR C 484 -34.03 -3.70 -3.97
CA THR C 484 -34.01 -3.71 -3.97
C THR C 484 -35.50 -4.02 -3.83
C THR C 484 -35.42 -4.20 -3.72
N MET C 485 -36.10 -3.70 -2.68
CA MET C 485 -37.50 -4.01 -2.44
C MET C 485 -38.37 -3.17 -3.37
N SER C 486 -39.64 -3.59 -3.48
CA SER C 486 -40.62 -2.74 -4.14
C SER C 486 -40.82 -1.47 -3.33
N GLU C 487 -41.27 -0.42 -4.02
CA GLU C 487 -41.50 0.86 -3.34
C GLU C 487 -42.52 0.70 -2.22
N ASP C 488 -43.57 -0.10 -2.45
CA ASP C 488 -44.57 -0.33 -1.41
C ASP C 488 -43.98 -1.10 -0.23
N THR C 489 -43.34 -2.23 -0.48
CA THR C 489 -42.69 -2.97 0.59
C THR C 489 -41.62 -2.12 1.26
N GLU C 490 -40.79 -1.44 0.46
CA GLU C 490 -39.78 -0.55 1.01
C GLU C 490 -40.40 0.44 1.97
N LYS C 491 -41.53 1.03 1.59
CA LYS C 491 -42.18 2.05 2.41
C LYS C 491 -42.59 1.48 3.76
N ARG C 492 -43.32 0.37 3.76
CA ARG C 492 -43.67 -0.28 5.03
C ARG C 492 -42.42 -0.72 5.78
N PHE C 493 -41.42 -1.22 5.04
CA PHE C 493 -40.16 -1.62 5.66
C PHE C 493 -39.49 -0.44 6.34
N VAL C 494 -39.29 0.65 5.59
CA VAL C 494 -38.68 1.85 6.17
C VAL C 494 -39.46 2.31 7.39
N VAL C 495 -40.79 2.41 7.25
CA VAL C 495 -41.61 2.84 8.38
C VAL C 495 -41.34 1.96 9.58
N THR C 496 -41.42 0.64 9.40
CA THR C 496 -41.21 -0.28 10.51
C THR C 496 -39.85 -0.07 11.16
N VAL C 497 -38.80 0.06 10.34
CA VAL C 497 -37.45 0.22 10.88
C VAL C 497 -37.36 1.51 11.69
N ILE C 498 -37.81 2.62 11.11
CA ILE C 498 -37.71 3.91 11.80
C ILE C 498 -38.53 3.89 13.09
N LYS C 499 -39.75 3.37 13.02
CA LYS C 499 -40.57 3.22 14.21
C LYS C 499 -39.80 2.45 15.29
N ASP C 500 -39.27 1.28 14.94
CA ASP C 500 -38.52 0.49 15.91
C ASP C 500 -37.28 1.22 16.39
N LEU C 501 -36.59 1.93 15.49
CA LEU C 501 -35.40 2.67 15.89
C LEU C 501 -35.75 3.84 16.80
N LEU C 502 -36.81 4.57 16.47
CA LEU C 502 -37.27 5.66 17.34
C LEU C 502 -37.59 5.13 18.73
N GLY C 503 -38.32 4.02 18.81
CA GLY C 503 -38.59 3.41 20.11
C GLY C 503 -37.33 3.00 20.82
N LEU C 504 -36.36 2.44 20.08
CA LEU C 504 -35.09 2.07 20.68
C LEU C 504 -34.39 3.28 21.28
N CYS C 505 -34.42 4.42 20.58
CA CYS C 505 -33.77 5.61 21.10
C CYS C 505 -34.51 6.15 22.32
N GLU C 506 -35.84 6.11 22.30
CA GLU C 506 -36.62 6.65 23.40
C GLU C 506 -36.33 5.91 24.70
N GLN C 507 -36.20 4.58 24.64
CA GLN C 507 -36.02 3.79 25.85
C GLN C 507 -34.64 3.93 26.44
N LYS C 508 -33.66 4.43 25.69
CA LYS C 508 -32.31 4.59 26.21
C LYS C 508 -32.15 5.92 26.93
N ARG C 509 -31.10 6.00 27.75
CA ARG C 509 -30.81 7.18 28.53
C ARG C 509 -29.31 7.44 28.49
N GLY C 510 -28.93 8.66 28.85
CA GLY C 510 -27.54 9.05 28.95
C GLY C 510 -27.02 9.88 27.80
N LYS C 511 -27.75 9.92 26.68
CA LYS C 511 -27.39 10.73 25.51
C LYS C 511 -26.19 10.15 24.76
N ASP C 512 -25.30 9.44 25.46
CA ASP C 512 -24.32 8.61 24.77
C ASP C 512 -25.02 7.52 23.98
N ASN C 513 -25.96 6.83 24.61
CA ASN C 513 -26.75 5.81 23.91
C ASN C 513 -27.72 6.45 22.92
N LYS C 514 -28.35 7.56 23.31
CA LYS C 514 -29.30 8.22 22.41
C LYS C 514 -28.59 8.81 21.19
N ALA C 515 -27.33 9.22 21.34
CA ALA C 515 -26.59 9.74 20.20
C ALA C 515 -26.35 8.64 19.17
N VAL C 516 -25.96 7.45 19.63
CA VAL C 516 -25.68 6.34 18.72
C VAL C 516 -26.91 6.01 17.89
N VAL C 517 -28.07 5.91 18.53
CA VAL C 517 -29.27 5.45 17.83
C VAL C 517 -29.80 6.55 16.90
N ALA C 518 -29.70 7.81 17.33
CA ALA C 518 -30.14 8.91 16.47
C ALA C 518 -29.31 8.97 15.20
N SER C 519 -28.00 8.71 15.31
CA SER C 519 -27.15 8.69 14.11
C SER C 519 -27.57 7.58 13.17
N ASP C 520 -27.87 6.39 13.71
CA ASP C 520 -28.29 5.27 12.87
C ASP C 520 -29.64 5.55 12.22
N ILE C 521 -30.53 6.27 12.91
CA ILE C 521 -31.79 6.67 12.29
C ILE C 521 -31.51 7.54 11.07
N MET C 522 -30.63 8.53 11.23
CA MET C 522 -30.30 9.41 10.12
C MET C 522 -29.54 8.68 9.03
N TYR C 523 -28.72 7.69 9.38
CA TYR C 523 -28.04 6.94 8.35
C TYR C 523 -29.02 6.18 7.46
N VAL C 524 -30.03 5.55 8.08
CA VAL C 524 -30.96 4.73 7.31
C VAL C 524 -31.77 5.59 6.35
N VAL C 525 -32.32 6.70 6.85
CA VAL C 525 -33.13 7.57 5.99
C VAL C 525 -32.28 8.12 4.85
N GLY C 526 -31.02 8.45 5.13
CA GLY C 526 -30.13 8.90 4.08
C GLY C 526 -29.88 7.86 3.01
N GLN C 527 -30.09 6.58 3.33
CA GLN C 527 -29.90 5.51 2.35
C GLN C 527 -31.14 5.22 1.52
N TYR C 528 -32.29 5.81 1.85
CA TYR C 528 -33.55 5.53 1.15
C TYR C 528 -34.08 6.82 0.53
N PRO C 529 -33.36 7.37 -0.45
CA PRO C 529 -33.84 8.60 -1.10
C PRO C 529 -35.16 8.43 -1.81
N ARG C 530 -35.44 7.24 -2.33
CA ARG C 530 -36.72 6.99 -2.99
C ARG C 530 -37.88 7.25 -2.03
N PHE C 531 -37.75 6.80 -0.78
CA PHE C 531 -38.76 7.07 0.23
C PHE C 531 -38.86 8.57 0.53
N LEU C 532 -37.72 9.26 0.61
CA LEU C 532 -37.73 10.69 0.90
C LEU C 532 -38.38 11.48 -0.23
N LYS C 533 -38.09 11.12 -1.48
CA LYS C 533 -38.63 11.88 -2.60
C LYS C 533 -40.14 11.74 -2.71
N ALA C 534 -40.69 10.62 -2.22
CA ALA C 534 -42.14 10.41 -2.27
C ALA C 534 -42.90 11.01 -1.10
N HIS C 535 -42.20 11.39 -0.03
CA HIS C 535 -42.84 11.89 1.19
C HIS C 535 -42.16 13.21 1.57
N TRP C 536 -42.60 14.30 0.94
CA TRP C 536 -41.99 15.60 1.17
C TRP C 536 -42.07 16.00 2.64
N ASN C 537 -43.23 15.83 3.25
CA ASN C 537 -43.37 16.21 4.66
C ASN C 537 -42.37 15.46 5.53
N PHE C 538 -42.12 14.18 5.21
CA PHE C 538 -41.10 13.42 5.91
C PHE C 538 -39.71 13.98 5.63
N LEU C 539 -39.40 14.24 4.35
CA LEU C 539 -38.09 14.78 4.00
C LEU C 539 -37.85 16.12 4.68
N ARG C 540 -38.87 16.99 4.69
CA ARG C 540 -38.73 18.29 5.35
C ARG C 540 -38.42 18.11 6.82
N THR C 541 -39.15 17.22 7.50
CA THR C 541 -38.95 16.99 8.93
C THR C 541 -37.53 16.49 9.21
N VAL C 542 -37.02 15.60 8.36
CA VAL C 542 -35.65 15.11 8.54
C VAL C 542 -34.67 16.29 8.52
N ILE C 543 -34.78 17.14 7.50
CA ILE C 543 -33.82 18.24 7.35
C ILE C 543 -33.87 19.16 8.55
N LEU C 544 -35.08 19.57 8.95
CA LEU C 544 -35.20 20.46 10.11
C LEU C 544 -34.57 19.82 11.35
N LYS C 545 -34.74 18.51 11.51
CA LYS C 545 -34.12 17.83 12.65
C LYS C 545 -32.61 17.78 12.50
N LEU C 546 -32.10 17.61 11.28
CA LEU C 546 -30.66 17.73 11.05
C LEU C 546 -30.17 19.12 11.44
N PHE C 547 -30.95 20.16 11.11
CA PHE C 547 -30.55 21.51 11.48
C PHE C 547 -30.50 21.70 12.98
N GLU C 548 -31.44 21.10 13.72
CA GLU C 548 -31.37 21.14 15.18
C GLU C 548 -30.09 20.49 15.67
N PHE C 549 -29.77 19.30 15.15
CA PHE C 549 -28.55 18.61 15.55
C PHE C 549 -27.30 19.41 15.23
N MET C 550 -27.38 20.38 14.31
CA MET C 550 -26.23 21.22 14.04
C MET C 550 -25.91 22.15 15.21
N HIS C 551 -26.78 22.20 16.22
CA HIS C 551 -26.51 22.93 17.45
C HIS C 551 -26.07 22.01 18.60
N GLU C 552 -26.12 20.70 18.41
CA GLU C 552 -25.75 19.77 19.46
C GLU C 552 -24.24 19.77 19.65
N THR C 553 -23.80 19.88 20.90
CA THR C 553 -22.38 19.89 21.22
C THR C 553 -21.80 18.50 21.39
N HIS C 554 -22.64 17.49 21.61
CA HIS C 554 -22.15 16.14 21.83
C HIS C 554 -21.22 15.72 20.70
N GLU C 555 -20.09 15.13 21.07
CA GLU C 555 -19.03 14.81 20.12
C GLU C 555 -19.57 14.00 18.94
N GLY C 556 -19.47 14.58 17.74
CA GLY C 556 -19.78 13.89 16.51
C GLY C 556 -21.15 14.17 15.94
N VAL C 557 -22.09 14.66 16.75
CA VAL C 557 -23.45 14.87 16.27
C VAL C 557 -23.47 15.87 15.13
N GLN C 558 -22.65 16.91 15.21
CA GLN C 558 -22.67 17.96 14.19
C GLN C 558 -22.11 17.46 12.86
N ASP C 559 -21.01 16.70 12.91
CA ASP C 559 -20.48 16.11 11.68
C ASP C 559 -21.50 15.19 11.03
N MET C 560 -22.16 14.37 11.83
CA MET C 560 -23.20 13.47 11.31
C MET C 560 -24.31 14.27 10.63
N ALA C 561 -24.75 15.35 11.26
CA ALA C 561 -25.85 16.14 10.68
C ALA C 561 -25.44 16.77 9.37
N CYS C 562 -24.23 17.33 9.29
CA CYS C 562 -23.77 17.94 8.05
C CYS C 562 -23.56 16.88 6.97
N ASP C 563 -22.92 15.76 7.31
CA ASP C 563 -22.71 14.69 6.35
C ASP C 563 -24.03 14.17 5.80
N THR C 564 -25.00 13.92 6.68
CA THR C 564 -26.30 13.43 6.23
C THR C 564 -27.00 14.47 5.37
N PHE C 565 -26.83 15.76 5.71
CA PHE C 565 -27.50 16.82 4.96
C PHE C 565 -27.06 16.82 3.50
N ILE C 566 -25.75 16.91 3.25
CA ILE C 566 -25.28 16.97 1.87
C ILE C 566 -25.56 15.65 1.15
N LYS C 567 -25.55 14.53 1.88
CA LYS C 567 -25.86 13.24 1.27
C LYS C 567 -27.29 13.22 0.75
N ILE C 568 -28.25 13.65 1.57
CA ILE C 568 -29.64 13.70 1.13
C ILE C 568 -29.81 14.68 -0.01
N VAL C 569 -29.13 15.83 0.06
CA VAL C 569 -29.24 16.85 -0.98
C VAL C 569 -28.78 16.30 -2.31
N GLN C 570 -27.63 15.62 -2.31
CA GLN C 570 -27.09 15.08 -3.57
C GLN C 570 -28.09 14.16 -4.25
N LYS C 571 -28.92 13.47 -3.49
CA LYS C 571 -29.85 12.49 -4.04
C LYS C 571 -31.24 13.05 -4.27
N CYS C 572 -31.65 14.08 -3.52
CA CYS C 572 -33.01 14.60 -3.57
C CYS C 572 -33.05 16.07 -3.95
N LYS C 573 -32.01 16.57 -4.62
CA LYS C 573 -31.87 18.01 -4.88
C LYS C 573 -33.10 18.60 -5.57
N TYR C 574 -33.71 17.86 -6.50
CA TYR C 574 -34.84 18.41 -7.25
C TYR C 574 -35.97 18.86 -6.33
N HIS C 575 -36.17 18.16 -5.22
CA HIS C 575 -37.25 18.47 -4.30
C HIS C 575 -36.98 19.69 -3.43
N PHE C 576 -35.76 20.22 -3.46
CA PHE C 576 -35.44 21.46 -2.76
C PHE C 576 -35.57 22.68 -3.66
N VAL C 577 -35.56 22.50 -4.98
CA VAL C 577 -35.49 23.62 -5.91
C VAL C 577 -36.84 23.94 -6.55
N ILE C 578 -37.77 22.98 -6.59
CA ILE C 578 -39.13 23.26 -7.01
C ILE C 578 -39.94 23.67 -5.77
N GLN C 579 -41.06 24.35 -6.02
CA GLN C 579 -42.01 24.64 -4.96
C GLN C 579 -42.94 23.44 -4.80
N GLN C 580 -42.95 22.87 -3.60
CA GLN C 580 -43.76 21.69 -3.34
C GLN C 580 -45.22 22.10 -3.12
N PRO C 581 -46.16 21.18 -3.33
CA PRO C 581 -47.55 21.49 -2.98
C PRO C 581 -47.67 21.86 -1.51
N ARG C 582 -48.60 22.76 -1.23
CA ARG C 582 -48.86 23.28 0.12
C ARG C 582 -47.76 24.21 0.62
N GLU C 583 -46.69 24.42 -0.15
CA GLU C 583 -45.60 25.29 0.24
C GLU C 583 -45.68 26.59 -0.56
N SER C 584 -45.18 27.67 0.04
CA SER C 584 -45.22 28.99 -0.58
C SER C 584 -44.00 29.28 -1.45
N GLU C 585 -42.94 28.48 -1.35
CA GLU C 585 -41.71 28.75 -2.07
C GLU C 585 -40.84 27.48 -2.04
N PRO C 586 -39.87 27.39 -2.95
CA PRO C 586 -38.91 26.29 -2.88
C PRO C 586 -38.17 26.29 -1.55
N PHE C 587 -37.94 25.10 -0.99
CA PHE C 587 -37.32 24.98 0.32
C PHE C 587 -35.91 25.58 0.36
N ILE C 588 -35.22 25.64 -0.78
CA ILE C 588 -33.88 26.23 -0.80
C ILE C 588 -33.93 27.67 -0.32
N GLN C 589 -35.00 28.40 -0.66
CA GLN C 589 -35.17 29.74 -0.14
C GLN C 589 -35.25 29.73 1.37
N THR C 590 -36.00 28.78 1.94
CA THR C 590 -36.15 28.72 3.38
C THR C 590 -34.83 28.39 4.07
N ILE C 591 -34.04 27.50 3.48
CA ILE C 591 -32.73 27.19 4.05
C ILE C 591 -31.86 28.43 4.07
N ILE C 592 -31.89 29.21 2.98
CA ILE C 592 -31.01 30.37 2.88
C ILE C 592 -31.44 31.45 3.86
N ARG C 593 -32.74 31.67 4.00
CA ARG C 593 -33.23 32.70 4.91
C ARG C 593 -32.62 32.57 6.30
N ASP C 594 -32.45 31.33 6.78
CA ASP C 594 -32.05 31.07 8.15
C ASP C 594 -30.61 30.59 8.27
N ILE C 595 -29.80 30.74 7.22
CA ILE C 595 -28.50 30.06 7.20
C ILE C 595 -27.63 30.50 8.37
N GLN C 596 -27.70 31.78 8.74
CA GLN C 596 -26.87 32.27 9.85
C GLN C 596 -27.19 31.51 11.13
N LYS C 597 -28.47 31.36 11.45
CA LYS C 597 -28.86 30.65 12.66
C LYS C 597 -28.49 29.18 12.58
N THR C 598 -28.85 28.52 11.48
CA THR C 598 -28.58 27.10 11.33
C THR C 598 -27.11 26.78 11.58
N THR C 599 -26.21 27.58 11.01
CA THR C 599 -24.79 27.28 10.98
C THR C 599 -24.01 28.00 12.08
N ALA C 600 -24.69 28.70 12.99
CA ALA C 600 -24.00 29.55 13.95
C ALA C 600 -23.07 28.76 14.86
N ASP C 601 -23.38 27.48 15.12
CA ASP C 601 -22.60 26.67 16.04
C ASP C 601 -21.66 25.70 15.34
N LEU C 602 -21.52 25.80 14.01
CA LEU C 602 -20.70 24.87 13.26
C LEU C 602 -19.26 25.37 13.14
N GLN C 603 -18.33 24.42 13.09
CA GLN C 603 -16.95 24.73 12.77
C GLN C 603 -16.87 25.17 11.30
N PRO C 604 -15.83 25.94 10.94
CA PRO C 604 -15.73 26.41 9.55
C PRO C 604 -15.83 25.30 8.51
N GLN C 605 -15.12 24.18 8.70
CA GLN C 605 -15.19 23.10 7.74
C GLN C 605 -16.61 22.60 7.55
N GLN C 606 -17.39 22.56 8.64
CA GLN C 606 -18.77 22.11 8.54
C GLN C 606 -19.64 23.15 7.85
N VAL C 607 -19.36 24.43 8.07
CA VAL C 607 -20.09 25.49 7.39
C VAL C 607 -19.89 25.37 5.88
N HIS C 608 -18.67 25.05 5.45
CA HIS C 608 -18.38 24.95 4.03
C HIS C 608 -19.17 23.81 3.40
N THR C 609 -19.24 22.66 4.08
CA THR C 609 -20.08 21.57 3.61
C THR C 609 -21.52 22.02 3.44
N PHE C 610 -22.03 22.78 4.41
CA PHE C 610 -23.40 23.26 4.34
C PHE C 610 -23.61 24.13 3.11
N TYR C 611 -22.70 25.08 2.87
CA TYR C 611 -22.79 25.94 1.69
C TYR C 611 -22.62 25.15 0.40
N LYS C 612 -21.72 24.17 0.39
CA LYS C 612 -21.57 23.33 -0.79
C LYS C 612 -22.89 22.60 -1.10
N ALA C 613 -23.57 22.11 -0.07
CA ALA C 613 -24.85 21.45 -0.29
C ALA C 613 -25.85 22.41 -0.91
N CYS C 614 -25.88 23.66 -0.44
CA CYS C 614 -26.80 24.65 -1.01
C CYS C 614 -26.49 24.89 -2.48
N GLY C 615 -25.20 24.91 -2.84
CA GLY C 615 -24.83 25.09 -4.24
C GLY C 615 -25.31 23.96 -5.12
N ILE C 616 -25.29 22.73 -4.61
CA ILE C 616 -25.84 21.61 -5.37
C ILE C 616 -27.28 21.88 -5.76
N ILE C 617 -28.08 22.34 -4.81
CA ILE C 617 -29.49 22.62 -5.09
C ILE C 617 -29.61 23.74 -6.11
N ILE C 618 -28.85 24.82 -5.90
CA ILE C 618 -29.02 26.02 -6.72
C ILE C 618 -28.72 25.71 -8.18
N SER C 619 -27.74 24.84 -8.44
CA SER C 619 -27.37 24.54 -9.81
C SER C 619 -28.45 23.79 -10.57
N GLU C 620 -29.43 23.19 -9.89
CA GLU C 620 -30.55 22.56 -10.55
C GLU C 620 -31.65 23.54 -10.94
N GLU C 621 -31.51 24.82 -10.58
CA GLU C 621 -32.47 25.85 -10.97
C GLU C 621 -32.16 26.28 -12.40
N ARG C 622 -33.05 25.94 -13.33
CA ARG C 622 -32.78 26.18 -14.75
C ARG C 622 -32.95 27.64 -15.13
N SER C 623 -33.76 28.40 -14.41
CA SER C 623 -33.89 29.83 -14.68
C SER C 623 -32.64 30.54 -14.20
N VAL C 624 -31.91 31.16 -15.13
CA VAL C 624 -30.63 31.79 -14.80
C VAL C 624 -30.85 32.92 -13.79
N ALA C 625 -31.88 33.74 -13.98
CA ALA C 625 -32.09 34.87 -13.08
C ALA C 625 -32.40 34.41 -11.67
N GLU C 626 -33.22 33.36 -11.53
CA GLU C 626 -33.49 32.80 -10.21
C GLU C 626 -32.23 32.16 -9.63
N ARG C 627 -31.45 31.46 -10.46
CA ARG C 627 -30.25 30.81 -9.97
C ARG C 627 -29.26 31.83 -9.41
N ASN C 628 -29.04 32.93 -10.15
CA ASN C 628 -28.11 33.96 -9.68
C ASN C 628 -28.64 34.66 -8.44
N ARG C 629 -29.95 34.85 -8.35
CA ARG C 629 -30.54 35.45 -7.14
C ARG C 629 -30.29 34.56 -5.92
N LEU C 630 -30.56 33.26 -6.06
CA LEU C 630 -30.25 32.33 -4.98
C LEU C 630 -28.77 32.35 -4.65
N LEU C 631 -27.92 32.36 -5.67
CA LEU C 631 -26.48 32.42 -5.43
C LEU C 631 -26.10 33.67 -4.64
N SER C 632 -26.65 34.83 -5.05
CA SER C 632 -26.40 36.07 -4.31
C SER C 632 -26.83 35.95 -2.87
N ASP C 633 -28.02 35.39 -2.63
CA ASP C 633 -28.52 35.30 -1.27
C ASP C 633 -27.72 34.30 -0.44
N LEU C 634 -27.35 33.15 -1.04
CA LEU C 634 -26.52 32.19 -0.34
C LEU C 634 -25.22 32.82 0.13
N MET C 635 -24.58 33.62 -0.71
CA MET C 635 -23.27 34.19 -0.43
C MET C 635 -23.35 35.52 0.33
N GLN C 636 -24.50 35.85 0.90
CA GLN C 636 -24.66 37.16 1.52
C GLN C 636 -23.71 37.33 2.70
N LEU C 637 -23.64 36.34 3.59
CA LEU C 637 -22.78 36.49 4.76
C LEU C 637 -21.31 36.54 4.39
N PRO C 638 -20.76 35.59 3.63
CA PRO C 638 -19.35 35.74 3.20
C PRO C 638 -19.09 37.02 2.41
N ASN C 639 -20.02 37.44 1.54
CA ASN C 639 -19.80 38.64 0.75
C ASN C 639 -19.75 39.88 1.62
N MET C 640 -20.56 39.93 2.68
CA MET C 640 -20.55 41.10 3.56
C MET C 640 -19.29 41.14 4.41
N ALA C 641 -18.88 39.99 4.96
CA ALA C 641 -17.59 39.93 5.64
C ALA C 641 -16.46 40.30 4.69
N TRP C 642 -16.55 39.83 3.45
CA TRP C 642 -15.54 40.16 2.44
C TRP C 642 -15.46 41.66 2.21
N ASP C 643 -16.60 42.29 1.92
CA ASP C 643 -16.60 43.72 1.60
C ASP C 643 -15.97 44.53 2.71
N THR C 644 -16.32 44.23 3.96
CA THR C 644 -15.75 44.98 5.08
C THR C 644 -14.24 44.80 5.15
N ILE C 645 -13.76 43.56 5.02
CA ILE C 645 -12.32 43.31 5.10
C ILE C 645 -11.59 44.03 3.99
N VAL C 646 -12.06 43.88 2.75
CA VAL C 646 -11.42 44.56 1.63
C VAL C 646 -11.34 46.05 1.91
N GLU C 647 -12.41 46.63 2.47
CA GLU C 647 -12.41 48.06 2.77
C GLU C 647 -11.38 48.41 3.84
N GLN C 648 -11.15 47.51 4.79
CA GLN C 648 -10.19 47.77 5.85
C GLN C 648 -8.77 47.37 5.46
N SER C 649 -8.61 46.21 4.82
CA SER C 649 -7.29 45.80 4.36
C SER C 649 -6.69 46.85 3.42
N THR C 650 -7.52 47.44 2.55
CA THR C 650 -7.01 48.47 1.65
C THR C 650 -6.67 49.74 2.42
N ALA C 651 -7.47 50.08 3.43
CA ALA C 651 -7.21 51.29 4.20
C ALA C 651 -6.04 51.11 5.16
N ASN C 652 -5.85 49.89 5.67
CA ASN C 652 -4.80 49.60 6.64
C ASN C 652 -4.22 48.22 6.34
N PRO C 653 -3.26 48.14 5.41
CA PRO C 653 -2.61 46.85 5.12
C PRO C 653 -2.03 46.18 6.35
N THR C 654 -1.89 46.94 7.45
CA THR C 654 -1.39 46.37 8.69
C THR C 654 -2.37 45.37 9.30
N LEU C 655 -3.67 45.50 8.99
CA LEU C 655 -4.67 44.64 9.61
C LEU C 655 -4.44 43.17 9.27
N LEU C 656 -3.81 42.89 8.12
CA LEU C 656 -3.54 41.51 7.74
C LEU C 656 -2.53 40.84 8.68
N LEU C 657 -1.76 41.62 9.43
CA LEU C 657 -0.90 41.02 10.45
C LEU C 657 -1.72 40.34 11.54
N ASP C 658 -2.99 40.69 11.66
CA ASP C 658 -3.86 40.07 12.65
C ASP C 658 -4.22 38.65 12.20
N SER C 659 -3.80 37.67 13.00
CA SER C 659 -4.07 36.27 12.66
C SER C 659 -5.56 35.99 12.54
N GLU C 660 -6.39 36.73 13.28
CA GLU C 660 -7.83 36.50 13.22
C GLU C 660 -8.41 36.99 11.90
N THR C 661 -7.89 38.09 11.36
CA THR C 661 -8.33 38.55 10.05
C THR C 661 -7.89 37.59 8.96
N VAL C 662 -6.65 37.09 9.05
CA VAL C 662 -6.16 36.13 8.07
C VAL C 662 -7.03 34.89 8.08
N LYS C 663 -7.39 34.39 9.28
CA LYS C 663 -8.23 33.21 9.37
C LYS C 663 -9.62 33.48 8.80
N ILE C 664 -10.17 34.66 9.07
CA ILE C 664 -11.48 35.02 8.53
C ILE C 664 -11.43 35.05 7.00
N ILE C 665 -10.38 35.68 6.44
CA ILE C 665 -10.26 35.78 4.99
C ILE C 665 -10.17 34.39 4.37
N ALA C 666 -9.36 33.51 4.95
CA ALA C 666 -9.21 32.17 4.40
C ALA C 666 -10.53 31.43 4.37
N ASN C 667 -11.33 31.58 5.43
CA ASN C 667 -12.61 30.87 5.49
C ASN C 667 -13.62 31.45 4.51
N ILE C 668 -13.59 32.76 4.25
CA ILE C 668 -14.44 33.32 3.19
C ILE C 668 -14.09 32.68 1.85
N ILE C 669 -12.80 32.64 1.52
N ILE C 669 -12.80 32.64 1.51
CA ILE C 669 -12.38 32.07 0.25
CA ILE C 669 -12.38 32.06 0.25
C ILE C 669 -12.74 30.58 0.19
C ILE C 669 -12.76 30.59 0.19
N LYS C 670 -12.52 29.86 1.29
CA LYS C 670 -12.89 28.45 1.34
C LYS C 670 -14.38 28.24 1.12
N THR C 671 -15.21 29.16 1.63
CA THR C 671 -16.65 29.08 1.38
C THR C 671 -16.94 29.24 -0.11
N ASN C 672 -16.25 30.17 -0.77
CA ASN C 672 -16.39 30.33 -2.21
C ASN C 672 -15.93 29.07 -2.96
N VAL C 673 -14.79 28.50 -2.55
CA VAL C 673 -14.34 27.25 -3.14
C VAL C 673 -15.44 26.19 -3.03
N ALA C 674 -16.01 26.06 -1.83
CA ALA C 674 -17.01 25.02 -1.58
C ALA C 674 -18.21 25.18 -2.51
N VAL C 675 -18.71 26.40 -2.66
CA VAL C 675 -19.86 26.62 -3.53
C VAL C 675 -19.46 26.46 -5.00
N CYS C 676 -18.28 26.97 -5.37
CA CYS C 676 -17.82 26.79 -6.74
C CYS C 676 -17.67 25.31 -7.08
N THR C 677 -17.31 24.48 -6.11
CA THR C 677 -17.12 23.07 -6.37
C THR C 677 -18.41 22.41 -6.82
N SER C 678 -19.54 22.78 -6.21
CA SER C 678 -20.82 22.18 -6.59
C SER C 678 -21.48 22.89 -7.76
N MET C 679 -21.20 24.17 -7.98
CA MET C 679 -21.88 24.92 -9.02
C MET C 679 -21.11 25.04 -10.33
N GLY C 680 -19.79 24.95 -10.29
CA GLY C 680 -19.01 24.93 -11.52
C GLY C 680 -19.23 26.18 -12.35
N ALA C 681 -19.66 25.98 -13.60
CA ALA C 681 -19.84 27.10 -14.52
C ALA C 681 -20.84 28.13 -13.98
N ASP C 682 -21.86 27.67 -13.25
CA ASP C 682 -22.87 28.58 -12.71
C ASP C 682 -22.33 29.49 -11.62
N PHE C 683 -21.11 29.26 -11.15
CA PHE C 683 -20.53 30.09 -10.10
C PHE C 683 -20.02 31.43 -10.62
N TYR C 684 -19.91 31.60 -11.93
CA TYR C 684 -19.23 32.77 -12.50
C TYR C 684 -19.73 34.09 -11.92
N PRO C 685 -21.03 34.32 -11.72
CA PRO C 685 -21.44 35.63 -11.18
C PRO C 685 -20.85 35.93 -9.81
N GLN C 686 -20.76 34.93 -8.93
CA GLN C 686 -20.14 35.17 -7.63
C GLN C 686 -18.65 35.42 -7.77
N LEU C 687 -17.97 34.65 -8.63
CA LEU C 687 -16.56 34.93 -8.89
C LEU C 687 -16.36 36.37 -9.33
N GLY C 688 -17.25 36.86 -10.20
CA GLY C 688 -17.12 38.22 -10.69
C GLY C 688 -17.32 39.27 -9.61
N HIS C 689 -18.09 38.94 -8.57
CA HIS C 689 -18.29 39.86 -7.47
C HIS C 689 -16.99 40.12 -6.71
N ILE C 690 -16.13 39.11 -6.57
CA ILE C 690 -14.95 39.20 -5.72
C ILE C 690 -13.64 39.24 -6.51
N TYR C 691 -13.68 39.01 -7.82
CA TYR C 691 -12.47 38.63 -8.54
C TYR C 691 -11.38 39.68 -8.42
N TYR C 692 -11.68 40.93 -8.78
CA TYR C 692 -10.64 41.94 -8.85
C TYR C 692 -10.07 42.25 -7.47
N ASN C 693 -10.94 42.42 -6.47
CA ASN C 693 -10.44 42.64 -5.12
C ASN C 693 -9.71 41.41 -4.59
N MET C 694 -10.07 40.22 -5.05
CA MET C 694 -9.39 39.02 -4.59
C MET C 694 -7.95 38.98 -5.08
N LEU C 695 -7.72 39.31 -6.35
CA LEU C 695 -6.36 39.34 -6.87
C LEU C 695 -5.54 40.47 -6.28
N GLN C 696 -6.17 41.61 -5.99
CA GLN C 696 -5.47 42.66 -5.24
C GLN C 696 -5.06 42.16 -3.87
N LEU C 697 -5.91 41.36 -3.23
CA LEU C 697 -5.57 40.77 -1.94
C LEU C 697 -4.42 39.78 -2.09
N TYR C 698 -4.43 38.98 -3.16
CA TYR C 698 -3.31 38.09 -3.45
C TYR C 698 -1.99 38.85 -3.47
N ARG C 699 -1.98 40.01 -4.13
CA ARG C 699 -0.77 40.82 -4.20
C ARG C 699 -0.38 41.36 -2.83
N ALA C 700 -1.36 41.88 -2.08
CA ALA C 700 -1.05 42.46 -0.78
C ALA C 700 -0.51 41.40 0.17
N VAL C 701 -1.11 40.21 0.16
CA VAL C 701 -0.62 39.11 0.99
C VAL C 701 0.76 38.68 0.52
N SER C 702 0.99 38.68 -0.79
CA SER C 702 2.29 38.32 -1.33
C SER C 702 3.37 39.27 -0.81
N SER C 703 3.09 40.58 -0.81
CA SER C 703 4.07 41.54 -0.31
C SER C 703 4.39 41.28 1.16
N MET C 704 3.38 40.93 1.95
CA MET C 704 3.62 40.67 3.36
C MET C 704 4.49 39.43 3.57
N ILE C 705 4.26 38.37 2.80
CA ILE C 705 5.08 37.18 2.91
C ILE C 705 6.53 37.52 2.60
N SER C 706 6.76 38.19 1.47
CA SER C 706 8.13 38.56 1.10
C SER C 706 8.77 39.43 2.18
N ALA C 707 8.02 40.42 2.68
CA ALA C 707 8.57 41.31 3.71
C ALA C 707 8.95 40.54 4.97
N GLN C 708 8.17 39.51 5.32
CA GLN C 708 8.47 38.76 6.53
C GLN C 708 9.70 37.88 6.33
N VAL C 709 9.82 37.25 5.16
CA VAL C 709 11.01 36.44 4.88
C VAL C 709 12.25 37.32 4.89
N ALA C 710 12.15 38.53 4.34
CA ALA C 710 13.29 39.44 4.33
C ALA C 710 13.71 39.82 5.75
N ALA C 711 12.75 40.01 6.64
CA ALA C 711 13.04 40.50 7.97
C ALA C 711 13.38 39.39 8.96
N GLU C 712 12.87 38.17 8.74
CA GLU C 712 13.08 37.07 9.68
C GLU C 712 13.90 35.92 9.12
N GLY C 713 14.15 35.89 7.81
CA GLY C 713 14.83 34.77 7.20
C GLY C 713 13.86 33.71 6.72
N LEU C 714 14.44 32.66 6.11
CA LEU C 714 13.62 31.57 5.58
C LEU C 714 12.72 30.95 6.65
N ILE C 715 13.17 30.95 7.91
CA ILE C 715 12.37 30.34 8.98
C ILE C 715 10.97 30.94 9.05
N ALA C 716 10.80 32.18 8.55
CA ALA C 716 9.48 32.80 8.52
C ALA C 716 8.44 31.92 7.85
N THR C 717 8.84 31.14 6.84
CA THR C 717 7.87 30.31 6.13
C THR C 717 7.28 29.23 7.01
N LYS C 718 7.90 28.93 8.15
CA LYS C 718 7.36 27.97 9.11
C LYS C 718 6.39 28.59 10.09
N THR C 719 6.38 29.91 10.22
CA THR C 719 5.62 30.56 11.27
C THR C 719 4.12 30.47 11.00
N PRO C 720 3.30 30.40 12.04
CA PRO C 720 1.84 30.44 11.82
C PRO C 720 1.38 31.63 10.99
N LYS C 721 1.98 32.80 11.20
CA LYS C 721 1.57 33.99 10.47
C LYS C 721 1.75 33.81 8.96
N VAL C 722 2.95 33.39 8.53
CA VAL C 722 3.21 33.26 7.11
C VAL C 722 2.44 32.08 6.52
N ARG C 723 2.37 30.97 7.24
CA ARG C 723 1.54 29.86 6.78
C ARG C 723 0.09 30.30 6.59
N GLY C 724 -0.42 31.14 7.51
CA GLY C 724 -1.76 31.67 7.34
C GLY C 724 -1.90 32.56 6.13
N LEU C 725 -0.88 33.39 5.86
CA LEU C 725 -0.90 34.22 4.66
C LEU C 725 -0.85 33.38 3.40
N ARG C 726 0.02 32.36 3.39
CA ARG C 726 0.12 31.50 2.20
C ARG C 726 -1.15 30.69 2.00
N THR C 727 -1.89 30.40 3.07
CA THR C 727 -3.17 29.71 2.91
C THR C 727 -4.14 30.58 2.10
N ILE C 728 -4.13 31.89 2.34
CA ILE C 728 -4.95 32.79 1.52
C ILE C 728 -4.59 32.63 0.05
N LYS C 729 -3.28 32.67 -0.25
CA LYS C 729 -2.85 32.56 -1.64
C LYS C 729 -3.26 31.23 -2.25
N LYS C 730 -3.07 30.14 -1.51
CA LYS C 730 -3.39 28.81 -2.04
C LYS C 730 -4.89 28.65 -2.29
N GLU C 731 -5.72 29.17 -1.38
CA GLU C 731 -7.16 29.07 -1.56
C GLU C 731 -7.65 29.94 -2.71
N ILE C 732 -7.02 31.10 -2.93
CA ILE C 732 -7.36 31.90 -4.11
C ILE C 732 -7.05 31.13 -5.38
N LEU C 733 -5.84 30.56 -5.46
CA LEU C 733 -5.48 29.74 -6.62
C LEU C 733 -6.44 28.58 -6.79
N LYS C 734 -6.83 27.93 -5.69
CA LYS C 734 -7.74 26.80 -5.79
C LYS C 734 -9.10 27.23 -6.33
N LEU C 735 -9.59 28.38 -5.87
CA LEU C 735 -10.87 28.89 -6.35
C LEU C 735 -10.83 29.13 -7.85
N VAL C 736 -9.79 29.79 -8.34
CA VAL C 736 -9.68 30.08 -9.77
C VAL C 736 -9.54 28.79 -10.55
N GLU C 737 -8.66 27.90 -10.09
CA GLU C 737 -8.49 26.60 -10.74
C GLU C 737 -9.81 25.84 -10.79
N THR C 738 -10.56 25.85 -9.69
CA THR C 738 -11.82 25.10 -9.65
C THR C 738 -12.81 25.65 -10.66
N TYR C 739 -12.95 26.97 -10.73
CA TYR C 739 -13.89 27.54 -11.68
C TYR C 739 -13.45 27.24 -13.12
N ILE C 740 -12.18 27.50 -13.44
CA ILE C 740 -11.74 27.38 -14.82
C ILE C 740 -11.83 25.93 -15.29
N SER C 741 -11.58 24.97 -14.41
CA SER C 741 -11.67 23.57 -14.80
C SER C 741 -13.09 23.20 -15.22
N LYS C 742 -14.09 23.97 -14.78
CA LYS C 742 -15.49 23.67 -15.03
C LYS C 742 -16.19 24.70 -15.91
N ALA C 743 -15.51 25.78 -16.28
CA ALA C 743 -16.16 26.84 -17.05
C ALA C 743 -16.64 26.32 -18.40
N ARG C 744 -17.80 26.81 -18.83
CA ARG C 744 -18.32 26.54 -20.16
C ARG C 744 -18.13 27.71 -21.11
N ASN C 745 -18.06 28.94 -20.59
CA ASN C 745 -17.83 30.13 -21.40
C ASN C 745 -16.33 30.44 -21.36
N LEU C 746 -15.61 29.91 -22.35
CA LEU C 746 -14.17 30.07 -22.38
C LEU C 746 -13.74 31.42 -22.92
N ASP C 747 -14.59 32.11 -23.70
CA ASP C 747 -14.29 33.47 -24.10
C ASP C 747 -14.13 34.37 -22.89
N ASP C 748 -15.00 34.22 -21.88
CA ASP C 748 -14.90 35.03 -20.68
C ASP C 748 -13.65 34.66 -19.88
N VAL C 749 -13.32 33.37 -19.80
CA VAL C 749 -12.09 32.97 -19.12
C VAL C 749 -10.90 33.72 -19.72
N VAL C 750 -10.78 33.68 -21.05
CA VAL C 750 -9.64 34.29 -21.72
C VAL C 750 -9.67 35.80 -21.55
N LYS C 751 -10.82 36.41 -21.79
CA LYS C 751 -10.88 37.87 -21.91
C LYS C 751 -11.04 38.59 -20.58
N VAL C 752 -11.57 37.92 -19.55
CA VAL C 752 -11.83 38.55 -18.27
C VAL C 752 -10.87 38.05 -17.19
N LEU C 753 -10.66 36.73 -17.12
CA LEU C 753 -9.97 36.15 -15.97
C LEU C 753 -8.46 36.01 -16.16
N VAL C 754 -8.01 35.63 -17.35
CA VAL C 754 -6.64 35.12 -17.48
C VAL C 754 -5.62 36.23 -17.26
N GLU C 755 -5.76 37.34 -17.97
CA GLU C 755 -4.72 38.37 -17.90
C GLU C 755 -4.54 38.91 -16.48
N PRO C 756 -5.59 39.29 -15.76
CA PRO C 756 -5.38 39.66 -14.34
C PRO C 756 -4.74 38.55 -13.54
N LEU C 757 -5.11 37.30 -13.81
CA LEU C 757 -4.55 36.19 -13.06
C LEU C 757 -3.04 36.10 -13.26
N LEU C 758 -2.60 36.07 -14.52
CA LEU C 758 -1.17 35.95 -14.80
C LEU C 758 -0.40 37.14 -14.24
N ASN C 759 -0.95 38.35 -14.36
CA ASN C 759 -0.27 39.51 -13.81
C ASN C 759 -0.10 39.41 -12.31
N ALA C 760 -1.04 38.75 -11.63
CA ALA C 760 -1.01 38.69 -10.17
C ALA C 760 -0.10 37.59 -9.64
N VAL C 761 0.12 36.51 -10.40
CA VAL C 761 0.74 35.31 -9.84
C VAL C 761 2.13 35.03 -10.40
N LEU C 762 2.41 35.34 -11.67
CA LEU C 762 3.61 34.80 -12.31
C LEU C 762 4.87 35.50 -11.81
N GLU C 763 4.89 36.83 -11.83
CA GLU C 763 6.10 37.54 -11.39
C GLU C 763 6.35 37.31 -9.91
N ASP C 764 5.28 37.27 -9.11
CA ASP C 764 5.43 36.94 -7.69
C ASP C 764 6.10 35.58 -7.51
N TYR C 765 5.72 34.60 -8.33
CA TYR C 765 6.35 33.28 -8.23
C TYR C 765 7.82 33.35 -8.65
N MET C 766 8.09 33.96 -9.79
CA MET C 766 9.45 34.01 -10.32
C MET C 766 10.41 34.72 -9.36
N ASN C 767 9.94 35.75 -8.67
CA ASN C 767 10.83 36.65 -7.95
C ASN C 767 10.82 36.41 -6.44
N ASN C 768 10.11 35.40 -5.97
CA ASN C 768 10.26 34.93 -4.60
C ASN C 768 11.41 33.94 -4.52
N VAL C 769 12.02 33.85 -3.34
CA VAL C 769 13.05 32.83 -3.12
C VAL C 769 12.38 31.46 -3.23
N PRO C 770 13.13 30.41 -3.55
CA PRO C 770 12.50 29.09 -3.75
C PRO C 770 11.57 28.66 -2.61
N ASP C 771 11.95 28.87 -1.35
CA ASP C 771 11.14 28.39 -0.24
C ASP C 771 9.82 29.13 -0.08
N ALA C 772 9.62 30.25 -0.76
CA ALA C 772 8.37 31.00 -0.69
C ALA C 772 7.49 30.81 -1.91
N ARG C 773 7.89 29.97 -2.87
CA ARG C 773 7.11 29.77 -4.07
C ARG C 773 6.06 28.69 -3.82
N ASP C 774 4.82 28.97 -4.24
CA ASP C 774 3.72 28.04 -4.03
C ASP C 774 3.60 27.12 -5.24
N ALA C 775 3.75 25.81 -5.01
CA ALA C 775 3.55 24.84 -6.06
C ALA C 775 2.14 24.94 -6.65
N GLU C 776 1.18 25.41 -5.85
CA GLU C 776 -0.19 25.59 -6.33
C GLU C 776 -0.27 26.56 -7.51
N VAL C 777 0.71 27.45 -7.68
CA VAL C 777 0.75 28.29 -8.88
C VAL C 777 0.87 27.42 -10.12
N LEU C 778 1.79 26.46 -10.09
CA LEU C 778 1.98 25.55 -11.22
C LEU C 778 0.70 24.77 -11.49
N ASN C 779 0.06 24.27 -10.43
CA ASN C 779 -1.18 23.52 -10.59
C ASN C 779 -2.26 24.37 -11.24
N CYS C 780 -2.39 25.63 -10.81
CA CYS C 780 -3.39 26.50 -11.41
C CYS C 780 -3.09 26.74 -12.88
N MET C 781 -1.81 26.97 -13.21
CA MET C 781 -1.45 27.22 -14.61
C MET C 781 -1.69 25.99 -15.48
N THR C 782 -1.54 24.79 -14.91
CA THR C 782 -1.83 23.59 -15.68
C THR C 782 -3.28 23.57 -16.13
N THR C 783 -4.21 23.91 -15.24
CA THR C 783 -5.61 23.97 -15.61
C THR C 783 -5.87 25.07 -16.63
N VAL C 784 -5.25 26.24 -16.46
CA VAL C 784 -5.44 27.30 -17.44
C VAL C 784 -5.04 26.83 -18.82
N VAL C 785 -3.85 26.24 -18.94
CA VAL C 785 -3.37 25.78 -20.23
C VAL C 785 -4.28 24.69 -20.78
N GLU C 786 -4.63 23.73 -19.92
CA GLU C 786 -5.50 22.63 -20.35
C GLU C 786 -6.77 23.15 -21.00
N LYS C 787 -7.39 24.17 -20.40
CA LYS C 787 -8.73 24.57 -20.80
C LYS C 787 -8.73 25.63 -21.91
N VAL C 788 -7.84 26.62 -21.84
CA VAL C 788 -7.86 27.72 -22.80
C VAL C 788 -6.48 27.92 -23.42
N GLY C 789 -5.56 26.98 -23.19
CA GLY C 789 -4.23 27.12 -23.73
C GLY C 789 -4.21 27.40 -25.22
N HIS C 790 -5.07 26.70 -25.98
CA HIS C 790 -5.12 26.92 -27.43
C HIS C 790 -5.49 28.34 -27.80
N MET C 791 -6.04 29.12 -26.86
CA MET C 791 -6.51 30.47 -27.15
C MET C 791 -5.58 31.58 -26.65
N ILE C 792 -4.54 31.24 -25.89
CA ILE C 792 -3.65 32.26 -25.30
C ILE C 792 -2.20 31.92 -25.59
N PRO C 793 -1.80 31.81 -26.86
CA PRO C 793 -0.39 31.46 -27.15
C PRO C 793 0.61 32.35 -26.44
N GLN C 794 0.34 33.66 -26.34
CA GLN C 794 1.28 34.54 -25.66
C GLN C 794 1.24 34.35 -24.15
N GLY C 795 0.07 34.06 -23.60
CA GLY C 795 -0.01 33.77 -22.18
C GLY C 795 0.78 32.53 -21.79
N VAL C 796 0.77 31.51 -22.64
CA VAL C 796 1.55 30.30 -22.35
C VAL C 796 3.03 30.61 -22.35
N ILE C 797 3.50 31.39 -23.33
CA ILE C 797 4.90 31.82 -23.35
C ILE C 797 5.25 32.51 -22.05
N LEU C 798 4.37 33.40 -21.57
CA LEU C 798 4.64 34.11 -20.33
C LEU C 798 4.69 33.17 -19.13
N ILE C 799 3.84 32.15 -19.12
CA ILE C 799 3.90 31.14 -18.06
C ILE C 799 5.27 30.47 -18.05
N LEU C 800 5.72 30.01 -19.22
CA LEU C 800 7.03 29.36 -19.30
C LEU C 800 8.14 30.29 -18.84
N GLN C 801 8.17 31.51 -19.39
CA GLN C 801 9.21 32.45 -19.01
C GLN C 801 9.27 32.64 -17.50
N SER C 802 8.12 32.62 -16.83
CA SER C 802 8.08 32.96 -15.42
C SER C 802 8.34 31.77 -14.48
N VAL C 803 8.07 30.54 -14.92
CA VAL C 803 8.17 29.39 -14.03
C VAL C 803 9.16 28.32 -14.50
N PHE C 804 9.55 28.30 -15.77
CA PHE C 804 10.27 27.12 -16.28
C PHE C 804 11.68 27.04 -15.69
N GLU C 805 12.52 28.04 -15.97
CA GLU C 805 13.92 27.94 -15.56
C GLU C 805 14.07 27.98 -14.03
N CYS C 806 13.30 28.82 -13.35
CA CYS C 806 13.49 28.91 -11.90
C CYS C 806 12.97 27.67 -11.19
N THR C 807 11.90 27.04 -11.70
CA THR C 807 11.46 25.80 -11.08
C THR C 807 12.43 24.67 -11.40
N LEU C 808 12.91 24.58 -12.64
CA LEU C 808 13.88 23.54 -12.98
C LEU C 808 15.10 23.60 -12.07
N ASP C 809 15.59 24.81 -11.76
CA ASP C 809 16.74 24.94 -10.89
C ASP C 809 16.45 24.50 -9.46
N MET C 810 15.19 24.53 -9.03
CA MET C 810 14.84 24.04 -7.71
C MET C 810 14.95 22.52 -7.62
N ILE C 811 14.69 21.81 -8.73
CA ILE C 811 14.45 20.36 -8.67
C ILE C 811 15.52 19.55 -9.39
N ASN C 812 16.58 20.18 -9.90
CA ASN C 812 17.54 19.47 -10.72
C ASN C 812 18.88 19.24 -10.00
N LYS C 813 18.91 19.36 -8.68
CA LYS C 813 20.10 19.04 -7.90
C LYS C 813 19.99 17.72 -7.17
N ASP C 814 18.77 17.26 -6.89
CA ASP C 814 18.54 15.94 -6.34
C ASP C 814 17.13 15.52 -6.74
N PHE C 815 16.72 14.34 -6.28
CA PHE C 815 15.41 13.80 -6.62
C PHE C 815 14.37 13.99 -5.52
N THR C 816 14.72 14.63 -4.41
CA THR C 816 13.84 14.68 -3.24
C THR C 816 13.36 16.09 -2.89
N GLU C 817 14.16 17.13 -3.09
CA GLU C 817 13.77 18.45 -2.64
C GLU C 817 12.58 18.96 -3.44
N TYR C 818 11.74 19.74 -2.77
CA TYR C 818 10.57 20.37 -3.37
C TYR C 818 9.69 19.34 -4.10
N PRO C 819 9.18 18.35 -3.38
CA PRO C 819 8.46 17.25 -4.05
C PRO C 819 7.20 17.68 -4.76
N GLU C 820 6.47 18.67 -4.25
CA GLU C 820 5.24 19.10 -4.90
C GLU C 820 5.52 19.92 -6.16
N HIS C 821 6.54 20.80 -6.11
CA HIS C 821 6.91 21.54 -7.31
C HIS C 821 7.35 20.61 -8.42
N ARG C 822 8.07 19.56 -8.04
CA ARG C 822 8.56 18.57 -8.99
C ARG C 822 7.41 17.93 -9.76
N VAL C 823 6.38 17.48 -9.05
CA VAL C 823 5.24 16.82 -9.67
C VAL C 823 4.46 17.81 -10.53
N GLU C 824 4.10 18.96 -9.97
CA GLU C 824 3.32 19.94 -10.72
C GLU C 824 4.10 20.48 -11.90
N PHE C 825 5.43 20.56 -11.79
CA PHE C 825 6.26 21.07 -12.86
C PHE C 825 6.10 20.25 -14.14
N TYR C 826 6.17 18.93 -14.01
CA TYR C 826 6.08 18.09 -15.20
C TYR C 826 4.64 17.93 -15.69
N LYS C 827 3.64 18.06 -14.80
CA LYS C 827 2.27 18.15 -15.27
C LYS C 827 2.09 19.35 -16.17
N LEU C 828 2.71 20.48 -15.82
CA LEU C 828 2.56 21.69 -16.60
C LEU C 828 3.24 21.58 -17.95
N LEU C 829 4.50 21.11 -17.97
CA LEU C 829 5.20 20.90 -19.23
C LEU C 829 4.44 19.94 -20.12
N LYS C 830 3.86 18.90 -19.52
CA LYS C 830 3.09 17.92 -20.28
C LYS C 830 1.94 18.59 -21.01
N VAL C 831 1.15 19.40 -20.30
CA VAL C 831 -0.02 20.00 -20.95
C VAL C 831 0.40 21.08 -21.93
N ILE C 832 1.44 21.87 -21.61
CA ILE C 832 1.95 22.84 -22.57
C ILE C 832 2.40 22.15 -23.85
N ASN C 833 3.13 21.05 -23.70
CA ASN C 833 3.58 20.28 -24.87
C ASN C 833 2.40 19.73 -25.66
N GLU C 834 1.31 19.39 -24.97
CA GLU C 834 0.12 18.86 -25.64
C GLU C 834 -0.67 19.96 -26.35
N LYS C 835 -0.92 21.07 -25.66
CA LYS C 835 -1.91 22.05 -26.11
C LYS C 835 -1.31 23.28 -26.78
N SER C 836 -0.05 23.60 -26.49
N SER C 836 -0.07 23.66 -26.45
CA SER C 836 0.57 24.83 -26.95
CA SER C 836 0.54 24.85 -27.05
C SER C 836 2.04 24.58 -27.29
C SER C 836 2.02 24.58 -27.30
N PHE C 837 2.29 23.55 -28.12
CA PHE C 837 3.67 23.20 -28.45
C PHE C 837 4.43 24.37 -29.05
N ALA C 838 3.72 25.30 -29.69
CA ALA C 838 4.39 26.46 -30.27
C ALA C 838 5.18 27.23 -29.22
N ALA C 839 4.77 27.15 -27.95
CA ALA C 839 5.48 27.86 -26.90
C ALA C 839 6.91 27.35 -26.73
N PHE C 840 7.13 26.06 -26.98
CA PHE C 840 8.49 25.52 -26.94
C PHE C 840 9.25 25.87 -28.21
N LEU C 841 8.55 26.03 -29.34
CA LEU C 841 9.22 26.48 -30.56
C LEU C 841 9.77 27.88 -30.40
N GLU C 842 9.15 28.72 -29.59
CA GLU C 842 9.62 30.08 -29.40
C GLU C 842 10.81 30.17 -28.44
N LEU C 843 11.05 29.13 -27.66
CA LEU C 843 12.14 29.17 -26.68
C LEU C 843 13.47 29.46 -27.39
N PRO C 844 14.38 30.20 -26.76
CA PRO C 844 15.72 30.29 -27.29
C PRO C 844 16.38 28.92 -27.27
N PRO C 845 17.35 28.68 -28.16
CA PRO C 845 17.98 27.35 -28.20
C PRO C 845 18.50 26.87 -26.85
N ALA C 846 19.12 27.75 -26.06
CA ALA C 846 19.64 27.33 -24.76
C ALA C 846 18.51 26.85 -23.85
N ALA C 847 17.35 27.51 -23.92
CA ALA C 847 16.22 27.10 -23.08
C ALA C 847 15.56 25.84 -23.61
N PHE C 848 15.50 25.65 -24.93
CA PHE C 848 15.00 24.38 -25.45
C PHE C 848 15.90 23.23 -25.01
N LYS C 849 17.21 23.48 -24.92
CA LYS C 849 18.12 22.46 -24.42
C LYS C 849 17.79 22.11 -22.97
N LEU C 850 17.47 23.11 -22.15
CA LEU C 850 17.04 22.84 -20.78
C LEU C 850 15.76 22.03 -20.77
N PHE C 851 14.85 22.29 -21.71
CA PHE C 851 13.64 21.50 -21.83
C PHE C 851 13.97 20.02 -22.02
N VAL C 852 14.86 19.72 -22.98
CA VAL C 852 15.27 18.34 -23.21
C VAL C 852 15.93 17.77 -21.96
N ASP C 853 16.85 18.54 -21.36
CA ASP C 853 17.49 18.10 -20.12
C ASP C 853 16.45 17.76 -19.06
N ALA C 854 15.42 18.60 -18.93
CA ALA C 854 14.39 18.38 -17.91
C ALA C 854 13.64 17.09 -18.15
N ILE C 855 13.34 16.78 -19.43
CA ILE C 855 12.61 15.56 -19.76
C ILE C 855 13.42 14.33 -19.34
N CYS C 856 14.69 14.29 -19.76
CA CYS C 856 15.55 13.16 -19.41
C CYS C 856 15.72 13.06 -17.90
N TRP C 857 15.85 14.21 -17.24
CA TRP C 857 15.87 14.22 -15.77
C TRP C 857 14.66 13.51 -15.20
N ALA C 858 13.48 13.74 -15.78
CA ALA C 858 12.29 13.05 -15.32
C ALA C 858 12.39 11.53 -15.51
N PHE C 859 13.03 11.09 -16.60
CA PHE C 859 13.25 9.65 -16.82
C PHE C 859 13.87 9.00 -15.61
N LYS C 860 14.87 9.65 -15.03
CA LYS C 860 15.70 9.03 -14.00
C LYS C 860 15.04 9.03 -12.63
N HIS C 861 13.88 9.66 -12.47
CA HIS C 861 13.17 9.62 -11.21
C HIS C 861 12.65 8.21 -10.95
N ASN C 862 12.82 7.74 -9.71
CA ASN C 862 12.07 6.59 -9.24
C ASN C 862 10.64 6.97 -8.87
N ASN C 863 10.39 8.25 -8.61
CA ASN C 863 9.06 8.75 -8.32
C ASN C 863 8.14 8.51 -9.52
N ARG C 864 7.14 7.64 -9.32
CA ARG C 864 6.18 7.36 -10.38
C ARG C 864 5.49 8.62 -10.87
N ASP C 865 5.15 9.53 -9.95
CA ASP C 865 4.42 10.74 -10.30
C ASP C 865 5.24 11.67 -11.21
N VAL C 866 6.52 11.40 -11.41
CA VAL C 866 7.37 12.19 -12.29
C VAL C 866 7.80 11.38 -13.50
N GLU C 867 8.26 10.15 -13.28
CA GLU C 867 8.80 9.31 -14.37
C GLU C 867 7.77 9.13 -15.48
N VAL C 868 6.51 8.91 -15.12
CA VAL C 868 5.48 8.64 -16.13
C VAL C 868 5.25 9.86 -17.00
N ASN C 869 5.17 11.05 -16.39
CA ASN C 869 5.00 12.26 -17.18
C ASN C 869 6.21 12.54 -18.04
N GLY C 870 7.41 12.27 -17.54
CA GLY C 870 8.61 12.49 -18.32
C GLY C 870 8.65 11.62 -19.57
N LEU C 871 8.31 10.35 -19.42
CA LEU C 871 8.27 9.46 -20.58
C LEU C 871 7.17 9.86 -21.56
N GLN C 872 6.05 10.37 -21.05
CA GLN C 872 4.96 10.80 -21.92
C GLN C 872 5.31 12.11 -22.64
N ILE C 873 5.97 13.03 -21.94
CA ILE C 873 6.40 14.26 -22.59
C ILE C 873 7.35 13.94 -23.74
N ALA C 874 8.31 13.05 -23.49
CA ALA C 874 9.26 12.67 -24.54
C ALA C 874 8.55 12.10 -25.75
N LEU C 875 7.60 11.20 -25.53
CA LEU C 875 6.85 10.59 -26.63
C LEU C 875 6.04 11.64 -27.38
N ASP C 876 5.27 12.45 -26.65
CA ASP C 876 4.50 13.53 -27.28
C ASP C 876 5.42 14.50 -28.02
N LEU C 877 6.60 14.77 -27.46
CA LEU C 877 7.54 15.68 -28.12
C LEU C 877 8.00 15.12 -29.45
N VAL C 878 8.39 13.84 -29.47
CA VAL C 878 8.81 13.20 -30.71
C VAL C 878 7.70 13.31 -31.75
N LYS C 879 6.45 13.08 -31.35
CA LYS C 879 5.34 13.19 -32.28
C LYS C 879 5.13 14.64 -32.73
N ASN C 880 5.24 15.60 -31.80
CA ASN C 880 5.16 17.00 -32.19
C ASN C 880 6.21 17.34 -33.26
N ILE C 881 7.44 16.88 -33.06
CA ILE C 881 8.49 17.13 -34.05
C ILE C 881 8.15 16.46 -35.37
N GLU C 882 7.65 15.22 -35.31
CA GLU C 882 7.31 14.50 -36.53
C GLU C 882 6.24 15.22 -37.33
N ARG C 883 5.28 15.85 -36.65
CA ARG C 883 4.20 16.53 -37.35
C ARG C 883 4.70 17.70 -38.18
N MET C 884 5.82 18.31 -37.77
CA MET C 884 6.32 19.48 -38.48
C MET C 884 6.84 19.14 -39.88
N GLY C 885 7.05 17.85 -40.17
CA GLY C 885 7.55 17.45 -41.47
C GLY C 885 9.01 17.77 -41.64
N ASN C 886 9.41 17.93 -42.90
CA ASN C 886 10.80 18.21 -43.26
C ASN C 886 11.01 19.72 -43.24
N VAL C 887 11.22 20.24 -42.04
CA VAL C 887 11.49 21.67 -41.87
C VAL C 887 12.73 21.83 -41.00
N PRO C 888 13.36 23.01 -41.04
CA PRO C 888 14.64 23.16 -40.34
C PRO C 888 14.60 22.85 -38.86
N PHE C 889 13.52 23.23 -38.15
CA PHE C 889 13.48 22.99 -36.71
C PHE C 889 13.49 21.50 -36.39
N ALA C 890 12.72 20.71 -37.15
CA ALA C 890 12.70 19.27 -36.93
C ALA C 890 14.04 18.64 -37.30
N ASN C 891 14.66 19.10 -38.40
CA ASN C 891 15.96 18.57 -38.79
C ASN C 891 17.02 18.87 -37.73
N GLU C 892 17.03 20.08 -37.19
CA GLU C 892 17.97 20.41 -36.13
C GLU C 892 17.66 19.63 -34.86
N PHE C 893 16.38 19.39 -34.57
CA PHE C 893 16.00 18.65 -33.38
C PHE C 893 16.61 17.25 -33.41
N HIS C 894 16.49 16.55 -34.54
CA HIS C 894 17.02 15.20 -34.65
C HIS C 894 18.54 15.19 -34.60
N LYS C 895 19.17 16.13 -35.32
CA LYS C 895 20.63 16.23 -35.28
C LYS C 895 21.12 16.46 -33.86
N ASN C 896 20.38 17.26 -33.08
CA ASN C 896 20.84 17.63 -31.75
C ASN C 896 20.44 16.63 -30.67
N TYR C 897 19.27 16.01 -30.80
CA TYR C 897 18.66 15.34 -29.65
C TYR C 897 18.18 13.92 -29.89
N PHE C 898 18.18 13.41 -31.13
CA PHE C 898 17.68 12.06 -31.37
C PHE C 898 18.47 11.04 -30.55
N PHE C 899 19.80 11.01 -30.73
CA PHE C 899 20.61 10.03 -30.03
C PHE C 899 20.66 10.28 -28.52
N ILE C 900 20.45 11.53 -28.09
CA ILE C 900 20.32 11.78 -26.66
C ILE C 900 19.11 11.03 -26.09
N PHE C 901 17.97 11.14 -26.77
CA PHE C 901 16.78 10.43 -26.29
C PHE C 901 16.94 8.92 -26.44
N VAL C 902 17.63 8.45 -27.47
CA VAL C 902 17.84 7.01 -27.63
C VAL C 902 18.71 6.49 -26.48
N SER C 903 19.81 7.17 -26.19
N SER C 903 19.83 7.16 -26.22
CA SER C 903 20.74 6.68 -25.18
CA SER C 903 20.76 6.71 -25.18
C SER C 903 20.19 6.85 -23.78
C SER C 903 20.12 6.82 -23.80
N GLU C 904 19.48 7.95 -23.51
CA GLU C 904 18.87 8.13 -22.19
C GLU C 904 17.78 7.11 -21.94
N THR C 905 16.95 6.81 -22.95
CA THR C 905 15.95 5.78 -22.77
C THR C 905 16.61 4.42 -22.53
N PHE C 906 17.65 4.09 -23.29
CA PHE C 906 18.36 2.84 -23.09
C PHE C 906 18.95 2.76 -21.69
N PHE C 907 19.41 3.88 -21.15
CA PHE C 907 20.03 3.86 -19.83
C PHE C 907 19.04 3.44 -18.75
N VAL C 908 17.86 4.07 -18.74
CA VAL C 908 16.89 3.73 -17.70
C VAL C 908 16.29 2.34 -17.95
N LEU C 909 16.21 1.92 -19.21
CA LEU C 909 15.74 0.56 -19.50
C LEU C 909 16.65 -0.50 -18.87
N THR C 910 17.96 -0.25 -18.84
CA THR C 910 18.92 -1.30 -18.53
C THR C 910 19.60 -1.16 -17.18
N ASP C 911 19.29 -0.12 -16.39
CA ASP C 911 20.06 0.11 -15.17
C ASP C 911 19.43 -0.54 -13.93
N SER C 912 18.33 -1.28 -14.08
CA SER C 912 17.72 -2.07 -13.02
C SER C 912 17.12 -1.24 -11.90
N ASP C 913 17.05 0.08 -12.05
CA ASP C 913 16.49 0.95 -11.02
C ASP C 913 15.26 1.71 -11.50
N HIS C 914 14.75 1.41 -12.69
CA HIS C 914 13.56 2.07 -13.22
C HIS C 914 12.65 1.05 -13.89
N LYS C 915 12.50 -0.11 -13.25
CA LYS C 915 11.67 -1.17 -13.82
C LYS C 915 10.20 -0.78 -13.89
N SER C 916 9.77 0.18 -13.07
CA SER C 916 8.37 0.58 -13.09
C SER C 916 7.99 1.24 -14.43
N GLY C 917 8.94 1.84 -15.11
CA GLY C 917 8.68 2.53 -16.37
C GLY C 917 8.93 1.71 -17.62
N PHE C 918 9.14 0.39 -17.48
CA PHE C 918 9.60 -0.42 -18.60
C PHE C 918 8.70 -0.28 -19.82
N SER C 919 7.38 -0.38 -19.62
CA SER C 919 6.47 -0.38 -20.76
C SER C 919 6.52 0.93 -21.53
N LYS C 920 6.61 2.06 -20.84
CA LYS C 920 6.66 3.34 -21.54
C LYS C 920 8.04 3.64 -22.09
N GLN C 921 9.10 3.16 -21.42
CA GLN C 921 10.42 3.22 -22.00
C GLN C 921 10.47 2.47 -23.32
N ALA C 922 9.89 1.26 -23.34
CA ALA C 922 9.88 0.45 -24.55
C ALA C 922 9.11 1.14 -25.66
N LEU C 923 7.98 1.75 -25.32
CA LEU C 923 7.20 2.48 -26.31
C LEU C 923 8.01 3.62 -26.90
N LEU C 924 8.71 4.39 -26.06
CA LEU C 924 9.50 5.50 -26.54
C LEU C 924 10.63 5.01 -27.44
N LEU C 925 11.34 3.97 -27.01
CA LEU C 925 12.44 3.45 -27.84
C LEU C 925 11.91 2.95 -29.17
N MET C 926 10.78 2.24 -29.16
CA MET C 926 10.23 1.73 -30.41
C MET C 926 9.85 2.88 -31.34
N LYS C 927 9.28 3.96 -30.79
CA LYS C 927 8.96 5.12 -31.61
C LYS C 927 10.23 5.73 -32.20
N LEU C 928 11.28 5.86 -31.39
CA LEU C 928 12.54 6.42 -31.89
C LEU C 928 13.12 5.56 -33.01
N ILE C 929 13.20 4.24 -32.79
CA ILE C 929 13.78 3.35 -33.80
C ILE C 929 12.94 3.36 -35.07
N SER C 930 11.62 3.36 -34.95
CA SER C 930 10.76 3.28 -36.13
C SER C 930 10.83 4.55 -36.97
N LEU C 931 11.21 5.69 -36.39
CA LEU C 931 11.43 6.89 -37.19
C LEU C 931 12.50 6.66 -38.24
N VAL C 932 13.63 6.07 -37.84
CA VAL C 932 14.70 5.79 -38.78
C VAL C 932 14.29 4.65 -39.70
N TYR C 933 13.64 3.62 -39.15
CA TYR C 933 13.20 2.49 -39.95
C TYR C 933 12.18 2.91 -41.01
N ASP C 934 11.41 3.96 -40.73
CA ASP C 934 10.42 4.48 -41.68
C ASP C 934 10.95 5.66 -42.48
N ASN C 935 12.23 6.00 -42.34
CA ASN C 935 12.82 7.14 -43.07
C ASN C 935 11.99 8.40 -42.88
N LYS C 936 11.67 8.70 -41.63
CA LYS C 936 10.97 9.93 -41.28
C LYS C 936 11.91 11.04 -40.83
N ILE C 937 13.21 10.77 -40.78
CA ILE C 937 14.22 11.76 -40.47
C ILE C 937 14.93 12.08 -41.78
N SER C 938 14.70 13.29 -42.30
CA SER C 938 15.10 13.64 -43.65
C SER C 938 16.55 14.07 -43.76
N VAL C 939 17.28 14.20 -42.65
CA VAL C 939 18.67 14.63 -42.67
C VAL C 939 19.56 13.53 -42.10
N PRO C 940 20.84 13.48 -42.48
CA PRO C 940 21.73 12.49 -41.87
C PRO C 940 21.90 12.74 -40.39
N LEU C 941 21.79 11.66 -39.61
CA LEU C 941 22.01 11.75 -38.17
C LEU C 941 23.49 11.77 -37.80
N TYR C 942 24.37 11.53 -38.76
CA TYR C 942 25.81 11.56 -38.55
C TYR C 942 26.40 12.83 -39.15
N GLN C 943 27.65 13.11 -38.78
CA GLN C 943 28.42 14.16 -39.41
C GLN C 943 29.11 13.59 -40.64
N GLU C 944 28.92 14.24 -41.79
CA GLU C 944 29.31 13.67 -43.08
C GLU C 944 30.75 13.15 -43.09
N ALA C 945 31.61 13.67 -42.21
CA ALA C 945 32.97 13.14 -42.10
C ALA C 945 33.02 11.80 -41.40
N GLU C 946 31.90 11.32 -40.86
CA GLU C 946 31.89 10.15 -39.99
C GLU C 946 31.69 8.83 -40.74
N VAL C 947 30.92 8.86 -41.83
CA VAL C 947 30.70 7.68 -42.66
C VAL C 947 30.58 8.11 -44.11
N PRO C 948 30.76 7.17 -45.04
CA PRO C 948 30.64 7.53 -46.46
C PRO C 948 29.33 8.26 -46.73
N GLN C 949 29.41 9.24 -47.64
CA GLN C 949 28.20 9.98 -48.01
C GLN C 949 27.17 9.03 -48.60
N GLY C 950 25.90 9.28 -48.30
CA GLY C 950 24.83 8.43 -48.76
C GLY C 950 24.47 7.31 -47.82
N THR C 951 25.28 7.03 -46.80
CA THR C 951 24.92 6.04 -45.80
C THR C 951 23.55 6.38 -45.20
N SER C 952 22.66 5.40 -45.22
CA SER C 952 21.33 5.60 -44.68
C SER C 952 21.38 5.73 -43.16
N ASN C 953 20.41 6.45 -42.61
CA ASN C 953 20.33 6.56 -41.16
C ASN C 953 20.11 5.20 -40.51
N GLN C 954 19.52 4.25 -41.24
CA GLN C 954 19.36 2.89 -40.72
C GLN C 954 20.71 2.27 -40.39
N VAL C 955 21.64 2.29 -41.36
CA VAL C 955 22.97 1.73 -41.12
C VAL C 955 23.65 2.44 -39.95
N TYR C 956 23.61 3.77 -39.96
CA TYR C 956 24.32 4.51 -38.91
C TYR C 956 23.69 4.24 -37.54
N LEU C 957 22.37 4.15 -37.47
CA LEU C 957 21.73 3.82 -36.20
C LEU C 957 22.23 2.48 -35.68
N SER C 958 22.36 1.48 -36.55
CA SER C 958 22.89 0.19 -36.14
C SER C 958 24.30 0.32 -35.59
N GLN C 959 25.16 1.08 -36.28
CA GLN C 959 26.54 1.26 -35.82
C GLN C 959 26.58 1.98 -34.48
N TYR C 960 25.85 3.10 -34.38
CA TYR C 960 25.85 3.87 -33.14
C TYR C 960 25.41 3.00 -31.98
N LEU C 961 24.31 2.25 -32.15
CA LEU C 961 23.80 1.43 -31.06
C LEU C 961 24.76 0.30 -30.73
N ALA C 962 25.35 -0.34 -31.74
CA ALA C 962 26.31 -1.40 -31.49
C ALA C 962 27.49 -0.88 -30.67
N ASN C 963 27.99 0.30 -31.03
CA ASN C 963 29.13 0.87 -30.30
C ASN C 963 28.72 1.31 -28.90
N MET C 964 27.52 1.89 -28.76
CA MET C 964 27.02 2.29 -27.45
C MET C 964 26.93 1.08 -26.52
N LEU C 965 26.37 -0.02 -27.00
CA LEU C 965 26.18 -1.19 -26.14
C LEU C 965 27.50 -1.90 -25.87
N SER C 966 28.42 -1.90 -26.83
CA SER C 966 29.72 -2.51 -26.60
C SER C 966 30.47 -1.80 -25.46
N ASN C 967 30.33 -0.48 -25.38
CA ASN C 967 31.04 0.27 -24.34
C ASN C 967 30.32 0.22 -23.00
N ALA C 968 28.98 0.19 -23.02
CA ALA C 968 28.23 0.13 -21.77
C ALA C 968 28.20 -1.28 -21.19
N PHE C 969 28.27 -2.30 -22.03
CA PHE C 969 28.18 -3.70 -21.62
C PHE C 969 29.33 -4.47 -22.26
N PRO C 970 30.56 -4.19 -21.83
CA PRO C 970 31.73 -4.77 -22.52
C PRO C 970 31.81 -6.28 -22.44
N HIS C 971 31.07 -6.91 -21.54
CA HIS C 971 31.13 -8.37 -21.42
C HIS C 971 30.26 -9.07 -22.46
N LEU C 972 29.48 -8.34 -23.25
CA LEU C 972 28.70 -8.94 -24.32
C LEU C 972 29.60 -9.16 -25.54
N THR C 973 29.36 -10.25 -26.26
CA THR C 973 30.07 -10.45 -27.51
C THR C 973 29.47 -9.57 -28.59
N SER C 974 30.28 -9.27 -29.61
CA SER C 974 29.79 -8.49 -30.74
C SER C 974 28.60 -9.16 -31.39
N GLU C 975 28.57 -10.50 -31.38
CA GLU C 975 27.47 -11.24 -31.99
C GLU C 975 26.19 -11.05 -31.20
N GLN C 976 26.27 -11.10 -29.87
CA GLN C 976 25.09 -10.83 -29.05
C GLN C 976 24.50 -9.46 -29.38
N ILE C 977 25.34 -8.44 -29.40
CA ILE C 977 24.88 -7.07 -29.67
C ILE C 977 24.24 -6.99 -31.05
N ALA C 978 24.89 -7.58 -32.05
CA ALA C 978 24.39 -7.51 -33.42
C ALA C 978 23.05 -8.24 -33.55
N SER C 979 22.93 -9.43 -32.95
CA SER C 979 21.69 -10.19 -33.05
C SER C 979 20.56 -9.48 -32.30
N PHE C 980 20.86 -8.96 -31.11
CA PHE C 980 19.87 -8.20 -30.36
C PHE C 980 19.35 -7.02 -31.17
N LEU C 981 20.25 -6.23 -31.75
CA LEU C 981 19.84 -5.06 -32.50
C LEU C 981 19.13 -5.43 -33.80
N SER C 982 19.54 -6.52 -34.44
CA SER C 982 18.83 -6.97 -35.63
C SER C 982 17.39 -7.34 -35.31
N ALA C 983 17.18 -8.09 -34.23
CA ALA C 983 15.83 -8.44 -33.81
C ALA C 983 15.04 -7.21 -33.40
N LEU C 984 15.66 -6.34 -32.59
CA LEU C 984 14.94 -5.19 -32.07
C LEU C 984 14.43 -4.30 -33.20
N THR C 985 15.25 -4.08 -34.22
CA THR C 985 14.90 -3.10 -35.26
C THR C 985 13.81 -3.62 -36.19
N LYS C 986 13.79 -4.92 -36.48
CA LYS C 986 12.72 -5.43 -37.33
C LYS C 986 11.43 -5.67 -36.55
N GLN C 987 11.46 -5.62 -35.23
CA GLN C 987 10.28 -5.76 -34.40
C GLN C 987 9.70 -4.42 -33.96
N CYS C 988 10.19 -3.30 -34.53
CA CYS C 988 9.80 -2.00 -34.02
C CYS C 988 8.37 -1.61 -34.43
N LYS C 989 7.63 -2.48 -35.09
CA LYS C 989 6.21 -2.29 -35.31
C LYS C 989 5.33 -3.15 -34.41
N ASP C 990 5.92 -4.10 -33.69
CA ASP C 990 5.17 -5.05 -32.86
C ASP C 990 5.63 -4.88 -31.41
N LEU C 991 4.87 -4.10 -30.64
CA LEU C 991 5.31 -3.69 -29.32
C LEU C 991 5.51 -4.90 -28.40
N VAL C 992 4.55 -5.83 -28.39
CA VAL C 992 4.64 -6.96 -27.47
C VAL C 992 5.90 -7.76 -27.72
N VAL C 993 6.24 -7.97 -28.99
CA VAL C 993 7.43 -8.73 -29.33
C VAL C 993 8.69 -7.92 -29.04
N PHE C 994 8.69 -6.64 -29.44
CA PHE C 994 9.74 -5.70 -29.09
C PHE C 994 10.09 -5.78 -27.61
N LYS C 995 9.06 -5.75 -26.75
CA LYS C 995 9.29 -5.80 -25.32
C LYS C 995 9.90 -7.14 -24.89
N GLY C 996 9.46 -8.23 -25.52
CA GLY C 996 10.06 -9.52 -25.21
C GLY C 996 11.55 -9.55 -25.50
N THR C 997 11.95 -8.92 -26.60
CA THR C 997 13.37 -8.86 -26.96
C THR C 997 14.16 -8.00 -25.97
N LEU C 998 13.56 -6.91 -25.49
CA LEU C 998 14.22 -6.10 -24.46
C LEU C 998 14.38 -6.89 -23.16
N ARG C 999 13.33 -7.61 -22.75
CA ARG C 999 13.43 -8.45 -21.56
C ARG C 999 14.51 -9.51 -21.71
N ASP C 1000 14.61 -10.11 -22.90
CA ASP C 1000 15.68 -11.06 -23.17
C ASP C 1000 17.05 -10.41 -23.04
N PHE C 1001 17.18 -9.17 -23.52
CA PHE C 1001 18.43 -8.44 -23.39
C PHE C 1001 18.76 -8.17 -21.93
N LEU C 1002 17.74 -7.81 -21.13
CA LEU C 1002 17.98 -7.56 -19.71
C LEU C 1002 18.44 -8.82 -18.99
N VAL C 1003 18.00 -9.99 -19.43
CA VAL C 1003 18.53 -11.23 -18.88
C VAL C 1003 19.99 -11.41 -19.26
N GLN C 1004 20.31 -11.26 -20.56
CA GLN C 1004 21.65 -11.59 -21.02
C GLN C 1004 22.71 -10.67 -20.44
N ILE C 1005 22.41 -9.39 -20.19
CA ILE C 1005 23.42 -8.50 -19.65
C ILE C 1005 23.78 -8.82 -18.21
N LYS C 1006 23.01 -9.66 -17.54
CA LYS C 1006 23.32 -10.05 -16.17
C LYS C 1006 24.26 -11.24 -16.09
N GLU C 1007 24.66 -11.82 -17.23
CA GLU C 1007 25.49 -13.00 -17.23
C GLU C 1007 26.50 -12.91 -18.37
N VAL C 1008 27.39 -13.88 -18.44
CA VAL C 1008 28.38 -13.98 -19.50
C VAL C 1008 27.99 -15.12 -20.42
N GLY C 1009 28.15 -14.91 -21.73
CA GLY C 1009 27.98 -15.98 -22.68
C GLY C 1009 26.57 -16.26 -23.12
N GLY C 1010 25.67 -15.29 -23.00
CA GLY C 1010 24.32 -15.46 -23.52
C GLY C 1010 24.32 -15.86 -24.99
N ASP C 1011 23.35 -16.67 -25.37
CA ASP C 1011 23.30 -17.21 -26.72
C ASP C 1011 22.71 -16.17 -27.67
N PRO C 1012 23.43 -15.75 -28.71
CA PRO C 1012 22.86 -14.73 -29.63
C PRO C 1012 21.64 -15.21 -30.39
N THR C 1013 21.47 -16.51 -30.59
CA THR C 1013 20.30 -17.00 -31.30
C THR C 1013 19.01 -16.87 -30.48
N ASP C 1014 19.12 -16.58 -29.18
CA ASP C 1014 17.91 -16.33 -28.39
C ASP C 1014 17.05 -15.24 -29.00
N TYR C 1015 17.66 -14.27 -29.68
CA TYR C 1015 16.93 -13.15 -30.23
C TYR C 1015 16.16 -13.50 -31.50
N LEU C 1016 16.26 -14.75 -31.97
CA LEU C 1016 15.43 -15.25 -33.05
C LEU C 1016 14.14 -15.88 -32.53
N PHE C 1017 13.91 -15.87 -31.22
CA PHE C 1017 12.75 -16.55 -30.65
C PHE C 1017 11.46 -16.17 -31.38
N ALA C 1018 11.26 -14.88 -31.63
CA ALA C 1018 10.06 -14.44 -32.32
C ALA C 1018 9.95 -15.11 -33.69
N GLU C 1019 10.94 -14.92 -34.55
CA GLU C 1019 10.99 -15.59 -35.84
C GLU C 1019 10.78 -17.10 -35.68
N VAL D 9 -47.32 7.36 8.51
CA VAL D 9 -46.26 8.26 8.06
C VAL D 9 -46.18 9.48 8.97
N GLU D 10 -47.34 10.04 9.33
CA GLU D 10 -47.36 11.25 10.14
C GLU D 10 -47.08 10.98 11.60
N ALA D 11 -47.38 9.76 12.08
CA ALA D 11 -47.08 9.42 13.46
C ALA D 11 -45.58 9.39 13.70
N LEU D 12 -44.78 9.15 12.65
CA LEU D 12 -43.33 9.18 12.77
C LEU D 12 -42.82 10.60 12.96
N LEU D 13 -43.42 11.56 12.25
CA LEU D 13 -42.94 12.94 12.29
C LEU D 13 -42.83 13.43 13.73
N ALA D 14 -43.92 13.29 14.50
CA ALA D 14 -43.90 13.75 15.89
C ALA D 14 -42.79 13.06 16.68
N ARG D 15 -42.67 11.74 16.54
CA ARG D 15 -41.61 11.01 17.21
C ARG D 15 -40.24 11.48 16.74
N LEU D 16 -40.13 11.83 15.45
CA LEU D 16 -38.85 12.29 14.91
C LEU D 16 -38.39 13.57 15.58
N ARG D 17 -39.33 14.49 15.86
CA ARG D 17 -38.95 15.80 16.36
C ARG D 17 -38.49 15.77 17.81
N ALA D 18 -38.96 14.80 18.60
CA ALA D 18 -38.62 14.75 20.01
C ALA D 18 -37.24 14.17 20.28
N LEU D 19 -36.53 13.70 19.25
CA LEU D 19 -35.20 13.16 19.43
C LEU D 19 -34.26 14.17 20.09
#